data_8Y3G
#
_entry.id   8Y3G
#
_cell.length_a   1.00
_cell.length_b   1.00
_cell.length_c   1.00
_cell.angle_alpha   90.00
_cell.angle_beta   90.00
_cell.angle_gamma   90.00
#
_symmetry.space_group_name_H-M   'P 1'
#
loop_
_entity.id
_entity.type
_entity.pdbx_description
1 polymer 'Envelope protein'
2 polymer 'Membrane polyprotein'
3 non-polymer 2-acetamido-2-deoxy-beta-D-glucopyranose
#
loop_
_entity_poly.entity_id
_entity_poly.type
_entity_poly.pdbx_seq_one_letter_code
_entity_poly.pdbx_strand_id
1 'polypeptide(L)'
;MRCIGISNRDFVEGVSGGSWVDIVLEHGSCVTTMAKNKPTLDFELIKTEAKHPATLRKYCIEAKLTNTTTASRCPTQGEP
SLNEEQDKRFVCKHSMVDRGWGNGCGLFGKGGIVTCAMFTCKKNMEGKIVQPENLEYTIVITPHSGEENAVGQDTGKHGK
EIKVTPQSSITEAELTGYGTVTMECSPRTGLDFNEMVLLQMENKAWLVHRQWFLDLPLPWLPGADTQGSNWIQKETLVTF
KNPHAKKQDVVVLGSQEGAMHTALTGATEIQMSSGNLLFTGHLKCRLRMDKLQLKGMSYSMCTGKFKVVKEIAETQHGTI
VIRVQYEGDGSPCKIPFEIMDLEKRHVLGRLITVNPIVTEKDSPVNIEAEPPFGDSYIIIGVEPGQLKLSWFKKGSSIGQ
MFETTMRGAKRMAILGDTAWDFGSLGGVFTSIGKALHQVFGAIYGAAFSGVSWTMKILIGVVITWIGMNSRSTSLSVSLV
LVGVVTLYLGVMVQA
;
A,C,E
2 'polypeptide(L)' SVALVPHVGMGLETRTETWMSSEGAWKHAQRIETWVLRHPGFTIMAAILAYTIGTTYFQRVLIFILLTAVAPSMT B,D,F
#
loop_
_chem_comp.id
_chem_comp.type
_chem_comp.name
_chem_comp.formula
NAG D-saccharide, beta linking 2-acetamido-2-deoxy-beta-D-glucopyranose 'C8 H15 N O6'
#
# COMPACT_ATOMS: atom_id res chain seq x y z
N MET A 1 -30.20 28.22 47.56
CA MET A 1 -30.69 27.11 48.35
C MET A 1 -31.13 25.95 47.47
N ARG A 2 -30.90 26.08 46.17
CA ARG A 2 -31.23 25.02 45.23
C ARG A 2 -30.42 23.76 45.48
N CYS A 3 -29.34 23.87 46.24
CA CYS A 3 -28.35 22.80 46.33
C CYS A 3 -28.56 21.89 47.53
N ILE A 4 -29.59 22.13 48.33
CA ILE A 4 -29.82 21.38 49.56
C ILE A 4 -30.65 20.16 49.22
N GLY A 5 -30.07 18.97 49.44
CA GLY A 5 -30.79 17.73 49.21
C GLY A 5 -30.41 17.00 47.95
N ILE A 6 -29.14 17.12 47.55
CA ILE A 6 -28.67 16.53 46.31
C ILE A 6 -27.78 15.31 46.55
N SER A 7 -27.08 15.23 47.68
CA SER A 7 -26.22 14.10 48.01
C SER A 7 -24.91 14.14 47.24
N ASN A 8 -24.79 15.03 46.26
CA ASN A 8 -23.54 15.32 45.58
C ASN A 8 -23.40 16.84 45.64
N ARG A 9 -22.90 17.31 46.77
CA ARG A 9 -22.83 18.74 47.06
C ARG A 9 -21.47 19.03 47.64
N ASP A 10 -20.80 20.03 47.08
CA ASP A 10 -19.47 20.41 47.52
C ASP A 10 -19.52 21.82 48.08
N PHE A 11 -18.89 22.02 49.23
CA PHE A 11 -18.80 23.32 49.88
C PHE A 11 -17.45 23.92 49.56
N VAL A 12 -17.44 25.02 48.82
CA VAL A 12 -16.22 25.75 48.53
C VAL A 12 -16.21 27.00 49.41
N GLU A 13 -15.18 27.12 50.25
CA GLU A 13 -15.10 28.18 51.24
C GLU A 13 -13.89 29.05 50.94
N GLY A 14 -14.09 30.36 50.95
CA GLY A 14 -13.00 31.30 50.79
C GLY A 14 -12.70 31.64 49.35
N VAL A 15 -11.84 32.64 49.18
CA VAL A 15 -11.35 33.07 47.89
C VAL A 15 -9.90 33.52 48.06
N SER A 16 -9.28 33.85 46.94
CA SER A 16 -7.88 34.28 46.92
C SER A 16 -7.81 35.80 46.88
N GLY A 17 -6.58 36.31 46.91
CA GLY A 17 -6.36 37.72 46.64
C GLY A 17 -6.75 38.02 45.21
N GLY A 18 -7.85 38.74 45.03
CA GLY A 18 -8.46 38.87 43.72
C GLY A 18 -9.92 38.52 43.76
N SER A 19 -10.32 37.76 44.78
CA SER A 19 -11.71 37.41 45.02
C SER A 19 -12.23 36.44 43.95
N TRP A 20 -11.38 35.49 43.58
CA TRP A 20 -11.78 34.46 42.64
C TRP A 20 -11.46 33.10 43.25
N VAL A 21 -12.32 32.12 42.98
CA VAL A 21 -12.13 30.76 43.44
C VAL A 21 -12.39 29.82 42.26
N ASP A 22 -11.53 28.83 42.10
CA ASP A 22 -11.71 27.83 41.07
C ASP A 22 -12.71 26.77 41.53
N ILE A 23 -13.59 26.37 40.62
CA ILE A 23 -14.56 25.31 40.89
C ILE A 23 -14.78 24.53 39.60
N VAL A 24 -15.20 23.28 39.76
CA VAL A 24 -15.61 22.43 38.65
C VAL A 24 -17.07 22.05 38.88
N LEU A 25 -17.91 22.32 37.89
CA LEU A 25 -19.33 22.01 37.97
C LEU A 25 -19.60 20.72 37.23
N GLU A 26 -20.18 19.76 37.94
CA GLU A 26 -20.61 18.49 37.35
C GLU A 26 -22.13 18.45 37.26
N HIS A 27 -22.62 17.73 36.25
CA HIS A 27 -24.06 17.72 36.00
C HIS A 27 -24.83 17.09 37.16
N GLY A 28 -24.34 15.97 37.68
CA GLY A 28 -25.00 15.38 38.82
C GLY A 28 -24.67 16.01 40.15
N SER A 29 -23.61 16.81 40.20
CA SER A 29 -23.13 17.42 41.43
C SER A 29 -23.66 18.85 41.56
N CYS A 30 -23.20 19.54 42.58
CA CYS A 30 -23.56 20.92 42.81
C CYS A 30 -22.58 21.55 43.79
N VAL A 31 -22.37 22.85 43.64
CA VAL A 31 -21.34 23.57 44.40
C VAL A 31 -21.99 24.73 45.15
N THR A 32 -21.74 24.79 46.45
CA THR A 32 -22.13 25.92 47.29
C THR A 32 -20.86 26.64 47.72
N THR A 33 -20.78 27.94 47.43
CA THR A 33 -19.58 28.72 47.66
C THR A 33 -19.81 29.71 48.79
N MET A 34 -18.91 29.71 49.77
CA MET A 34 -18.98 30.61 50.90
C MET A 34 -17.68 31.39 51.00
N ALA A 35 -17.79 32.69 51.20
CA ALA A 35 -16.63 33.55 51.43
C ALA A 35 -17.01 34.61 52.45
N LYS A 36 -15.98 35.13 53.13
CA LYS A 36 -16.21 36.17 54.14
C LYS A 36 -16.84 37.40 53.50
N ASN A 37 -17.90 37.89 54.14
CA ASN A 37 -18.58 39.13 53.75
C ASN A 37 -19.26 39.04 52.39
N LYS A 38 -19.56 37.83 51.92
CA LYS A 38 -20.19 37.67 50.62
C LYS A 38 -21.31 36.64 50.73
N PRO A 39 -22.36 36.80 49.94
CA PRO A 39 -23.49 35.87 50.02
C PRO A 39 -23.08 34.45 49.63
N THR A 40 -23.70 33.48 50.28
CA THR A 40 -23.52 32.09 49.90
C THR A 40 -24.30 31.81 48.62
N LEU A 41 -23.64 31.17 47.65
CA LEU A 41 -24.21 30.96 46.34
C LEU A 41 -24.16 29.48 45.98
N ASP A 42 -25.17 29.04 45.24
CA ASP A 42 -25.26 27.67 44.75
C ASP A 42 -25.09 27.68 43.23
N PHE A 43 -24.22 26.82 42.73
CA PHE A 43 -23.94 26.69 41.31
C PHE A 43 -24.31 25.29 40.85
N GLU A 44 -25.10 25.19 39.79
CA GLU A 44 -25.44 23.90 39.21
C GLU A 44 -25.36 23.97 37.70
N LEU A 45 -24.47 23.19 37.13
CA LEU A 45 -24.45 22.94 35.69
C LEU A 45 -25.61 22.04 35.32
N ILE A 46 -26.65 22.61 34.71
CA ILE A 46 -27.89 21.88 34.47
C ILE A 46 -28.04 21.38 33.04
N LYS A 47 -27.34 21.97 32.08
CA LYS A 47 -27.54 21.57 30.69
C LYS A 47 -26.29 21.86 29.87
N THR A 48 -25.89 20.88 29.08
CA THR A 48 -24.86 21.05 28.06
C THR A 48 -25.48 20.78 26.71
N GLU A 49 -25.34 21.71 25.77
CA GLU A 49 -25.92 21.59 24.45
C GLU A 49 -24.82 21.55 23.40
N ALA A 50 -25.04 20.74 22.37
CA ALA A 50 -24.20 20.71 21.18
C ALA A 50 -25.03 21.22 20.02
N LYS A 51 -24.49 22.17 19.27
CA LYS A 51 -25.23 22.84 18.20
C LYS A 51 -24.54 22.64 16.87
N HIS A 52 -25.34 22.52 15.81
CA HIS A 52 -24.85 22.37 14.45
C HIS A 52 -24.01 21.10 14.32
N PRO A 53 -24.57 19.94 14.64
CA PRO A 53 -23.81 18.69 14.51
C PRO A 53 -23.56 18.33 13.05
N ALA A 54 -22.47 17.60 12.82
CA ALA A 54 -22.13 17.07 11.52
C ALA A 54 -22.13 15.55 11.60
N THR A 55 -22.82 14.89 10.68
CA THR A 55 -22.91 13.44 10.68
C THR A 55 -21.59 12.86 10.18
N LEU A 56 -20.95 12.04 11.01
CA LEU A 56 -19.66 11.45 10.66
C LEU A 56 -19.84 10.16 9.87
N ARG A 57 -20.67 9.25 10.38
CA ARG A 57 -20.88 7.96 9.76
C ARG A 57 -22.25 7.42 10.13
N LYS A 58 -22.85 6.66 9.21
CA LYS A 58 -24.11 5.99 9.43
C LYS A 58 -23.89 4.50 9.36
N TYR A 59 -24.36 3.77 10.36
CA TYR A 59 -24.28 2.32 10.37
C TYR A 59 -25.66 1.71 10.17
N CYS A 60 -25.67 0.54 9.53
CA CYS A 60 -26.90 -0.22 9.33
C CYS A 60 -27.01 -1.26 10.44
N ILE A 61 -28.11 -1.21 11.17
CA ILE A 61 -28.38 -2.18 12.23
C ILE A 61 -29.45 -3.18 11.85
N GLU A 62 -30.20 -2.94 10.78
CA GLU A 62 -31.17 -3.89 10.26
C GLU A 62 -31.23 -3.74 8.75
N ALA A 63 -31.30 -4.88 8.05
CA ALA A 63 -31.29 -4.88 6.60
C ALA A 63 -32.14 -6.03 6.09
N LYS A 64 -32.50 -5.96 4.82
CA LYS A 64 -33.24 -7.03 4.16
C LYS A 64 -32.59 -7.35 2.82
N LEU A 65 -32.44 -8.63 2.53
CA LEU A 65 -31.90 -9.11 1.27
C LEU A 65 -33.04 -9.39 0.30
N THR A 66 -32.89 -8.92 -0.94
CA THR A 66 -33.83 -9.22 -2.00
C THR A 66 -33.06 -9.39 -3.30
N ASN A 67 -33.77 -9.78 -4.36
CA ASN A 67 -33.18 -9.97 -5.67
C ASN A 67 -31.96 -10.88 -5.60
N THR A 68 -32.17 -12.06 -5.03
CA THR A 68 -31.09 -13.03 -4.89
C THR A 68 -30.93 -13.81 -6.17
N THR A 69 -29.74 -13.73 -6.78
CA THR A 69 -29.42 -14.46 -7.98
C THR A 69 -28.13 -15.23 -7.76
N THR A 70 -27.91 -16.25 -8.59
CA THR A 70 -26.73 -17.08 -8.50
C THR A 70 -26.30 -17.51 -9.90
N ALA A 71 -24.99 -17.55 -10.10
CA ALA A 71 -24.40 -18.06 -11.33
C ALA A 71 -23.31 -19.06 -10.96
N SER A 72 -23.13 -20.06 -11.81
CA SER A 72 -22.10 -21.07 -11.60
C SER A 72 -21.32 -21.29 -12.89
N ARG A 73 -20.05 -21.61 -12.75
CA ARG A 73 -19.18 -21.92 -13.88
C ARG A 73 -18.75 -23.37 -13.82
N CYS A 74 -18.38 -23.92 -14.98
CA CYS A 74 -17.93 -25.29 -15.03
C CYS A 74 -16.58 -25.43 -14.33
N PRO A 75 -16.26 -26.63 -13.84
CA PRO A 75 -15.00 -26.79 -13.09
C PRO A 75 -13.77 -26.48 -13.94
N THR A 76 -12.71 -26.00 -13.29
CA THR A 76 -11.39 -25.76 -13.86
C THR A 76 -11.42 -24.80 -15.04
N GLN A 77 -12.51 -24.09 -15.28
CA GLN A 77 -12.55 -23.06 -16.32
C GLN A 77 -13.17 -21.77 -15.78
N GLY A 78 -12.35 -20.96 -15.11
CA GLY A 78 -12.73 -19.61 -14.77
C GLY A 78 -13.69 -19.50 -13.61
N GLU A 79 -14.22 -18.29 -13.43
CA GLU A 79 -15.18 -17.94 -12.40
C GLU A 79 -16.53 -17.61 -13.02
N PRO A 80 -17.62 -17.80 -12.28
CA PRO A 80 -18.92 -17.42 -12.79
C PRO A 80 -19.08 -15.90 -12.79
N SER A 81 -20.05 -15.44 -13.57
CA SER A 81 -20.30 -14.01 -13.74
C SER A 81 -21.77 -13.70 -13.50
N LEU A 82 -22.02 -12.60 -12.80
CA LEU A 82 -23.36 -12.06 -12.63
C LEU A 82 -23.33 -10.57 -12.94
N ASN A 83 -24.37 -10.10 -13.66
CA ASN A 83 -24.48 -8.67 -13.91
C ASN A 83 -24.61 -7.89 -12.62
N GLU A 84 -25.38 -8.41 -11.66
CA GLU A 84 -25.58 -7.72 -10.39
C GLU A 84 -24.27 -7.50 -9.66
N GLU A 85 -23.25 -8.31 -9.94
CA GLU A 85 -21.96 -8.10 -9.31
C GLU A 85 -21.31 -6.80 -9.78
N GLN A 86 -21.83 -6.25 -10.88
CA GLN A 86 -21.40 -4.91 -11.32
C GLN A 86 -21.77 -3.84 -10.29
N ASP A 87 -22.92 -3.99 -9.65
CA ASP A 87 -23.45 -2.98 -8.74
C ASP A 87 -22.95 -3.24 -7.32
N LYS A 88 -22.36 -2.21 -6.70
CA LYS A 88 -21.95 -2.34 -5.30
C LYS A 88 -23.14 -2.40 -4.35
N ARG A 89 -24.34 -2.06 -4.84
CA ARG A 89 -25.54 -2.18 -4.04
C ARG A 89 -25.92 -3.62 -3.75
N PHE A 90 -25.29 -4.57 -4.43
CA PHE A 90 -25.48 -6.00 -4.18
C PHE A 90 -24.34 -6.53 -3.33
N VAL A 91 -24.66 -7.46 -2.45
CA VAL A 91 -23.66 -8.19 -1.66
C VAL A 91 -23.41 -9.53 -2.34
N CYS A 92 -22.15 -9.80 -2.65
CA CYS A 92 -21.79 -10.93 -3.49
C CYS A 92 -20.68 -11.73 -2.83
N LYS A 93 -20.67 -13.03 -3.07
CA LYS A 93 -19.59 -13.89 -2.62
C LYS A 93 -19.33 -14.95 -3.67
N HIS A 94 -18.11 -15.48 -3.66
CA HIS A 94 -17.70 -16.56 -4.55
C HIS A 94 -17.38 -17.78 -3.70
N SER A 95 -17.90 -18.93 -4.09
CA SER A 95 -17.63 -20.19 -3.40
C SER A 95 -17.41 -21.28 -4.44
N MET A 96 -17.23 -22.51 -3.97
CA MET A 96 -17.03 -23.66 -4.84
C MET A 96 -18.10 -24.70 -4.53
N VAL A 97 -18.73 -25.22 -5.58
CA VAL A 97 -19.72 -26.28 -5.45
C VAL A 97 -19.23 -27.50 -6.22
N ASP A 98 -19.81 -28.66 -5.94
CA ASP A 98 -19.49 -29.87 -6.68
C ASP A 98 -20.18 -29.85 -8.04
N ARG A 99 -19.44 -30.19 -9.09
CA ARG A 99 -19.96 -30.18 -10.45
C ARG A 99 -19.67 -31.50 -11.12
N GLY A 100 -20.56 -31.90 -12.02
CA GLY A 100 -20.41 -33.16 -12.71
C GLY A 100 -21.51 -33.33 -13.73
N TRP A 101 -21.55 -34.53 -14.32
CA TRP A 101 -22.54 -34.80 -15.35
C TRP A 101 -23.96 -34.64 -14.82
N GLY A 102 -24.16 -34.80 -13.51
CA GLY A 102 -25.47 -34.59 -12.94
C GLY A 102 -25.88 -33.13 -12.86
N ASN A 103 -24.90 -32.23 -12.71
CA ASN A 103 -25.16 -30.80 -12.61
C ASN A 103 -25.19 -30.11 -13.96
N GLY A 104 -24.84 -30.81 -15.04
CA GLY A 104 -24.89 -30.23 -16.37
C GLY A 104 -23.57 -29.76 -16.94
N CYS A 105 -22.45 -30.11 -16.32
CA CYS A 105 -21.14 -29.73 -16.82
C CYS A 105 -20.38 -30.96 -17.33
N GLY A 106 -19.49 -30.73 -18.29
CA GLY A 106 -18.84 -31.84 -18.97
C GLY A 106 -17.91 -32.63 -18.09
N LEU A 107 -17.22 -31.96 -17.17
CA LEU A 107 -16.22 -32.60 -16.32
C LEU A 107 -16.55 -32.42 -14.85
N PHE A 108 -15.91 -33.23 -14.02
CA PHE A 108 -16.15 -33.25 -12.58
C PHE A 108 -15.11 -32.41 -11.85
N GLY A 109 -15.46 -31.98 -10.66
CA GLY A 109 -14.55 -31.24 -9.82
C GLY A 109 -15.29 -30.14 -9.09
N LYS A 110 -14.51 -29.21 -8.55
CA LYS A 110 -15.04 -28.05 -7.84
C LYS A 110 -15.21 -26.91 -8.84
N GLY A 111 -16.44 -26.52 -9.09
CA GLY A 111 -16.74 -25.40 -9.95
C GLY A 111 -17.07 -24.15 -9.15
N GLY A 112 -16.72 -23.00 -9.71
CA GLY A 112 -16.96 -21.74 -9.02
C GLY A 112 -18.43 -21.36 -9.04
N ILE A 113 -18.89 -20.78 -7.94
CA ILE A 113 -20.27 -20.33 -7.80
C ILE A 113 -20.27 -18.97 -7.13
N VAL A 114 -21.15 -18.09 -7.60
CA VAL A 114 -21.30 -16.74 -7.05
C VAL A 114 -22.76 -16.51 -6.73
N THR A 115 -23.03 -16.03 -5.52
CA THR A 115 -24.38 -15.69 -5.07
C THR A 115 -24.47 -14.18 -4.85
N CYS A 116 -25.54 -13.58 -5.37
CA CYS A 116 -25.75 -12.15 -5.30
C CYS A 116 -27.10 -11.84 -4.64
N ALA A 117 -27.17 -10.70 -3.96
CA ALA A 117 -28.41 -10.23 -3.36
C ALA A 117 -28.33 -8.73 -3.16
N MET A 118 -29.46 -8.05 -3.31
CA MET A 118 -29.50 -6.61 -3.09
C MET A 118 -29.61 -6.33 -1.60
N PHE A 119 -28.73 -5.45 -1.11
CA PHE A 119 -28.68 -5.10 0.30
C PHE A 119 -29.40 -3.76 0.49
N THR A 120 -30.50 -3.80 1.24
CA THR A 120 -31.28 -2.61 1.54
C THR A 120 -31.30 -2.40 3.04
N CYS A 121 -30.95 -1.19 3.47
CA CYS A 121 -30.92 -0.86 4.89
C CYS A 121 -32.33 -0.49 5.36
N LYS A 122 -32.73 -1.07 6.49
CA LYS A 122 -34.04 -0.80 7.08
C LYS A 122 -33.93 0.18 8.25
N LYS A 123 -33.01 -0.07 9.17
CA LYS A 123 -32.77 0.80 10.31
C LYS A 123 -31.27 1.07 10.42
N ASN A 124 -30.91 2.32 10.70
CA ASN A 124 -29.53 2.72 10.82
C ASN A 124 -29.34 3.65 12.00
N MET A 125 -28.14 3.60 12.59
CA MET A 125 -27.74 4.54 13.63
C MET A 125 -26.76 5.54 13.03
N GLU A 126 -26.91 6.81 13.41
CA GLU A 126 -26.15 7.90 12.83
C GLU A 126 -25.20 8.49 13.86
N GLY A 127 -23.95 8.68 13.45
CA GLY A 127 -22.95 9.29 14.32
C GLY A 127 -22.68 10.73 13.92
N LYS A 128 -22.91 11.66 14.85
CA LYS A 128 -22.76 13.08 14.58
C LYS A 128 -21.67 13.66 15.46
N ILE A 129 -20.88 14.57 14.90
CA ILE A 129 -19.79 15.23 15.62
C ILE A 129 -20.13 16.71 15.75
N VAL A 130 -19.64 17.32 16.83
CA VAL A 130 -19.81 18.73 17.09
C VAL A 130 -18.45 19.35 17.34
N GLN A 131 -18.24 20.55 16.80
CA GLN A 131 -17.02 21.30 17.09
C GLN A 131 -17.12 21.88 18.51
N PRO A 132 -16.02 21.87 19.26
CA PRO A 132 -16.09 22.37 20.64
C PRO A 132 -16.58 23.79 20.77
N GLU A 133 -16.33 24.64 19.76
CA GLU A 133 -16.81 26.01 19.81
C GLU A 133 -18.31 26.13 19.66
N ASN A 134 -19.01 25.03 19.35
CA ASN A 134 -20.45 25.04 19.17
C ASN A 134 -21.21 24.59 20.41
N LEU A 135 -20.51 24.37 21.53
CA LEU A 135 -21.13 23.89 22.76
C LEU A 135 -21.64 25.07 23.60
N GLU A 136 -22.73 24.83 24.32
CA GLU A 136 -23.31 25.82 25.21
C GLU A 136 -23.64 25.17 26.54
N TYR A 137 -23.08 25.71 27.62
CA TYR A 137 -23.32 25.21 28.97
C TYR A 137 -24.29 26.15 29.69
N THR A 138 -25.30 25.59 30.34
CA THR A 138 -26.27 26.36 31.10
C THR A 138 -26.01 26.14 32.58
N ILE A 139 -25.53 27.19 33.24
CA ILE A 139 -25.28 27.18 34.68
C ILE A 139 -26.38 27.97 35.36
N VAL A 140 -26.90 27.43 36.46
CA VAL A 140 -27.88 28.12 37.29
C VAL A 140 -27.19 28.54 38.57
N ILE A 141 -27.17 29.84 38.83
CA ILE A 141 -26.65 30.40 40.07
C ILE A 141 -27.86 30.85 40.89
N THR A 142 -27.97 30.34 42.11
CA THR A 142 -29.09 30.67 43.00
C THR A 142 -28.53 31.11 44.34
N PRO A 143 -28.63 32.40 44.68
CA PRO A 143 -28.30 32.82 46.03
C PRO A 143 -29.28 32.20 47.03
N HIS A 144 -28.78 31.92 48.22
CA HIS A 144 -29.60 31.25 49.22
C HIS A 144 -30.88 32.04 49.48
N SER A 145 -30.76 33.21 50.09
CA SER A 145 -31.89 34.13 50.20
C SER A 145 -33.00 33.61 51.11
N GLY A 146 -32.85 32.39 51.63
CA GLY A 146 -33.84 31.81 52.51
C GLY A 146 -35.28 31.96 52.07
N GLU A 147 -35.53 31.86 50.76
CA GLU A 147 -36.89 32.00 50.26
C GLU A 147 -37.73 30.80 50.66
N GLU A 148 -39.05 30.98 50.59
CA GLU A 148 -39.98 29.94 51.07
C GLU A 148 -39.82 28.66 50.28
N ASN A 149 -39.72 28.76 48.95
CA ASN A 149 -39.66 27.59 48.08
C ASN A 149 -38.31 27.46 47.39
N ALA A 150 -37.26 28.09 47.94
CA ALA A 150 -35.94 28.04 47.33
C ALA A 150 -35.16 26.78 47.68
N VAL A 151 -35.59 26.01 48.67
CA VAL A 151 -34.86 24.83 49.09
C VAL A 151 -35.09 23.72 48.08
N GLY A 152 -34.02 23.23 47.48
CA GLY A 152 -34.12 22.16 46.50
C GLY A 152 -34.96 22.50 45.30
N GLN A 153 -35.19 23.78 45.05
CA GLN A 153 -36.06 24.23 43.96
C GLN A 153 -35.37 23.97 42.63
N ASP A 154 -35.84 22.95 41.91
CA ASP A 154 -35.31 22.65 40.58
C ASP A 154 -35.90 23.54 39.50
N THR A 155 -37.00 24.24 39.78
CA THR A 155 -37.60 25.10 38.77
C THR A 155 -36.68 26.26 38.39
N GLY A 156 -35.79 26.67 39.30
CA GLY A 156 -34.90 27.78 39.01
C GLY A 156 -35.57 29.14 39.06
N LYS A 157 -36.72 29.25 39.72
CA LYS A 157 -37.42 30.52 39.79
C LYS A 157 -36.60 31.57 40.52
N HIS A 158 -35.93 31.18 41.60
CA HIS A 158 -35.15 32.11 42.40
C HIS A 158 -33.75 32.33 41.84
N GLY A 159 -33.19 31.33 41.14
CA GLY A 159 -31.85 31.46 40.61
C GLY A 159 -31.81 32.08 39.23
N LYS A 160 -30.62 32.53 38.84
CA LYS A 160 -30.38 33.12 37.54
C LYS A 160 -29.57 32.14 36.69
N GLU A 161 -29.94 31.99 35.42
CA GLU A 161 -29.26 31.09 34.51
C GLU A 161 -28.31 31.87 33.61
N ILE A 162 -27.10 31.36 33.44
CA ILE A 162 -26.09 31.96 32.57
C ILE A 162 -25.63 30.90 31.58
N LYS A 163 -25.49 31.31 30.32
CA LYS A 163 -25.06 30.41 29.26
C LYS A 163 -23.57 30.62 29.02
N VAL A 164 -22.79 29.55 29.11
CA VAL A 164 -21.34 29.60 28.95
C VAL A 164 -20.99 28.99 27.60
N THR A 165 -20.37 29.78 26.74
CA THR A 165 -19.95 29.35 25.42
C THR A 165 -18.49 29.71 25.19
N PRO A 166 -17.81 29.00 24.29
CA PRO A 166 -16.41 29.36 24.00
C PRO A 166 -16.26 30.74 23.39
N GLN A 167 -17.33 31.31 22.84
CA GLN A 167 -17.24 32.62 22.21
C GLN A 167 -16.82 33.70 23.20
N SER A 168 -17.41 33.69 24.38
CA SER A 168 -17.08 34.67 25.42
C SER A 168 -16.49 33.94 26.62
N SER A 169 -15.33 34.39 27.07
CA SER A 169 -14.68 33.79 28.22
C SER A 169 -15.23 34.31 29.55
N ILE A 170 -15.95 35.42 29.53
CA ILE A 170 -16.50 36.03 30.73
C ILE A 170 -18.02 36.01 30.64
N THR A 171 -18.66 35.43 31.65
CA THR A 171 -20.12 35.39 31.74
C THR A 171 -20.53 36.17 32.98
N GLU A 172 -21.43 37.13 32.80
CA GLU A 172 -21.90 37.98 33.89
C GLU A 172 -23.35 37.64 34.23
N ALA A 173 -23.62 37.46 35.51
CA ALA A 173 -24.97 37.26 36.01
C ALA A 173 -25.25 38.29 37.07
N GLU A 174 -26.30 39.08 36.88
CA GLU A 174 -26.69 40.10 37.84
C GLU A 174 -27.74 39.50 38.78
N LEU A 175 -27.36 39.27 40.03
CA LEU A 175 -28.27 38.75 41.05
C LEU A 175 -28.90 39.93 41.78
N THR A 176 -30.21 40.09 41.62
CA THR A 176 -30.89 41.25 42.17
C THR A 176 -30.67 41.36 43.67
N GLY A 177 -30.01 42.44 44.10
CA GLY A 177 -29.72 42.66 45.49
C GLY A 177 -28.43 42.06 45.99
N TYR A 178 -27.72 41.29 45.15
CA TYR A 178 -26.48 40.64 45.55
C TYR A 178 -25.29 41.11 44.72
N GLY A 179 -25.47 42.10 43.85
CA GLY A 179 -24.41 42.48 42.95
C GLY A 179 -24.40 41.61 41.70
N THR A 180 -23.22 41.48 41.10
CA THR A 180 -23.04 40.70 39.89
C THR A 180 -21.96 39.65 40.12
N VAL A 181 -22.19 38.46 39.55
CA VAL A 181 -21.27 37.34 39.66
C VAL A 181 -20.60 37.14 38.31
N THR A 182 -19.28 37.10 38.29
CA THR A 182 -18.51 36.89 37.07
C THR A 182 -17.90 35.50 37.10
N MET A 183 -18.09 34.75 36.01
CA MET A 183 -17.52 33.43 35.86
C MET A 183 -16.69 33.39 34.58
N GLU A 184 -15.47 32.88 34.67
CA GLU A 184 -14.61 32.66 33.52
C GLU A 184 -14.42 31.15 33.40
N CYS A 185 -15.25 30.52 32.59
CA CYS A 185 -15.23 29.08 32.43
C CYS A 185 -14.29 28.68 31.30
N SER A 186 -14.09 27.38 31.17
CA SER A 186 -13.24 26.82 30.11
C SER A 186 -14.02 25.66 29.48
N PRO A 187 -14.97 25.96 28.59
CA PRO A 187 -15.72 24.89 27.93
C PRO A 187 -14.99 24.33 26.73
N ARG A 188 -13.67 24.18 26.86
CA ARG A 188 -12.84 23.64 25.79
C ARG A 188 -11.96 22.53 26.35
N THR A 189 -11.62 22.63 27.64
CA THR A 189 -10.76 21.67 28.31
C THR A 189 -11.54 20.73 29.23
N GLY A 190 -12.86 20.66 29.06
CA GLY A 190 -13.66 19.76 29.86
C GLY A 190 -13.89 18.46 29.13
N LEU A 191 -15.08 18.27 28.58
CA LEU A 191 -15.33 17.14 27.72
C LEU A 191 -14.69 17.39 26.35
N ASP A 192 -13.88 16.44 25.90
CA ASP A 192 -13.08 16.62 24.67
C ASP A 192 -13.90 16.15 23.47
N PHE A 193 -14.72 17.06 22.97
CA PHE A 193 -15.70 16.71 21.94
C PHE A 193 -15.06 16.47 20.58
N ASN A 194 -13.77 16.79 20.43
CA ASN A 194 -13.07 16.48 19.20
C ASN A 194 -12.75 14.99 19.09
N GLU A 195 -12.91 14.23 20.18
CA GLU A 195 -12.63 12.80 20.19
C GLU A 195 -13.89 11.97 20.41
N MET A 196 -15.06 12.60 20.36
CA MET A 196 -16.30 11.94 20.75
C MET A 196 -17.33 12.05 19.65
N VAL A 197 -18.24 11.09 19.62
CA VAL A 197 -19.29 11.00 18.62
C VAL A 197 -20.63 10.97 19.32
N LEU A 198 -21.60 11.71 18.78
CA LEU A 198 -22.97 11.72 19.29
C LEU A 198 -23.78 10.69 18.50
N LEU A 199 -23.94 9.51 19.08
CA LEU A 199 -24.56 8.38 18.38
C LEU A 199 -26.01 8.21 18.84
N GLN A 200 -26.93 8.16 17.89
CA GLN A 200 -28.32 7.85 18.15
C GLN A 200 -28.75 6.68 17.27
N MET A 201 -29.59 5.81 17.80
CA MET A 201 -30.11 4.67 17.05
C MET A 201 -31.58 4.87 16.73
N GLU A 202 -32.45 4.96 17.74
CA GLU A 202 -33.85 5.31 17.52
C GLU A 202 -34.41 5.72 18.87
N ASN A 203 -34.73 7.00 19.01
CA ASN A 203 -35.18 7.61 20.26
C ASN A 203 -34.21 7.39 21.42
N LYS A 204 -32.96 7.02 21.13
CA LYS A 204 -31.92 6.91 22.14
C LYS A 204 -30.64 7.48 21.60
N ALA A 205 -29.75 7.90 22.49
CA ALA A 205 -28.46 8.47 22.11
C ALA A 205 -27.43 8.18 23.18
N TRP A 206 -26.16 8.20 22.76
CA TRP A 206 -25.04 7.99 23.65
C TRP A 206 -23.90 8.90 23.22
N LEU A 207 -23.00 9.18 24.16
CA LEU A 207 -21.76 9.89 23.88
C LEU A 207 -20.64 8.86 23.89
N VAL A 208 -20.07 8.59 22.72
CA VAL A 208 -19.15 7.49 22.55
C VAL A 208 -17.83 8.00 21.99
N HIS A 209 -16.79 7.18 22.16
CA HIS A 209 -15.46 7.53 21.70
C HIS A 209 -15.40 7.43 20.17
N ARG A 210 -14.79 8.45 19.55
CA ARG A 210 -14.83 8.54 18.10
C ARG A 210 -14.15 7.34 17.43
N GLN A 211 -13.00 6.91 17.95
CA GLN A 211 -12.31 5.76 17.39
C GLN A 211 -13.13 4.48 17.59
N TRP A 212 -13.71 4.31 18.78
CA TRP A 212 -14.57 3.14 19.00
C TRP A 212 -15.75 3.15 18.04
N PHE A 213 -16.29 4.34 17.75
CA PHE A 213 -17.38 4.43 16.77
C PHE A 213 -16.91 4.05 15.38
N LEU A 214 -15.71 4.50 14.99
CA LEU A 214 -15.21 4.18 13.67
C LEU A 214 -14.78 2.72 13.53
N ASP A 215 -14.56 2.03 14.66
CA ASP A 215 -14.14 0.65 14.63
C ASP A 215 -15.30 -0.34 14.70
N LEU A 216 -16.54 0.13 14.70
CA LEU A 216 -17.69 -0.76 14.85
C LEU A 216 -17.85 -1.61 13.60
N PRO A 217 -17.89 -2.94 13.73
CA PRO A 217 -18.07 -3.83 12.56
C PRO A 217 -19.52 -3.98 12.10
N LEU A 218 -20.02 -2.94 11.44
CA LEU A 218 -21.34 -2.93 10.83
C LEU A 218 -21.21 -2.29 9.45
N PRO A 219 -22.13 -2.59 8.54
CA PRO A 219 -22.15 -1.85 7.27
C PRO A 219 -22.40 -0.37 7.53
N TRP A 220 -21.71 0.48 6.77
CA TRP A 220 -21.76 1.91 7.06
C TRP A 220 -21.67 2.71 5.76
N LEU A 221 -22.11 3.96 5.86
CA LEU A 221 -22.06 4.96 4.82
C LEU A 221 -21.32 6.21 5.32
N PRO A 222 -20.64 6.92 4.44
CA PRO A 222 -20.09 8.22 4.84
C PRO A 222 -21.20 9.19 5.19
N GLY A 223 -20.89 10.13 6.06
CA GLY A 223 -21.86 11.12 6.48
C GLY A 223 -22.36 11.98 5.33
N ALA A 224 -21.62 11.99 4.23
CA ALA A 224 -21.92 12.81 3.06
C ALA A 224 -22.61 12.01 1.95
N ASP A 225 -23.14 10.83 2.26
CA ASP A 225 -23.60 9.93 1.20
C ASP A 225 -24.71 10.56 0.37
N THR A 226 -25.86 10.84 0.98
CA THR A 226 -27.04 11.42 0.38
C THR A 226 -27.86 10.39 -0.42
N GLN A 227 -27.38 9.16 -0.61
CA GLN A 227 -28.15 8.11 -1.26
C GLN A 227 -28.54 6.96 -0.34
N GLY A 228 -27.70 6.65 0.64
CA GLY A 228 -28.01 5.57 1.56
C GLY A 228 -28.18 4.22 0.91
N SER A 229 -27.38 3.93 -0.11
CA SER A 229 -27.48 2.66 -0.82
C SER A 229 -26.16 1.93 -1.02
N ASN A 230 -25.02 2.64 -1.02
CA ASN A 230 -23.72 2.02 -1.24
C ASN A 230 -23.04 1.81 0.11
N TRP A 231 -23.49 0.78 0.82
CA TRP A 231 -22.95 0.47 2.14
C TRP A 231 -21.61 -0.23 2.01
N ILE A 232 -20.68 0.11 2.91
CA ILE A 232 -19.28 -0.23 2.71
C ILE A 232 -19.05 -1.73 2.91
N GLN A 233 -19.28 -2.21 4.13
CA GLN A 233 -19.02 -3.61 4.45
C GLN A 233 -20.36 -4.27 4.81
N LYS A 234 -21.09 -4.69 3.78
CA LYS A 234 -22.34 -5.40 3.98
C LYS A 234 -22.13 -6.84 4.45
N GLU A 235 -20.93 -7.38 4.25
CA GLU A 235 -20.64 -8.75 4.66
C GLU A 235 -20.78 -8.94 6.16
N THR A 236 -20.64 -7.87 6.94
CA THR A 236 -20.79 -7.99 8.38
C THR A 236 -22.23 -8.27 8.79
N LEU A 237 -23.18 -7.84 7.97
CA LEU A 237 -24.60 -7.97 8.30
C LEU A 237 -25.28 -9.10 7.53
N VAL A 238 -24.52 -9.93 6.81
CA VAL A 238 -25.06 -11.05 6.06
C VAL A 238 -24.15 -12.25 6.26
N THR A 239 -24.67 -13.43 5.91
CA THR A 239 -23.90 -14.66 5.98
C THR A 239 -24.25 -15.53 4.78
N PHE A 240 -23.23 -16.03 4.10
CA PHE A 240 -23.39 -16.94 2.97
C PHE A 240 -23.22 -18.37 3.45
N LYS A 241 -24.12 -19.25 3.04
CA LYS A 241 -24.13 -20.64 3.48
C LYS A 241 -23.90 -21.57 2.30
N ASN A 242 -22.96 -22.50 2.47
CA ASN A 242 -22.71 -23.58 1.51
C ASN A 242 -22.60 -24.88 2.29
N PRO A 243 -23.71 -25.36 2.84
CA PRO A 243 -23.63 -26.46 3.84
C PRO A 243 -22.93 -27.71 3.34
N HIS A 244 -23.15 -28.13 2.09
CA HIS A 244 -22.66 -29.41 1.61
C HIS A 244 -21.95 -29.25 0.28
N ALA A 245 -21.21 -28.16 0.10
CA ALA A 245 -20.50 -27.90 -1.14
C ALA A 245 -21.44 -27.91 -2.35
N LYS A 246 -22.64 -27.36 -2.15
CA LYS A 246 -23.57 -27.16 -3.25
C LYS A 246 -24.60 -26.13 -2.82
N LYS A 247 -25.20 -25.46 -3.80
CA LYS A 247 -26.29 -24.52 -3.58
C LYS A 247 -25.93 -23.49 -2.51
N GLN A 248 -24.94 -22.66 -2.83
CA GLN A 248 -24.61 -21.55 -1.93
C GLN A 248 -25.79 -20.60 -1.82
N ASP A 249 -25.98 -20.05 -0.62
CA ASP A 249 -27.09 -19.17 -0.34
C ASP A 249 -26.62 -18.03 0.55
N VAL A 250 -27.46 -17.01 0.69
CA VAL A 250 -27.17 -15.85 1.52
C VAL A 250 -28.42 -15.47 2.30
N VAL A 251 -28.23 -15.12 3.57
CA VAL A 251 -29.30 -14.62 4.43
C VAL A 251 -28.80 -13.38 5.16
N VAL A 252 -29.74 -12.64 5.73
CA VAL A 252 -29.44 -11.44 6.50
C VAL A 252 -29.39 -11.82 7.98
N LEU A 253 -28.53 -11.14 8.74
CA LEU A 253 -28.22 -11.57 10.10
C LEU A 253 -29.31 -11.22 11.11
N GLY A 254 -30.02 -10.12 10.92
CA GLY A 254 -31.04 -9.70 11.86
C GLY A 254 -30.65 -8.43 12.60
N SER A 255 -31.65 -7.85 13.25
CA SER A 255 -31.48 -6.56 13.89
C SER A 255 -30.34 -6.59 14.90
N GLN A 256 -29.40 -5.65 14.75
CA GLN A 256 -28.29 -5.49 15.68
C GLN A 256 -28.60 -4.50 16.78
N GLU A 257 -29.87 -4.19 17.02
CA GLU A 257 -30.21 -3.21 18.04
C GLU A 257 -29.80 -3.68 19.44
N GLY A 258 -30.09 -4.94 19.76
CA GLY A 258 -29.71 -5.46 21.06
C GLY A 258 -28.20 -5.62 21.20
N ALA A 259 -27.55 -6.08 20.14
CA ALA A 259 -26.10 -6.18 20.16
C ALA A 259 -25.46 -4.81 20.35
N MET A 260 -26.02 -3.78 19.72
CA MET A 260 -25.49 -2.43 19.90
C MET A 260 -25.78 -1.89 21.29
N HIS A 261 -26.93 -2.24 21.87
CA HIS A 261 -27.19 -1.88 23.25
C HIS A 261 -26.15 -2.49 24.17
N THR A 262 -25.76 -3.75 23.90
CA THR A 262 -24.69 -4.36 24.67
C THR A 262 -23.36 -3.67 24.42
N ALA A 263 -23.09 -3.29 23.18
CA ALA A 263 -21.84 -2.61 22.84
C ALA A 263 -21.72 -1.26 23.52
N LEU A 264 -22.85 -0.60 23.76
CA LEU A 264 -22.89 0.72 24.38
C LEU A 264 -22.91 0.63 25.91
N THR A 265 -22.45 -0.49 26.47
CA THR A 265 -22.63 -0.73 27.90
C THR A 265 -21.96 0.34 28.75
N GLY A 266 -20.72 0.68 28.43
CA GLY A 266 -19.97 1.63 29.23
C GLY A 266 -20.08 3.08 28.80
N ALA A 267 -20.94 3.38 27.82
CA ALA A 267 -21.14 4.75 27.40
C ALA A 267 -22.20 5.42 28.26
N THR A 268 -22.34 6.73 28.10
CA THR A 268 -23.33 7.51 28.83
C THR A 268 -24.39 8.00 27.87
N GLU A 269 -25.66 7.89 28.27
CA GLU A 269 -26.75 8.32 27.42
C GLU A 269 -26.72 9.83 27.25
N ILE A 270 -27.39 10.29 26.20
CA ILE A 270 -27.61 11.70 25.94
C ILE A 270 -28.98 11.85 25.27
N GLN A 271 -29.37 13.09 25.05
CA GLN A 271 -30.59 13.39 24.31
C GLN A 271 -30.23 13.89 22.93
N MET A 272 -30.96 13.44 21.92
CA MET A 272 -30.72 13.84 20.54
C MET A 272 -31.99 14.20 19.77
N SER A 273 -33.17 13.93 20.33
CA SER A 273 -34.42 14.22 19.64
C SER A 273 -34.77 15.70 19.65
N SER A 274 -34.50 16.39 20.76
CA SER A 274 -34.90 17.78 20.93
C SER A 274 -33.71 18.73 20.96
N GLY A 275 -32.71 18.50 20.13
CA GLY A 275 -31.57 19.39 20.06
C GLY A 275 -30.30 18.82 20.66
N ASN A 276 -30.19 17.49 20.66
CA ASN A 276 -28.98 16.76 21.04
C ASN A 276 -28.25 17.45 22.20
N LEU A 277 -28.95 17.60 23.32
CA LEU A 277 -28.40 18.19 24.53
C LEU A 277 -28.09 17.10 25.53
N LEU A 278 -26.85 17.08 26.02
CA LEU A 278 -26.33 15.98 26.83
C LEU A 278 -26.08 16.45 28.26
N PHE A 279 -26.69 15.76 29.22
CA PHE A 279 -26.59 16.09 30.64
C PHE A 279 -25.49 15.29 31.34
N THR A 280 -24.28 15.32 30.80
CA THR A 280 -23.17 14.59 31.40
C THR A 280 -21.89 15.40 31.20
N GLY A 281 -20.99 15.28 32.17
CA GLY A 281 -19.69 15.90 32.08
C GLY A 281 -19.50 16.93 33.17
N HIS A 282 -18.56 17.84 32.92
CA HIS A 282 -18.17 18.84 33.91
C HIS A 282 -17.67 20.08 33.19
N LEU A 283 -17.65 21.20 33.92
CA LEU A 283 -17.18 22.47 33.39
C LEU A 283 -16.36 23.17 34.45
N LYS A 284 -15.11 23.49 34.12
CA LYS A 284 -14.21 24.19 35.04
C LYS A 284 -14.50 25.69 34.98
N CYS A 285 -14.67 26.31 36.14
CA CYS A 285 -15.08 27.70 36.23
C CYS A 285 -14.20 28.45 37.22
N ARG A 286 -13.88 29.68 36.86
CA ARG A 286 -13.23 30.62 37.78
C ARG A 286 -14.28 31.64 38.21
N LEU A 287 -14.67 31.58 39.48
CA LEU A 287 -15.73 32.43 40.00
C LEU A 287 -15.11 33.67 40.65
N ARG A 288 -15.62 34.84 40.27
CA ARG A 288 -15.14 36.12 40.77
C ARG A 288 -16.22 36.74 41.65
N MET A 289 -15.86 37.07 42.89
CA MET A 289 -16.80 37.59 43.88
C MET A 289 -16.59 39.07 44.14
N ASP A 290 -15.91 39.77 43.23
CA ASP A 290 -15.59 41.18 43.46
C ASP A 290 -16.82 42.03 43.66
N LYS A 291 -17.93 41.71 42.98
CA LYS A 291 -19.09 42.58 42.97
C LYS A 291 -20.33 41.88 43.51
N LEU A 292 -20.18 41.22 44.66
CA LEU A 292 -21.19 40.34 45.23
C LEU A 292 -21.52 40.75 46.66
N GLN A 293 -21.85 42.02 46.87
CA GLN A 293 -22.23 42.47 48.21
C GLN A 293 -23.37 41.64 48.79
N LEU A 294 -23.48 41.62 50.11
CA LEU A 294 -24.56 40.92 50.80
C LEU A 294 -25.87 41.70 50.68
N LYS A 295 -26.97 40.96 50.62
CA LYS A 295 -28.29 41.55 50.45
C LYS A 295 -28.87 41.95 51.80
N GLY A 296 -29.56 43.09 51.81
CA GLY A 296 -30.29 43.53 52.98
C GLY A 296 -29.45 43.81 54.22
N MET A 297 -28.26 44.38 54.03
CA MET A 297 -27.43 44.74 55.18
C MET A 297 -27.84 46.06 55.80
N SER A 298 -28.64 46.86 55.09
CA SER A 298 -29.12 48.12 55.65
C SER A 298 -30.28 47.94 56.62
N TYR A 299 -30.97 46.80 56.57
CA TYR A 299 -32.04 46.54 57.52
C TYR A 299 -31.46 46.39 58.92
N SER A 300 -32.27 46.70 59.93
CA SER A 300 -31.73 46.76 61.29
C SER A 300 -31.67 45.39 61.94
N MET A 301 -32.82 44.82 62.30
CA MET A 301 -32.94 43.51 62.95
C MET A 301 -34.42 43.28 63.18
N CYS A 302 -34.78 42.03 63.45
CA CYS A 302 -36.16 41.66 63.72
C CYS A 302 -36.41 41.68 65.22
N THR A 303 -37.37 42.48 65.64
CA THR A 303 -37.81 42.56 67.03
C THR A 303 -39.23 41.97 67.09
N GLY A 304 -39.32 40.66 67.23
CA GLY A 304 -40.60 40.00 67.23
C GLY A 304 -40.42 38.50 67.36
N LYS A 305 -41.55 37.82 67.52
CA LYS A 305 -41.54 36.39 67.71
C LYS A 305 -41.27 35.66 66.39
N PHE A 306 -40.62 34.50 66.50
CA PHE A 306 -40.42 33.60 65.38
C PHE A 306 -41.01 32.25 65.75
N LYS A 307 -41.85 31.71 64.87
CA LYS A 307 -42.42 30.39 65.05
C LYS A 307 -41.84 29.45 64.00
N VAL A 308 -41.38 28.29 64.44
CA VAL A 308 -40.83 27.29 63.53
C VAL A 308 -42.00 26.65 62.77
N VAL A 309 -42.01 26.81 61.46
CA VAL A 309 -43.05 26.20 60.64
C VAL A 309 -42.60 24.89 59.99
N LYS A 310 -41.30 24.63 59.93
CA LYS A 310 -40.78 23.35 59.48
C LYS A 310 -39.58 23.00 60.35
N GLU A 311 -39.65 21.86 61.03
CA GLU A 311 -38.66 21.52 62.03
C GLU A 311 -37.27 21.34 61.41
N ILE A 312 -36.25 21.55 62.23
CA ILE A 312 -34.87 21.35 61.79
C ILE A 312 -34.75 20.00 61.11
N ALA A 313 -34.09 19.97 59.96
CA ALA A 313 -33.86 18.74 59.23
C ALA A 313 -32.37 18.62 58.92
N GLU A 314 -31.78 17.50 59.34
CA GLU A 314 -30.40 17.22 58.99
C GLU A 314 -30.26 16.99 57.49
N THR A 315 -29.13 17.39 56.95
CA THR A 315 -28.81 17.22 55.55
C THR A 315 -27.72 16.16 55.40
N GLN A 316 -27.58 15.62 54.20
CA GLN A 316 -26.64 14.52 53.98
C GLN A 316 -25.20 14.94 54.24
N HIS A 317 -24.92 16.24 54.30
CA HIS A 317 -23.56 16.74 54.49
C HIS A 317 -23.36 17.39 55.85
N GLY A 318 -24.24 17.14 56.82
CA GLY A 318 -24.06 17.65 58.16
C GLY A 318 -24.54 19.06 58.39
N THR A 319 -25.33 19.62 57.49
CA THR A 319 -25.92 20.94 57.66
C THR A 319 -27.39 20.79 58.00
N ILE A 320 -27.89 21.68 58.85
CA ILE A 320 -29.29 21.69 59.25
C ILE A 320 -29.98 22.86 58.57
N VAL A 321 -31.22 22.65 58.16
CA VAL A 321 -32.05 23.68 57.57
C VAL A 321 -33.33 23.78 58.37
N ILE A 322 -33.75 25.01 58.68
CA ILE A 322 -34.95 25.26 59.47
C ILE A 322 -35.73 26.38 58.80
N ARG A 323 -37.05 26.22 58.72
CA ARG A 323 -37.93 27.26 58.20
C ARG A 323 -38.67 27.91 59.36
N VAL A 324 -38.61 29.24 59.44
CA VAL A 324 -39.24 29.99 60.51
C VAL A 324 -40.20 31.01 59.91
N GLN A 325 -41.15 31.43 60.72
CA GLN A 325 -42.15 32.42 60.35
C GLN A 325 -42.06 33.61 61.29
N TYR A 326 -41.97 34.80 60.72
CA TYR A 326 -41.85 36.03 61.51
C TYR A 326 -43.24 36.52 61.88
N GLU A 327 -43.49 36.65 63.17
CA GLU A 327 -44.79 37.07 63.70
C GLU A 327 -44.82 38.52 64.13
N GLY A 328 -43.67 39.20 64.19
CA GLY A 328 -43.60 40.52 64.76
C GLY A 328 -43.76 41.63 63.73
N ASP A 329 -43.19 42.78 64.05
CA ASP A 329 -43.29 44.00 63.25
C ASP A 329 -41.94 44.31 62.63
N GLY A 330 -41.91 45.38 61.82
CA GLY A 330 -40.73 45.72 61.06
C GLY A 330 -40.41 44.66 60.04
N SER A 331 -41.29 44.51 59.04
CA SER A 331 -41.25 43.34 58.17
C SER A 331 -39.90 43.11 57.51
N PRO A 332 -39.29 44.09 56.85
CA PRO A 332 -37.98 43.84 56.22
C PRO A 332 -36.82 43.98 57.20
N CYS A 333 -36.54 42.94 57.98
CA CYS A 333 -35.54 43.01 59.03
C CYS A 333 -34.62 41.81 58.94
N LYS A 334 -33.56 41.85 59.74
CA LYS A 334 -32.60 40.75 59.81
C LYS A 334 -33.04 39.74 60.85
N ILE A 335 -32.91 38.46 60.52
CA ILE A 335 -33.25 37.39 61.45
C ILE A 335 -32.08 37.17 62.40
N PRO A 336 -32.27 37.37 63.71
CA PRO A 336 -31.18 37.07 64.66
C PRO A 336 -30.98 35.58 64.82
N PHE A 337 -29.90 35.05 64.25
CA PHE A 337 -29.64 33.62 64.20
C PHE A 337 -28.24 33.33 64.70
N GLU A 338 -28.11 32.26 65.49
CA GLU A 338 -26.79 31.83 65.93
C GLU A 338 -26.90 30.41 66.48
N ILE A 339 -25.80 29.69 66.39
CA ILE A 339 -25.68 28.35 66.97
C ILE A 339 -24.71 28.47 68.14
N MET A 340 -25.21 28.30 69.35
CA MET A 340 -24.42 28.46 70.56
C MET A 340 -24.47 27.20 71.40
N ASP A 341 -23.66 27.18 72.46
CA ASP A 341 -23.67 26.09 73.40
C ASP A 341 -24.86 26.22 74.36
N LEU A 342 -24.94 25.28 75.32
CA LEU A 342 -26.07 25.28 76.24
C LEU A 342 -26.12 26.56 77.06
N GLU A 343 -24.96 27.02 77.55
CA GLU A 343 -24.90 28.25 78.31
C GLU A 343 -25.02 29.51 77.46
N LYS A 344 -24.98 29.38 76.14
CA LYS A 344 -25.02 30.53 75.24
C LYS A 344 -23.85 31.47 75.51
N ARG A 345 -22.70 30.89 75.82
CA ARG A 345 -21.47 31.64 76.08
C ARG A 345 -20.52 31.63 74.88
N HIS A 346 -20.43 30.50 74.19
CA HIS A 346 -19.55 30.35 73.03
C HIS A 346 -20.37 30.20 71.76
N VAL A 347 -19.95 30.89 70.71
CA VAL A 347 -20.51 30.65 69.39
C VAL A 347 -19.80 29.46 68.77
N LEU A 348 -20.58 28.46 68.36
CA LEU A 348 -20.01 27.20 67.89
C LEU A 348 -20.61 26.73 66.57
N GLY A 349 -21.53 27.48 65.98
CA GLY A 349 -22.07 27.14 64.69
C GLY A 349 -21.45 27.95 63.58
N ARG A 350 -21.97 27.76 62.38
CA ARG A 350 -21.53 28.49 61.19
C ARG A 350 -22.74 28.59 60.26
N LEU A 351 -23.30 29.79 60.17
CA LEU A 351 -24.47 30.01 59.34
C LEU A 351 -24.10 29.94 57.87
N ILE A 352 -24.83 29.15 57.10
CA ILE A 352 -24.56 29.00 55.68
C ILE A 352 -25.39 29.98 54.87
N THR A 353 -26.68 30.08 55.17
CA THR A 353 -27.53 31.14 54.61
C THR A 353 -27.17 32.43 55.34
N VAL A 354 -26.14 33.10 54.84
CA VAL A 354 -25.58 34.26 55.53
C VAL A 354 -26.56 35.44 55.44
N ASN A 355 -26.71 36.14 56.56
CA ASN A 355 -27.62 37.28 56.66
C ASN A 355 -29.03 36.86 56.31
N PRO A 356 -29.65 35.98 57.08
CA PRO A 356 -31.06 35.62 56.85
C PRO A 356 -31.97 36.77 57.22
N ILE A 357 -32.76 37.23 56.26
CA ILE A 357 -33.68 38.34 56.47
C ILE A 357 -35.10 37.86 56.17
N VAL A 358 -36.07 38.63 56.65
CA VAL A 358 -37.48 38.41 56.34
C VAL A 358 -37.95 39.61 55.54
N THR A 359 -38.57 39.35 54.39
CA THR A 359 -38.94 40.39 53.45
C THR A 359 -40.40 40.78 53.51
N GLU A 360 -41.30 39.79 53.58
CA GLU A 360 -42.74 40.06 53.51
C GLU A 360 -43.45 39.95 54.85
N LYS A 361 -42.88 39.24 55.81
CA LYS A 361 -43.44 38.97 57.13
C LYS A 361 -44.53 37.91 57.08
N ASP A 362 -44.96 37.47 55.90
CA ASP A 362 -45.85 36.33 55.77
C ASP A 362 -45.21 35.16 55.07
N SER A 363 -44.14 35.38 54.32
CA SER A 363 -43.40 34.30 53.69
C SER A 363 -42.42 33.70 54.68
N PRO A 364 -42.45 32.40 54.93
CA PRO A 364 -41.44 31.78 55.79
C PRO A 364 -40.06 31.88 55.16
N VAL A 365 -39.04 31.86 56.02
CA VAL A 365 -37.66 31.95 55.60
C VAL A 365 -36.97 30.63 55.93
N ASN A 366 -36.14 30.16 54.99
CA ASN A 366 -35.40 28.92 55.15
C ASN A 366 -33.94 29.25 55.45
N ILE A 367 -33.42 28.67 56.53
CA ILE A 367 -32.06 28.96 56.99
C ILE A 367 -31.28 27.66 57.04
N GLU A 368 -30.12 27.65 56.39
CA GLU A 368 -29.20 26.53 56.45
C GLU A 368 -27.99 26.92 57.28
N ALA A 369 -27.60 26.05 58.21
CA ALA A 369 -26.47 26.29 59.07
C ALA A 369 -25.68 24.99 59.22
N GLU A 370 -24.42 25.14 59.60
CA GLU A 370 -23.57 23.98 59.89
C GLU A 370 -23.29 23.92 61.38
N PRO A 371 -23.93 23.04 62.13
CA PRO A 371 -23.63 22.89 63.54
C PRO A 371 -22.39 22.06 63.75
N PRO A 372 -21.82 22.06 64.93
CA PRO A 372 -20.67 21.19 65.21
C PRO A 372 -21.13 19.79 65.60
N PHE A 373 -20.15 18.89 65.68
CA PHE A 373 -20.43 17.54 66.11
C PHE A 373 -20.77 17.53 67.60
N GLY A 374 -21.85 16.86 67.95
CA GLY A 374 -22.30 16.81 69.33
C GLY A 374 -23.50 17.69 69.58
N ASP A 375 -23.53 18.34 70.75
CA ASP A 375 -24.68 19.13 71.15
C ASP A 375 -24.50 20.59 70.76
N SER A 376 -25.60 21.20 70.31
CA SER A 376 -25.59 22.61 69.93
C SER A 376 -27.03 23.10 69.94
N TYR A 377 -27.19 24.41 70.04
CA TYR A 377 -28.51 25.02 70.19
C TYR A 377 -28.66 26.17 69.20
N ILE A 378 -29.80 26.19 68.52
CA ILE A 378 -30.13 27.23 67.55
C ILE A 378 -30.94 28.30 68.27
N ILE A 379 -30.46 29.53 68.23
CA ILE A 379 -31.09 30.65 68.91
C ILE A 379 -31.71 31.55 67.84
N ILE A 380 -33.02 31.74 67.92
CA ILE A 380 -33.76 32.53 66.93
C ILE A 380 -34.45 33.67 67.65
N GLY A 381 -34.23 34.89 67.17
CA GLY A 381 -34.93 36.05 67.68
C GLY A 381 -34.32 36.63 68.94
N VAL A 382 -34.92 37.74 69.37
CA VAL A 382 -34.52 38.43 70.59
C VAL A 382 -35.17 37.77 71.79
N GLU A 383 -34.74 38.14 73.00
CA GLU A 383 -35.14 37.44 74.20
C GLU A 383 -36.65 37.25 74.36
N PRO A 384 -37.50 38.26 74.09
CA PRO A 384 -38.94 38.02 74.24
C PRO A 384 -39.45 37.09 73.15
N GLY A 385 -39.73 35.85 73.52
CA GLY A 385 -40.11 34.84 72.55
C GLY A 385 -38.97 34.20 71.82
N GLN A 386 -37.74 34.40 72.27
CA GLN A 386 -36.58 33.80 71.62
C GLN A 386 -36.71 32.28 71.57
N LEU A 387 -36.32 31.71 70.44
CA LEU A 387 -36.34 30.26 70.25
C LEU A 387 -34.96 29.70 70.55
N LYS A 388 -34.91 28.67 71.40
CA LYS A 388 -33.69 27.92 71.67
C LYS A 388 -33.95 26.48 71.27
N LEU A 389 -33.50 26.11 70.07
CA LEU A 389 -33.75 24.79 69.50
C LEU A 389 -32.48 23.97 69.59
N SER A 390 -32.52 22.89 70.37
CA SER A 390 -31.37 22.02 70.50
C SER A 390 -31.24 21.12 69.28
N TRP A 391 -30.02 20.64 69.05
CA TRP A 391 -29.74 19.71 67.96
C TRP A 391 -28.55 18.85 68.35
N PHE A 392 -28.50 17.65 67.78
CA PHE A 392 -27.37 16.74 67.98
C PHE A 392 -26.85 16.32 66.62
N LYS A 393 -25.55 16.53 66.41
CA LYS A 393 -24.96 16.25 65.09
C LYS A 393 -24.85 14.75 64.84
N LYS A 394 -24.34 14.00 65.81
CA LYS A 394 -24.17 12.55 65.67
C LYS A 394 -23.14 12.21 64.60
N GLY A 395 -21.95 12.80 64.74
CA GLY A 395 -20.85 12.48 63.85
C GLY A 395 -19.50 12.51 64.56
N SER A 396 -18.46 12.92 63.85
CA SER A 396 -17.13 13.06 64.45
C SER A 396 -16.24 13.82 63.50
N SER A 397 -15.30 14.59 64.09
CA SER A 397 -14.37 15.35 63.27
C SER A 397 -13.41 14.42 62.51
N ILE A 398 -12.96 13.34 63.15
CA ILE A 398 -12.07 12.41 62.48
C ILE A 398 -12.81 11.69 61.36
N GLY A 399 -14.03 11.24 61.62
CA GLY A 399 -14.82 10.64 60.56
C GLY A 399 -15.11 11.60 59.43
N GLN A 400 -15.32 12.87 59.77
CA GLN A 400 -15.53 13.88 58.73
C GLN A 400 -14.28 14.07 57.89
N MET A 401 -13.09 14.05 58.52
CA MET A 401 -11.85 14.12 57.76
C MET A 401 -11.71 12.92 56.84
N PHE A 402 -12.04 11.72 57.33
CA PHE A 402 -11.97 10.54 56.47
C PHE A 402 -12.94 10.64 55.31
N GLU A 403 -14.16 11.13 55.56
CA GLU A 403 -15.13 11.29 54.48
C GLU A 403 -14.65 12.32 53.46
N THR A 404 -14.04 13.41 53.93
CA THR A 404 -13.50 14.41 53.01
C THR A 404 -12.39 13.82 52.16
N THR A 405 -11.51 13.02 52.76
CA THR A 405 -10.45 12.37 52.01
C THR A 405 -11.03 11.43 50.96
N MET A 406 -12.04 10.64 51.33
CA MET A 406 -12.65 9.74 50.36
C MET A 406 -13.31 10.51 49.22
N ARG A 407 -13.99 11.61 49.55
CA ARG A 407 -14.63 12.43 48.53
C ARG A 407 -13.60 13.02 47.58
N GLY A 408 -12.48 13.50 48.11
CA GLY A 408 -11.43 14.03 47.25
C GLY A 408 -10.81 12.95 46.38
N ALA A 409 -10.63 11.75 46.93
CA ALA A 409 -10.09 10.66 46.13
C ALA A 409 -11.04 10.26 45.03
N LYS A 410 -12.34 10.24 45.32
CA LYS A 410 -13.33 9.89 44.30
C LYS A 410 -13.46 11.00 43.25
N ARG A 411 -13.20 12.25 43.62
CA ARG A 411 -13.18 13.32 42.64
C ARG A 411 -11.93 13.25 41.76
N MET A 412 -10.79 12.85 42.34
CA MET A 412 -9.60 12.61 41.54
C MET A 412 -9.84 11.46 40.56
N ALA A 413 -10.49 10.39 41.01
CA ALA A 413 -10.76 9.27 40.12
C ALA A 413 -11.63 9.68 38.94
N ILE A 414 -12.63 10.53 39.19
CA ILE A 414 -13.56 10.90 38.13
C ILE A 414 -13.01 12.04 37.29
N LEU A 415 -12.43 13.05 37.92
CA LEU A 415 -12.00 14.26 37.22
C LEU A 415 -10.57 14.19 36.72
N GLY A 416 -9.80 13.16 37.09
CA GLY A 416 -8.40 13.16 36.73
C GLY A 416 -7.67 14.32 37.38
N ASP A 417 -6.77 14.95 36.61
CA ASP A 417 -5.99 16.06 37.15
C ASP A 417 -6.83 17.32 37.31
N THR A 418 -8.01 17.38 36.70
CA THR A 418 -8.88 18.54 36.85
C THR A 418 -9.40 18.71 38.27
N ALA A 419 -9.27 17.67 39.11
CA ALA A 419 -9.72 17.80 40.49
C ALA A 419 -8.92 18.84 41.27
N TRP A 420 -7.66 19.06 40.87
CA TRP A 420 -6.83 20.05 41.56
C TRP A 420 -7.36 21.47 41.38
N ASP A 421 -8.20 21.69 40.39
CA ASP A 421 -8.80 23.01 40.16
C ASP A 421 -10.07 23.22 40.95
N PHE A 422 -10.48 22.24 41.76
CA PHE A 422 -11.73 22.35 42.50
C PHE A 422 -11.48 23.10 43.80
N GLY A 423 -12.19 24.22 43.99
CA GLY A 423 -11.98 25.02 45.18
C GLY A 423 -10.56 25.47 45.37
N SER A 424 -9.78 25.55 44.29
CA SER A 424 -8.37 25.86 44.37
C SER A 424 -8.16 27.35 44.15
N LEU A 425 -7.37 27.97 45.02
CA LEU A 425 -6.88 29.31 44.79
C LEU A 425 -5.54 29.20 44.05
N GLY A 426 -4.88 30.33 43.83
CA GLY A 426 -3.59 30.27 43.17
C GLY A 426 -2.51 29.87 44.14
N GLY A 427 -2.07 28.62 44.07
CA GLY A 427 -1.11 28.08 45.01
C GLY A 427 -0.04 27.28 44.31
N VAL A 428 1.17 27.33 44.89
CA VAL A 428 2.28 26.56 44.35
C VAL A 428 2.07 25.07 44.57
N PHE A 429 1.58 24.70 45.76
CA PHE A 429 1.35 23.29 46.04
C PHE A 429 0.33 22.70 45.08
N THR A 430 -0.77 23.42 44.83
CA THR A 430 -1.78 22.92 43.90
C THR A 430 -1.20 22.81 42.49
N SER A 431 -0.38 23.76 42.08
CA SER A 431 0.21 23.72 40.74
C SER A 431 1.12 22.51 40.59
N ILE A 432 2.00 22.28 41.57
CA ILE A 432 2.91 21.14 41.48
C ILE A 432 2.14 19.83 41.53
N GLY A 433 1.13 19.75 42.41
CA GLY A 433 0.32 18.55 42.47
C GLY A 433 -0.41 18.28 41.17
N LYS A 434 -0.96 19.33 40.55
CA LYS A 434 -1.65 19.16 39.28
C LYS A 434 -0.69 18.72 38.18
N ALA A 435 0.53 19.27 38.17
CA ALA A 435 1.50 18.87 37.15
C ALA A 435 1.90 17.40 37.32
N LEU A 436 2.19 17.00 38.56
CA LEU A 436 2.52 15.61 38.82
C LEU A 436 1.36 14.69 38.47
N HIS A 437 0.14 15.11 38.80
CA HIS A 437 -1.04 14.33 38.46
C HIS A 437 -1.21 14.21 36.95
N GLN A 438 -0.91 15.29 36.22
CA GLN A 438 -1.01 15.24 34.76
C GLN A 438 -0.03 14.23 34.19
N VAL A 439 1.21 14.24 34.68
CA VAL A 439 2.21 13.30 34.17
C VAL A 439 1.79 11.86 34.49
N PHE A 440 1.43 11.61 35.75
CA PHE A 440 1.06 10.27 36.16
C PHE A 440 -0.19 9.79 35.43
N GLY A 441 -1.17 10.66 35.25
CA GLY A 441 -2.36 10.29 34.49
C GLY A 441 -2.08 10.04 33.03
N ALA A 442 -1.16 10.80 32.44
CA ALA A 442 -0.77 10.53 31.07
C ALA A 442 -0.18 9.14 30.93
N ILE A 443 0.66 8.75 31.90
CA ILE A 443 1.20 7.38 31.86
C ILE A 443 0.10 6.36 32.10
N TYR A 444 -0.75 6.59 33.10
CA TYR A 444 -1.73 5.59 33.53
C TYR A 444 -2.85 5.39 32.52
N GLY A 445 -3.36 6.45 31.89
CA GLY A 445 -4.37 6.28 30.88
C GLY A 445 -3.85 5.54 29.67
N ALA A 446 -2.60 5.78 29.30
CA ALA A 446 -1.97 5.00 28.24
C ALA A 446 -1.85 3.54 28.64
N ALA A 447 -1.47 3.26 29.89
CA ALA A 447 -1.27 1.88 30.32
C ALA A 447 -2.58 1.12 30.52
N PHE A 448 -3.67 1.80 30.85
CA PHE A 448 -4.90 1.13 31.27
C PHE A 448 -6.09 1.52 30.39
N SER A 449 -5.87 1.77 29.11
CA SER A 449 -6.94 2.12 28.20
C SER A 449 -7.53 0.86 27.58
N GLY A 450 -8.85 0.79 27.52
CA GLY A 450 -9.55 -0.31 26.90
C GLY A 450 -9.76 -1.54 27.76
N VAL A 451 -9.37 -1.51 29.02
CA VAL A 451 -9.49 -2.66 29.90
C VAL A 451 -10.67 -2.46 30.84
N SER A 452 -11.27 -3.56 31.26
CA SER A 452 -12.39 -3.52 32.18
C SER A 452 -11.92 -3.35 33.62
N TRP A 453 -12.88 -3.16 34.52
CA TRP A 453 -12.54 -3.00 35.93
C TRP A 453 -11.93 -4.28 36.50
N THR A 454 -12.44 -5.44 36.09
CA THR A 454 -11.87 -6.70 36.57
C THR A 454 -10.41 -6.81 36.17
N MET A 455 -10.09 -6.44 34.93
CA MET A 455 -8.70 -6.46 34.49
C MET A 455 -7.85 -5.47 35.29
N LYS A 456 -8.41 -4.29 35.59
CA LYS A 456 -7.69 -3.32 36.40
C LYS A 456 -7.39 -3.89 37.79
N ILE A 457 -8.36 -4.59 38.39
CA ILE A 457 -8.15 -5.16 39.71
C ILE A 457 -7.11 -6.28 39.66
N LEU A 458 -7.16 -7.12 38.63
CA LEU A 458 -6.16 -8.17 38.50
C LEU A 458 -4.76 -7.57 38.34
N ILE A 459 -4.62 -6.55 37.50
CA ILE A 459 -3.32 -5.92 37.30
C ILE A 459 -2.84 -5.25 38.58
N GLY A 460 -3.76 -4.62 39.32
CA GLY A 460 -3.39 -4.02 40.58
C GLY A 460 -2.90 -5.04 41.59
N VAL A 461 -3.58 -6.18 41.68
CA VAL A 461 -3.13 -7.24 42.57
C VAL A 461 -1.74 -7.73 42.16
N VAL A 462 -1.53 -7.92 40.86
CA VAL A 462 -0.23 -8.40 40.38
C VAL A 462 0.86 -7.40 40.73
N ILE A 463 0.61 -6.12 40.49
CA ILE A 463 1.61 -5.09 40.74
C ILE A 463 1.89 -4.96 42.23
N THR A 464 0.84 -5.05 43.06
CA THR A 464 1.04 -4.99 44.50
C THR A 464 1.87 -6.16 44.99
N TRP A 465 1.60 -7.37 44.48
CA TRP A 465 2.40 -8.52 44.88
C TRP A 465 3.85 -8.36 44.45
N ILE A 466 4.07 -7.91 43.22
CA ILE A 466 5.43 -7.71 42.74
C ILE A 466 6.16 -6.70 43.62
N GLY A 467 5.48 -5.60 43.95
CA GLY A 467 6.11 -4.58 44.78
C GLY A 467 6.42 -5.08 46.18
N MET A 468 5.47 -5.80 46.79
CA MET A 468 5.67 -6.18 48.19
C MET A 468 6.72 -7.28 48.33
N ASN A 469 6.78 -8.21 47.37
CA ASN A 469 7.85 -9.21 47.41
C ASN A 469 9.05 -8.77 46.59
N SER A 470 9.52 -7.55 46.85
CA SER A 470 10.70 -7.01 46.19
C SER A 470 11.76 -6.69 47.22
N ARG A 471 13.02 -6.98 46.90
CA ARG A 471 14.11 -6.73 47.82
C ARG A 471 14.34 -5.23 48.02
N SER A 472 14.21 -4.44 46.96
CA SER A 472 14.41 -3.00 47.06
C SER A 472 13.28 -2.37 47.87
N THR A 473 13.64 -1.51 48.81
CA THR A 473 12.63 -0.82 49.61
C THR A 473 11.95 0.30 48.85
N SER A 474 12.70 1.01 47.99
CA SER A 474 12.09 2.07 47.19
C SER A 474 11.18 1.49 46.12
N LEU A 475 11.66 0.46 45.40
CA LEU A 475 10.84 -0.19 44.40
C LEU A 475 9.62 -0.84 45.03
N SER A 476 9.80 -1.47 46.20
CA SER A 476 8.67 -2.07 46.89
C SER A 476 7.59 -1.04 47.18
N VAL A 477 8.00 0.10 47.75
CA VAL A 477 7.04 1.14 48.11
C VAL A 477 6.35 1.68 46.87
N SER A 478 7.12 1.96 45.82
CA SER A 478 6.54 2.54 44.61
C SER A 478 5.55 1.58 43.97
N LEU A 479 5.92 0.29 43.85
CA LEU A 479 5.04 -0.67 43.21
C LEU A 479 3.80 -0.94 44.06
N VAL A 480 3.95 -0.98 45.39
CA VAL A 480 2.79 -1.17 46.26
C VAL A 480 1.84 0.01 46.12
N LEU A 481 2.38 1.23 46.05
CA LEU A 481 1.54 2.41 45.87
C LEU A 481 0.80 2.35 44.55
N VAL A 482 1.51 1.99 43.47
CA VAL A 482 0.87 1.91 42.16
C VAL A 482 -0.22 0.85 42.16
N GLY A 483 0.05 -0.31 42.77
CA GLY A 483 -0.96 -1.36 42.83
C GLY A 483 -2.17 -0.95 43.64
N VAL A 484 -1.97 -0.26 44.76
CA VAL A 484 -3.10 0.18 45.58
C VAL A 484 -3.93 1.21 44.82
N VAL A 485 -3.28 2.13 44.12
CA VAL A 485 -4.01 3.13 43.33
C VAL A 485 -4.80 2.44 42.23
N THR A 486 -4.19 1.47 41.56
CA THR A 486 -4.88 0.73 40.51
C THR A 486 -6.08 -0.03 41.07
N LEU A 487 -5.92 -0.65 42.23
CA LEU A 487 -7.04 -1.36 42.86
C LEU A 487 -8.16 -0.40 43.21
N TYR A 488 -7.83 0.77 43.76
CA TYR A 488 -8.86 1.75 44.09
C TYR A 488 -9.58 2.21 42.83
N LEU A 489 -8.84 2.46 41.75
CA LEU A 489 -9.47 2.91 40.51
C LEU A 489 -10.36 1.82 39.91
N GLY A 490 -9.93 0.56 40.00
CA GLY A 490 -10.77 -0.53 39.53
C GLY A 490 -12.03 -0.68 40.35
N VAL A 491 -11.93 -0.48 41.67
CA VAL A 491 -13.11 -0.56 42.51
C VAL A 491 -14.04 0.62 42.27
N MET A 492 -13.50 1.78 41.92
CA MET A 492 -14.26 3.02 41.82
C MET A 492 -14.69 3.35 40.40
N VAL A 493 -14.54 2.43 39.46
CA VAL A 493 -14.80 2.72 38.05
C VAL A 493 -16.06 1.99 37.60
N GLN A 494 -16.46 2.22 36.35
CA GLN A 494 -17.64 1.58 35.77
C GLN A 494 -18.93 2.10 36.41
N ALA A 495 -19.02 3.41 36.54
CA ALA A 495 -20.22 4.05 37.05
C ALA A 495 -20.68 5.16 36.11
N SER B 1 -19.30 -9.62 16.44
CA SER B 1 -20.46 -8.73 16.50
C SER B 1 -20.12 -7.46 17.26
N VAL B 2 -21.02 -6.48 17.20
CA VAL B 2 -20.84 -5.28 18.02
C VAL B 2 -21.07 -5.56 19.49
N ALA B 3 -21.74 -6.67 19.82
CA ALA B 3 -21.93 -7.01 21.24
C ALA B 3 -20.58 -7.20 21.92
N LEU B 4 -19.65 -7.86 21.25
CA LEU B 4 -18.26 -7.82 21.66
C LEU B 4 -17.73 -6.39 21.48
N VAL B 5 -16.48 -6.17 21.88
CA VAL B 5 -15.88 -4.85 21.85
C VAL B 5 -16.86 -3.81 22.39
N PRO B 6 -17.17 -3.83 23.69
CA PRO B 6 -18.03 -2.78 24.25
C PRO B 6 -17.29 -1.48 24.50
N HIS B 7 -17.95 -0.53 25.15
CA HIS B 7 -17.45 0.83 25.34
C HIS B 7 -16.84 1.01 26.72
N VAL B 8 -16.13 0.01 27.21
CA VAL B 8 -15.78 -0.04 28.63
C VAL B 8 -14.60 0.88 28.95
N GLY B 9 -13.43 0.59 28.37
CA GLY B 9 -12.24 1.31 28.74
C GLY B 9 -11.92 2.52 27.89
N MET B 10 -12.92 3.36 27.63
CA MET B 10 -12.75 4.49 26.72
C MET B 10 -12.31 5.77 27.42
N GLY B 11 -12.28 5.80 28.76
CA GLY B 11 -11.80 6.96 29.48
C GLY B 11 -12.72 8.15 29.47
N LEU B 12 -13.98 7.99 29.06
CA LEU B 12 -14.93 9.09 29.03
C LEU B 12 -15.89 9.06 30.21
N GLU B 13 -15.72 8.12 31.14
CA GLU B 13 -16.65 7.98 32.24
C GLU B 13 -16.68 9.24 33.10
N THR B 14 -17.89 9.63 33.49
CA THR B 14 -18.13 10.77 34.36
C THR B 14 -18.81 10.28 35.64
N ARG B 15 -19.25 11.22 36.47
CA ARG B 15 -19.99 10.85 37.67
C ARG B 15 -21.36 10.27 37.34
N THR B 16 -21.88 10.53 36.15
CA THR B 16 -23.17 9.98 35.75
C THR B 16 -23.05 8.48 35.48
N GLU B 17 -24.13 7.76 35.76
CA GLU B 17 -24.16 6.34 35.45
C GLU B 17 -24.09 6.12 33.94
N THR B 18 -23.44 5.04 33.55
CA THR B 18 -23.30 4.69 32.15
C THR B 18 -24.46 3.77 31.72
N TRP B 19 -24.46 3.39 30.43
CA TRP B 19 -25.65 2.81 29.82
C TRP B 19 -26.15 1.59 30.59
N MET B 20 -25.28 0.62 30.84
CA MET B 20 -25.66 -0.58 31.58
C MET B 20 -24.58 -0.93 32.61
N SER B 21 -24.15 0.07 33.36
CA SER B 21 -23.04 -0.11 34.29
C SER B 21 -23.37 -1.13 35.37
N SER B 22 -24.50 -0.94 36.05
CA SER B 22 -24.87 -1.86 37.12
C SER B 22 -25.08 -3.27 36.60
N GLU B 23 -25.76 -3.40 35.45
CA GLU B 23 -26.03 -4.72 34.89
C GLU B 23 -24.75 -5.37 34.38
N GLY B 24 -23.95 -4.62 33.63
CA GLY B 24 -22.75 -5.16 33.03
C GLY B 24 -21.53 -5.24 33.91
N ALA B 25 -21.62 -4.79 35.17
CA ALA B 25 -20.46 -4.82 36.04
C ALA B 25 -19.97 -6.25 36.30
N TRP B 26 -20.91 -7.17 36.54
CA TRP B 26 -20.56 -8.52 36.96
C TRP B 26 -20.90 -9.60 35.93
N LYS B 27 -21.36 -9.21 34.74
CA LYS B 27 -21.80 -10.20 33.76
C LYS B 27 -20.64 -11.08 33.30
N HIS B 28 -19.46 -10.49 33.10
CA HIS B 28 -18.31 -11.26 32.65
C HIS B 28 -17.95 -12.34 33.67
N ALA B 29 -17.88 -11.96 34.94
CA ALA B 29 -17.57 -12.93 35.98
C ALA B 29 -18.67 -13.98 36.10
N GLN B 30 -19.93 -13.55 35.97
CA GLN B 30 -21.04 -14.51 36.05
C GLN B 30 -20.94 -15.55 34.95
N ARG B 31 -20.66 -15.13 33.72
CA ARG B 31 -20.61 -16.08 32.63
C ARG B 31 -19.34 -16.94 32.70
N ILE B 32 -18.24 -16.40 33.21
CA ILE B 32 -17.07 -17.23 33.45
C ILE B 32 -17.38 -18.31 34.47
N GLU B 33 -18.09 -17.95 35.54
CA GLU B 33 -18.47 -18.92 36.56
C GLU B 33 -19.40 -19.98 35.98
N THR B 34 -20.37 -19.58 35.17
CA THR B 34 -21.26 -20.56 34.55
C THR B 34 -20.49 -21.48 33.63
N TRP B 35 -19.54 -20.94 32.86
CA TRP B 35 -18.74 -21.77 31.98
C TRP B 35 -17.90 -22.76 32.76
N VAL B 36 -17.29 -22.33 33.86
CA VAL B 36 -16.49 -23.23 34.67
C VAL B 36 -17.36 -24.31 35.30
N LEU B 37 -18.60 -23.96 35.68
CA LEU B 37 -19.52 -24.97 36.19
C LEU B 37 -19.89 -25.98 35.11
N ARG B 38 -20.12 -25.51 33.88
CA ARG B 38 -20.56 -26.38 32.81
C ARG B 38 -19.43 -27.21 32.20
N HIS B 39 -18.18 -26.80 32.39
CA HIS B 39 -17.03 -27.48 31.78
C HIS B 39 -15.96 -27.70 32.84
N PRO B 40 -16.22 -28.57 33.81
CA PRO B 40 -15.19 -28.88 34.81
C PRO B 40 -13.94 -29.48 34.20
N GLY B 41 -14.08 -30.19 33.08
CA GLY B 41 -12.94 -30.88 32.51
C GLY B 41 -11.82 -29.92 32.11
N PHE B 42 -12.18 -28.81 31.46
CA PHE B 42 -11.16 -27.87 31.04
C PHE B 42 -10.52 -27.16 32.22
N THR B 43 -11.28 -26.92 33.30
CA THR B 43 -10.70 -26.28 34.47
C THR B 43 -9.63 -27.17 35.11
N ILE B 44 -9.90 -28.48 35.21
CA ILE B 44 -8.92 -29.40 35.77
C ILE B 44 -7.68 -29.45 34.90
N MET B 45 -7.87 -29.54 33.59
CA MET B 45 -6.72 -29.55 32.68
C MET B 45 -5.92 -28.27 32.78
N ALA B 46 -6.61 -27.13 32.91
CA ALA B 46 -5.92 -25.85 33.06
C ALA B 46 -5.13 -25.81 34.36
N ALA B 47 -5.70 -26.35 35.44
CA ALA B 47 -4.96 -26.42 36.70
C ALA B 47 -3.72 -27.29 36.57
N ILE B 48 -3.84 -28.44 35.91
CA ILE B 48 -2.69 -29.31 35.72
C ILE B 48 -1.63 -28.60 34.88
N LEU B 49 -2.04 -27.94 33.81
CA LEU B 49 -1.09 -27.23 32.96
C LEU B 49 -0.42 -26.10 33.71
N ALA B 50 -1.18 -25.36 34.53
CA ALA B 50 -0.61 -24.28 35.31
C ALA B 50 0.42 -24.80 36.30
N TYR B 51 0.11 -25.91 36.97
CA TYR B 51 1.08 -26.51 37.88
C TYR B 51 2.34 -26.93 37.12
N THR B 52 2.17 -27.55 35.95
CA THR B 52 3.33 -27.97 35.16
C THR B 52 4.19 -26.78 34.77
N ILE B 53 3.56 -25.72 34.27
CA ILE B 53 4.29 -24.47 33.97
C ILE B 53 4.22 -23.63 35.23
N GLY B 54 5.15 -23.88 36.14
CA GLY B 54 5.08 -23.30 37.47
C GLY B 54 6.34 -22.58 37.90
N THR B 55 7.08 -23.19 38.82
CA THR B 55 8.26 -22.66 39.47
C THR B 55 7.89 -21.68 40.57
N THR B 56 6.61 -21.39 40.78
CA THR B 56 6.19 -20.47 41.83
C THR B 56 4.68 -20.52 41.93
N TYR B 57 4.16 -20.56 43.15
CA TYR B 57 2.72 -20.60 43.35
C TYR B 57 2.03 -19.38 42.75
N PHE B 58 2.70 -18.22 42.78
CA PHE B 58 2.15 -17.04 42.12
C PHE B 58 2.00 -17.27 40.63
N GLN B 59 3.03 -17.85 40.00
CA GLN B 59 2.95 -18.16 38.58
C GLN B 59 1.85 -19.17 38.28
N ARG B 60 1.75 -20.21 39.11
CA ARG B 60 0.69 -21.20 38.94
C ARG B 60 -0.68 -20.54 38.97
N VAL B 61 -0.94 -19.73 40.00
CA VAL B 61 -2.25 -19.11 40.15
C VAL B 61 -2.54 -18.16 39.00
N LEU B 62 -1.54 -17.35 38.61
CA LEU B 62 -1.76 -16.40 37.52
C LEU B 62 -2.08 -17.13 36.23
N ILE B 63 -1.30 -18.15 35.90
CA ILE B 63 -1.53 -18.88 34.65
C ILE B 63 -2.89 -19.57 34.67
N PHE B 64 -3.23 -20.20 35.79
CA PHE B 64 -4.52 -20.89 35.88
C PHE B 64 -5.68 -19.91 35.72
N ILE B 65 -5.61 -18.78 36.41
CA ILE B 65 -6.67 -17.79 36.32
C ILE B 65 -6.79 -17.26 34.90
N LEU B 66 -5.66 -16.94 34.27
CA LEU B 66 -5.71 -16.42 32.91
C LEU B 66 -6.29 -17.43 31.94
N LEU B 67 -5.88 -18.70 32.06
CA LEU B 67 -6.41 -19.72 31.18
C LEU B 67 -7.92 -19.90 31.38
N THR B 68 -8.36 -19.98 32.63
CA THR B 68 -9.78 -20.18 32.89
C THR B 68 -10.60 -18.99 32.43
N ALA B 69 -10.03 -17.79 32.50
CA ALA B 69 -10.75 -16.60 32.06
C ALA B 69 -10.77 -16.45 30.54
N VAL B 70 -9.72 -16.92 29.86
CA VAL B 70 -9.66 -16.74 28.41
C VAL B 70 -10.38 -17.86 27.67
N ALA B 71 -10.49 -19.05 28.24
CA ALA B 71 -11.15 -20.14 27.55
C ALA B 71 -12.60 -19.81 27.20
N PRO B 72 -13.41 -19.26 28.11
CA PRO B 72 -14.82 -18.97 27.76
C PRO B 72 -14.97 -17.79 26.81
N SER B 73 -13.88 -17.09 26.51
CA SER B 73 -13.98 -15.83 25.79
C SER B 73 -13.40 -15.86 24.38
N MET B 74 -12.73 -16.94 23.97
CA MET B 74 -12.12 -17.01 22.65
C MET B 74 -13.13 -17.57 21.66
N THR B 75 -13.28 -16.90 20.52
CA THR B 75 -14.17 -17.34 19.46
C THR B 75 -15.56 -17.69 19.99
N MET C 1 10.92 -40.08 -47.67
CA MET C 1 12.25 -39.50 -47.64
C MET C 1 12.24 -38.05 -47.19
N ARG C 2 11.10 -37.62 -46.63
CA ARG C 2 10.95 -36.23 -46.24
C ARG C 2 11.95 -35.79 -45.17
N CYS C 3 12.52 -36.74 -44.43
CA CYS C 3 13.51 -36.39 -43.42
C CYS C 3 14.88 -36.04 -44.00
N ILE C 4 15.17 -36.45 -45.23
CA ILE C 4 16.46 -36.15 -45.83
C ILE C 4 16.51 -34.64 -46.06
N GLY C 5 17.34 -33.94 -45.27
CA GLY C 5 17.42 -32.50 -45.34
C GLY C 5 16.98 -31.77 -44.08
N ILE C 6 16.65 -32.48 -43.01
CA ILE C 6 16.24 -31.89 -41.74
C ILE C 6 17.38 -32.07 -40.75
N SER C 7 17.76 -30.98 -40.09
CA SER C 7 18.87 -31.04 -39.14
C SER C 7 18.50 -31.80 -37.88
N ASN C 8 17.22 -31.80 -37.50
CA ASN C 8 16.76 -32.48 -36.30
C ASN C 8 16.29 -33.90 -36.58
N ARG C 9 16.85 -34.55 -37.59
CA ARG C 9 16.47 -35.92 -37.94
C ARG C 9 17.02 -36.91 -36.92
N ASP C 10 16.24 -37.97 -36.68
CA ASP C 10 16.63 -39.06 -35.80
C ASP C 10 16.41 -40.38 -36.49
N PHE C 11 17.37 -41.29 -36.33
CA PHE C 11 17.29 -42.64 -36.88
C PHE C 11 16.91 -43.61 -35.76
N VAL C 12 15.83 -44.35 -35.97
CA VAL C 12 15.37 -45.37 -35.03
C VAL C 12 15.56 -46.72 -35.69
N GLU C 13 16.38 -47.57 -35.08
CA GLU C 13 16.73 -48.87 -35.65
C GLU C 13 16.20 -49.98 -34.75
N GLY C 14 15.52 -50.94 -35.34
CA GLY C 14 15.12 -52.13 -34.64
C GLY C 14 13.71 -52.05 -34.07
N VAL C 15 13.10 -53.22 -33.93
CA VAL C 15 11.81 -53.37 -33.28
C VAL C 15 11.95 -54.41 -32.18
N SER C 16 10.87 -54.59 -31.43
CA SER C 16 10.86 -55.52 -30.31
C SER C 16 10.45 -56.91 -30.79
N GLY C 17 10.20 -57.82 -29.84
CA GLY C 17 9.69 -59.13 -30.21
C GLY C 17 8.36 -59.05 -30.93
N GLY C 18 7.50 -58.13 -30.48
CA GLY C 18 6.24 -57.89 -31.15
C GLY C 18 6.32 -57.08 -32.41
N SER C 19 7.53 -56.69 -32.81
CA SER C 19 7.74 -55.92 -34.04
C SER C 19 7.21 -54.50 -33.94
N TRP C 20 7.25 -53.93 -32.73
CA TRP C 20 6.85 -52.55 -32.51
C TRP C 20 8.00 -51.78 -31.91
N VAL C 21 8.06 -50.49 -32.24
CA VAL C 21 9.01 -49.56 -31.64
C VAL C 21 8.25 -48.29 -31.30
N ASP C 22 8.44 -47.79 -30.08
CA ASP C 22 7.80 -46.57 -29.65
C ASP C 22 8.73 -45.39 -29.91
N ILE C 23 8.19 -44.35 -30.54
CA ILE C 23 8.98 -43.18 -30.93
C ILE C 23 8.28 -41.94 -30.40
N VAL C 24 9.07 -40.87 -30.26
CA VAL C 24 8.56 -39.57 -29.85
C VAL C 24 8.72 -38.64 -31.04
N LEU C 25 7.61 -38.04 -31.48
CA LEU C 25 7.60 -37.13 -32.61
C LEU C 25 7.50 -35.70 -32.11
N GLU C 26 8.52 -34.90 -32.39
CA GLU C 26 8.55 -33.49 -32.02
C GLU C 26 8.23 -32.64 -33.24
N HIS C 27 7.60 -31.50 -33.00
CA HIS C 27 7.41 -30.52 -34.06
C HIS C 27 8.75 -29.93 -34.47
N GLY C 28 8.94 -29.77 -35.78
CA GLY C 28 10.22 -29.35 -36.30
C GLY C 28 11.25 -30.45 -36.39
N SER C 29 10.90 -31.68 -36.05
CA SER C 29 11.79 -32.83 -36.14
C SER C 29 11.01 -33.99 -36.74
N CYS C 30 11.74 -34.94 -37.29
CA CYS C 30 11.13 -36.14 -37.85
C CYS C 30 12.05 -37.33 -37.61
N VAL C 31 11.45 -38.51 -37.58
CA VAL C 31 12.12 -39.73 -37.19
C VAL C 31 12.12 -40.69 -38.37
N THR C 32 13.29 -41.22 -38.70
CA THR C 32 13.42 -42.26 -39.71
C THR C 32 13.58 -43.60 -39.00
N THR C 33 12.61 -44.48 -39.21
CA THR C 33 12.59 -45.80 -38.57
C THR C 33 12.88 -46.87 -39.59
N MET C 34 13.78 -47.78 -39.25
CA MET C 34 14.10 -48.93 -40.09
C MET C 34 14.27 -50.16 -39.24
N ALA C 35 13.94 -51.31 -39.81
CA ALA C 35 14.12 -52.60 -39.15
C ALA C 35 14.45 -53.63 -40.21
N LYS C 36 15.01 -54.75 -39.77
CA LYS C 36 15.40 -55.82 -40.69
C LYS C 36 14.20 -56.24 -41.54
N ASN C 37 14.31 -56.01 -42.85
CA ASN C 37 13.29 -56.44 -43.80
C ASN C 37 12.00 -55.62 -43.64
N LYS C 38 12.15 -54.32 -43.42
CA LYS C 38 11.02 -53.42 -43.26
C LYS C 38 11.18 -52.22 -44.19
N PRO C 39 10.07 -51.57 -44.55
CA PRO C 39 10.12 -50.53 -45.60
C PRO C 39 10.77 -49.21 -45.18
N THR C 40 11.26 -49.04 -43.96
CA THR C 40 12.04 -47.86 -43.60
C THR C 40 11.24 -46.56 -43.81
N LEU C 41 10.24 -46.38 -42.96
CA LEU C 41 9.37 -45.22 -43.02
C LEU C 41 10.01 -44.00 -42.36
N ASP C 42 9.62 -42.82 -42.84
CA ASP C 42 9.93 -41.54 -42.19
C ASP C 42 8.67 -41.00 -41.54
N PHE C 43 8.80 -40.52 -40.31
CA PHE C 43 7.68 -39.98 -39.54
C PHE C 43 7.96 -38.54 -39.16
N GLU C 44 7.00 -37.65 -39.42
CA GLU C 44 7.10 -36.27 -38.97
C GLU C 44 5.74 -35.81 -38.44
N LEU C 45 5.77 -35.09 -37.31
CA LEU C 45 4.58 -34.50 -36.73
C LEU C 45 4.46 -33.07 -37.25
N ILE C 46 3.40 -32.80 -38.01
CA ILE C 46 3.32 -31.56 -38.77
C ILE C 46 2.22 -30.63 -38.29
N LYS C 47 1.31 -31.08 -37.43
CA LYS C 47 0.21 -30.24 -37.00
C LYS C 47 -0.30 -30.71 -35.64
N THR C 48 -0.77 -29.74 -34.85
CA THR C 48 -1.43 -30.01 -33.58
C THR C 48 -2.57 -29.01 -33.45
N GLU C 49 -3.80 -29.50 -33.45
CA GLU C 49 -4.97 -28.64 -33.43
C GLU C 49 -5.70 -28.75 -32.09
N ALA C 50 -6.25 -27.62 -31.67
CA ALA C 50 -7.10 -27.55 -30.47
C ALA C 50 -8.49 -27.08 -30.89
N LYS C 51 -9.51 -27.82 -30.47
CA LYS C 51 -10.88 -27.55 -30.85
C LYS C 51 -11.73 -27.26 -29.63
N HIS C 52 -12.76 -26.44 -29.82
CA HIS C 52 -13.71 -26.08 -28.78
C HIS C 52 -13.02 -25.57 -27.51
N PRO C 53 -12.25 -24.50 -27.61
CA PRO C 53 -11.63 -23.93 -26.40
C PRO C 53 -12.62 -23.10 -25.60
N ALA C 54 -12.37 -23.04 -24.29
CA ALA C 54 -13.13 -22.21 -23.38
C ALA C 54 -12.27 -21.03 -22.94
N THR C 55 -12.83 -19.82 -23.04
CA THR C 55 -12.12 -18.63 -22.58
C THR C 55 -12.04 -18.64 -21.07
N LEU C 56 -10.83 -18.86 -20.54
CA LEU C 56 -10.65 -18.91 -19.10
C LEU C 56 -10.77 -17.52 -18.48
N ARG C 57 -10.15 -16.53 -19.10
CA ARG C 57 -10.10 -15.18 -18.55
C ARG C 57 -9.84 -14.19 -19.67
N LYS C 58 -10.21 -12.94 -19.43
CA LYS C 58 -9.92 -11.84 -20.33
C LYS C 58 -9.14 -10.77 -19.58
N TYR C 59 -8.22 -10.12 -20.27
CA TYR C 59 -7.41 -9.06 -19.69
C TYR C 59 -7.54 -7.80 -20.54
N CYS C 60 -7.38 -6.66 -19.88
CA CYS C 60 -7.38 -5.38 -20.56
C CYS C 60 -5.94 -4.90 -20.70
N ILE C 61 -5.52 -4.65 -21.93
CA ILE C 61 -4.19 -4.10 -22.20
C ILE C 61 -4.26 -2.66 -22.66
N GLU C 62 -5.45 -2.10 -22.82
CA GLU C 62 -5.63 -0.74 -23.33
C GLU C 62 -6.99 -0.25 -22.89
N ALA C 63 -7.01 0.79 -22.07
CA ALA C 63 -8.24 1.32 -21.51
C ALA C 63 -8.26 2.84 -21.65
N LYS C 64 -9.44 3.41 -21.50
CA LYS C 64 -9.62 4.85 -21.48
C LYS C 64 -10.41 5.25 -20.24
N LEU C 65 -10.39 6.54 -19.94
CA LEU C 65 -11.10 7.10 -18.80
C LEU C 65 -12.03 8.21 -19.26
N THR C 66 -13.24 8.23 -18.71
CA THR C 66 -14.20 9.29 -18.99
C THR C 66 -14.97 9.57 -17.70
N ASN C 67 -15.74 10.66 -17.73
CA ASN C 67 -16.63 11.00 -16.61
C ASN C 67 -15.85 11.14 -15.30
N THR C 68 -14.71 11.82 -15.36
CA THR C 68 -13.91 12.03 -14.17
C THR C 68 -14.61 13.00 -13.24
N THR C 69 -14.91 12.55 -12.02
CA THR C 69 -15.57 13.38 -11.02
C THR C 69 -14.80 13.26 -9.71
N THR C 70 -15.02 14.22 -8.83
CA THR C 70 -14.34 14.28 -7.55
C THR C 70 -15.24 14.89 -6.51
N ALA C 71 -14.98 14.54 -5.26
CA ALA C 71 -15.71 15.10 -4.12
C ALA C 71 -14.75 15.22 -2.95
N SER C 72 -15.04 16.16 -2.07
CA SER C 72 -14.16 16.47 -0.95
C SER C 72 -14.96 16.60 0.33
N ARG C 73 -14.30 16.38 1.45
CA ARG C 73 -14.89 16.44 2.77
C ARG C 73 -14.02 17.31 3.66
N CYS C 74 -14.65 18.14 4.48
CA CYS C 74 -13.91 18.99 5.40
C CYS C 74 -13.17 18.13 6.43
N PRO C 75 -12.08 18.64 6.98
CA PRO C 75 -11.29 17.84 7.93
C PRO C 75 -12.12 17.43 9.15
N THR C 76 -11.80 16.25 9.67
CA THR C 76 -12.43 15.67 10.85
C THR C 76 -13.86 15.21 10.59
N GLN C 77 -14.37 15.40 9.37
CA GLN C 77 -15.78 15.17 9.07
C GLN C 77 -16.00 13.90 8.26
N GLY C 78 -15.07 12.96 8.31
CA GLY C 78 -15.20 11.73 7.56
C GLY C 78 -14.70 11.87 6.13
N GLU C 79 -15.09 10.92 5.33
CA GLU C 79 -14.63 10.88 3.96
C GLU C 79 -15.72 11.37 3.00
N PRO C 80 -15.32 11.86 1.83
CA PRO C 80 -16.31 12.32 0.87
C PRO C 80 -17.00 11.16 0.17
N SER C 81 -18.14 11.46 -0.44
CA SER C 81 -18.95 10.45 -1.11
C SER C 81 -19.27 10.89 -2.52
N LEU C 82 -19.08 9.99 -3.47
CA LEU C 82 -19.54 10.17 -4.85
C LEU C 82 -20.50 9.05 -5.21
N ASN C 83 -21.50 9.39 -6.02
CA ASN C 83 -22.44 8.37 -6.48
C ASN C 83 -21.77 7.38 -7.42
N GLU C 84 -20.71 7.79 -8.11
CA GLU C 84 -20.00 6.88 -9.01
C GLU C 84 -19.37 5.71 -8.26
N GLU C 85 -19.14 5.85 -6.96
CA GLU C 85 -18.52 4.79 -6.20
C GLU C 85 -19.40 3.54 -6.13
N GLN C 86 -20.69 3.67 -6.41
CA GLN C 86 -21.58 2.51 -6.39
C GLN C 86 -21.34 1.63 -7.62
N ASP C 87 -21.04 2.23 -8.76
CA ASP C 87 -20.77 1.47 -9.97
C ASP C 87 -19.34 0.96 -9.96
N LYS C 88 -19.19 -0.36 -10.15
CA LYS C 88 -17.87 -0.97 -10.13
C LYS C 88 -17.03 -0.65 -11.35
N ARG C 89 -17.65 -0.14 -12.41
CA ARG C 89 -16.90 0.26 -13.61
C ARG C 89 -16.24 1.62 -13.48
N PHE C 90 -16.38 2.27 -12.34
CA PHE C 90 -15.65 3.50 -12.04
C PHE C 90 -14.49 3.17 -11.11
N VAL C 91 -13.31 3.67 -11.45
CA VAL C 91 -12.11 3.48 -10.63
C VAL C 91 -12.02 4.67 -9.69
N CYS C 92 -12.22 4.43 -8.41
CA CYS C 92 -12.23 5.48 -7.41
C CYS C 92 -11.04 5.34 -6.47
N LYS C 93 -10.65 6.46 -5.88
CA LYS C 93 -9.50 6.51 -4.98
C LYS C 93 -9.73 7.58 -3.94
N HIS C 94 -9.39 7.27 -2.69
CA HIS C 94 -9.46 8.23 -1.60
C HIS C 94 -8.07 8.74 -1.27
N SER C 95 -7.96 10.03 -1.01
CA SER C 95 -6.71 10.65 -0.60
C SER C 95 -7.04 11.71 0.45
N MET C 96 -6.05 12.55 0.74
CA MET C 96 -6.24 13.70 1.60
C MET C 96 -5.64 14.93 0.92
N VAL C 97 -6.27 16.08 1.14
CA VAL C 97 -5.81 17.34 0.57
C VAL C 97 -5.98 18.43 1.62
N ASP C 98 -5.03 19.36 1.65
CA ASP C 98 -5.08 20.46 2.60
C ASP C 98 -6.37 21.25 2.44
N ARG C 99 -7.02 21.53 3.57
CA ARG C 99 -8.25 22.32 3.58
C ARG C 99 -8.11 23.48 4.56
N GLY C 100 -8.89 24.52 4.32
CA GLY C 100 -8.83 25.69 5.17
C GLY C 100 -9.79 26.75 4.69
N TRP C 101 -9.68 27.93 5.30
CA TRP C 101 -10.55 29.03 4.94
C TRP C 101 -10.40 29.40 3.46
N GLY C 102 -9.21 29.23 2.91
CA GLY C 102 -9.00 29.58 1.51
C GLY C 102 -9.82 28.74 0.55
N ASN C 103 -9.95 27.44 0.83
CA ASN C 103 -10.61 26.52 -0.08
C ASN C 103 -11.99 26.09 0.39
N GLY C 104 -12.55 26.72 1.42
CA GLY C 104 -13.96 26.61 1.72
C GLY C 104 -14.35 25.81 2.95
N CYS C 105 -13.41 25.42 3.80
CA CYS C 105 -13.73 24.71 5.02
C CYS C 105 -13.47 25.62 6.23
N GLY C 106 -14.18 25.33 7.32
CA GLY C 106 -13.99 26.03 8.56
C GLY C 106 -12.86 25.53 9.41
N LEU C 107 -12.19 24.46 9.00
CA LEU C 107 -11.08 23.88 9.73
C LEU C 107 -9.84 23.87 8.85
N PHE C 108 -8.69 23.64 9.47
CA PHE C 108 -7.38 23.76 8.82
C PHE C 108 -6.61 22.45 8.86
N GLY C 109 -7.24 21.36 8.45
CA GLY C 109 -6.55 20.08 8.43
C GLY C 109 -6.51 19.41 7.08
N LYS C 110 -6.26 18.11 7.08
CA LYS C 110 -6.33 17.28 5.89
C LYS C 110 -7.75 16.77 5.72
N GLY C 111 -8.44 17.25 4.68
CA GLY C 111 -9.77 16.78 4.39
C GLY C 111 -9.80 15.66 3.38
N GLY C 112 -10.86 14.86 3.45
CA GLY C 112 -10.98 13.74 2.54
C GLY C 112 -11.32 14.16 1.13
N ILE C 113 -10.77 13.43 0.17
CA ILE C 113 -11.02 13.65 -1.25
C ILE C 113 -11.15 12.30 -1.94
N VAL C 114 -12.09 12.20 -2.86
CA VAL C 114 -12.30 10.99 -3.64
C VAL C 114 -12.40 11.36 -5.11
N THR C 115 -11.69 10.62 -5.96
CA THR C 115 -11.73 10.81 -7.40
C THR C 115 -12.23 9.54 -8.05
N CYS C 116 -13.10 9.67 -9.05
CA CYS C 116 -13.66 8.54 -9.77
C CYS C 116 -13.61 8.82 -11.26
N ALA C 117 -13.66 7.74 -12.04
CA ALA C 117 -13.65 7.85 -13.49
C ALA C 117 -14.11 6.54 -14.12
N MET C 118 -14.97 6.61 -15.14
CA MET C 118 -15.39 5.41 -15.83
C MET C 118 -14.20 4.75 -16.51
N PHE C 119 -14.09 3.44 -16.35
CA PHE C 119 -13.01 2.64 -16.91
C PHE C 119 -13.59 1.81 -18.04
N THR C 120 -13.18 2.12 -19.28
CA THR C 120 -13.65 1.41 -20.46
C THR C 120 -12.46 0.75 -21.14
N CYS C 121 -12.57 -0.53 -21.43
CA CYS C 121 -11.47 -1.26 -22.06
C CYS C 121 -11.50 -1.06 -23.57
N LYS C 122 -10.32 -1.00 -24.16
CA LYS C 122 -10.16 -0.81 -25.60
C LYS C 122 -9.58 -2.02 -26.30
N LYS C 123 -8.63 -2.71 -25.68
CA LYS C 123 -7.98 -3.88 -26.26
C LYS C 123 -7.96 -5.01 -25.25
N ASN C 124 -8.17 -6.23 -25.74
CA ASN C 124 -8.27 -7.42 -24.91
C ASN C 124 -7.10 -8.35 -25.13
N MET C 125 -6.91 -9.26 -24.18
CA MET C 125 -5.88 -10.29 -24.19
C MET C 125 -6.48 -11.63 -23.78
N GLU C 126 -7.57 -12.01 -24.43
CA GLU C 126 -8.32 -13.21 -24.08
C GLU C 126 -7.41 -14.44 -24.02
N GLY C 127 -7.67 -15.29 -23.03
CA GLY C 127 -6.94 -16.53 -22.87
C GLY C 127 -7.85 -17.74 -22.77
N LYS C 128 -7.54 -18.80 -23.50
CA LYS C 128 -8.44 -19.93 -23.67
C LYS C 128 -7.79 -21.21 -23.15
N ILE C 129 -8.64 -22.20 -22.90
CA ILE C 129 -8.21 -23.53 -22.46
C ILE C 129 -8.93 -24.57 -23.29
N VAL C 130 -8.30 -25.74 -23.41
CA VAL C 130 -8.86 -26.85 -24.16
C VAL C 130 -8.65 -28.14 -23.37
N GLN C 131 -9.63 -29.03 -23.41
CA GLN C 131 -9.40 -30.36 -22.85
C GLN C 131 -8.59 -31.20 -23.84
N PRO C 132 -7.80 -32.15 -23.33
CA PRO C 132 -7.02 -33.01 -24.24
C PRO C 132 -7.86 -33.79 -25.21
N GLU C 133 -9.16 -33.97 -24.94
CA GLU C 133 -10.03 -34.69 -25.86
C GLU C 133 -10.05 -34.02 -27.23
N ASN C 134 -10.09 -32.69 -27.26
CA ASN C 134 -10.13 -31.94 -28.50
C ASN C 134 -8.71 -31.52 -28.91
N LEU C 135 -7.87 -32.53 -29.11
CA LEU C 135 -6.44 -32.35 -29.27
C LEU C 135 -5.91 -33.15 -30.46
N GLU C 136 -6.53 -32.97 -31.62
CA GLU C 136 -6.14 -33.72 -32.81
C GLU C 136 -4.68 -33.47 -33.18
N TYR C 137 -3.99 -34.52 -33.59
CA TYR C 137 -2.62 -34.45 -34.09
C TYR C 137 -2.57 -34.93 -35.53
N THR C 138 -1.76 -34.27 -36.34
CA THR C 138 -1.57 -34.64 -37.74
C THR C 138 -0.14 -35.13 -37.94
N ILE C 139 0.01 -36.36 -38.39
CA ILE C 139 1.30 -36.97 -38.65
C ILE C 139 1.34 -37.40 -40.11
N VAL C 140 2.50 -37.26 -40.74
CA VAL C 140 2.71 -37.67 -42.12
C VAL C 140 3.76 -38.78 -42.12
N ILE C 141 3.44 -39.90 -42.76
CA ILE C 141 4.35 -41.03 -42.91
C ILE C 141 4.74 -41.10 -44.37
N THR C 142 6.04 -41.13 -44.63
CA THR C 142 6.56 -41.19 -45.99
C THR C 142 7.46 -42.40 -46.16
N PRO C 143 7.05 -43.41 -46.93
CA PRO C 143 7.98 -44.46 -47.31
C PRO C 143 9.07 -43.87 -48.19
N HIS C 144 10.28 -44.43 -48.07
CA HIS C 144 11.39 -43.90 -48.85
C HIS C 144 11.12 -44.07 -50.34
N SER C 145 11.08 -45.32 -50.81
CA SER C 145 10.62 -45.62 -52.17
C SER C 145 11.49 -44.99 -53.25
N GLY C 146 12.52 -44.24 -52.88
CA GLY C 146 13.39 -43.60 -53.85
C GLY C 146 12.70 -42.90 -54.99
N GLU C 147 11.52 -42.33 -54.76
CA GLU C 147 10.80 -41.63 -55.81
C GLU C 147 11.57 -40.39 -56.25
N GLU C 148 11.35 -39.97 -57.50
CA GLU C 148 12.21 -38.96 -58.11
C GLU C 148 12.24 -37.66 -57.31
N ASN C 149 11.06 -37.16 -56.93
CA ASN C 149 10.97 -35.86 -56.27
C ASN C 149 10.68 -35.99 -54.77
N ALA C 150 10.84 -37.18 -54.20
CA ALA C 150 10.50 -37.43 -52.81
C ALA C 150 11.70 -37.31 -51.87
N VAL C 151 12.86 -36.88 -52.37
CA VAL C 151 14.08 -36.92 -51.57
C VAL C 151 13.93 -36.01 -50.34
N GLY C 152 13.35 -34.83 -50.52
CA GLY C 152 13.15 -33.93 -49.39
C GLY C 152 11.83 -33.19 -49.47
N GLN C 153 10.88 -33.73 -50.24
CA GLN C 153 9.62 -33.05 -50.48
C GLN C 153 8.79 -33.03 -49.19
N ASP C 154 8.48 -31.83 -48.72
CA ASP C 154 7.63 -31.64 -47.55
C ASP C 154 6.19 -31.33 -47.90
N THR C 155 5.84 -31.32 -49.19
CA THR C 155 4.47 -31.01 -49.59
C THR C 155 3.49 -32.09 -49.20
N GLY C 156 3.97 -33.30 -48.90
CA GLY C 156 3.11 -34.41 -48.54
C GLY C 156 2.88 -35.42 -49.64
N LYS C 157 3.30 -35.14 -50.87
CA LYS C 157 3.17 -36.11 -51.94
C LYS C 157 4.03 -37.33 -51.66
N HIS C 158 3.52 -38.49 -52.06
CA HIS C 158 4.13 -39.80 -51.84
C HIS C 158 3.99 -40.27 -50.39
N GLY C 159 3.45 -39.45 -49.49
CA GLY C 159 3.28 -39.84 -48.12
C GLY C 159 1.84 -39.71 -47.70
N LYS C 160 1.49 -40.47 -46.66
CA LYS C 160 0.15 -40.49 -46.10
C LYS C 160 0.17 -39.81 -44.74
N GLU C 161 -0.76 -38.88 -44.51
CA GLU C 161 -0.87 -38.17 -43.25
C GLU C 161 -2.04 -38.73 -42.46
N ILE C 162 -1.79 -39.09 -41.21
CA ILE C 162 -2.80 -39.67 -40.34
C ILE C 162 -3.09 -38.68 -39.21
N LYS C 163 -4.36 -38.65 -38.80
CA LYS C 163 -4.80 -37.79 -37.71
C LYS C 163 -4.94 -38.62 -36.44
N VAL C 164 -4.26 -38.20 -35.38
CA VAL C 164 -4.23 -38.91 -34.11
C VAL C 164 -5.02 -38.10 -33.10
N THR C 165 -6.04 -38.71 -32.52
CA THR C 165 -6.91 -38.08 -31.55
C THR C 165 -7.10 -39.00 -30.35
N PRO C 166 -7.45 -38.45 -29.20
CA PRO C 166 -7.71 -39.30 -28.03
C PRO C 166 -8.90 -40.24 -28.22
N GLN C 167 -9.79 -39.96 -29.17
CA GLN C 167 -10.95 -40.83 -29.38
C GLN C 167 -10.53 -42.25 -29.76
N SER C 168 -9.55 -42.38 -30.64
CA SER C 168 -9.08 -43.67 -31.11
C SER C 168 -7.63 -43.85 -30.71
N SER C 169 -7.33 -44.94 -30.00
CA SER C 169 -5.95 -45.23 -29.63
C SER C 169 -5.15 -45.78 -30.80
N ILE C 170 -5.81 -46.32 -31.81
CA ILE C 170 -5.15 -46.96 -32.95
C ILE C 170 -5.39 -46.10 -34.19
N THR C 171 -4.31 -45.76 -34.88
CA THR C 171 -4.37 -45.06 -36.16
C THR C 171 -3.77 -45.96 -37.22
N GLU C 172 -4.51 -46.18 -38.30
CA GLU C 172 -4.09 -47.06 -39.38
C GLU C 172 -3.85 -46.25 -40.64
N ALA C 173 -2.69 -46.48 -41.26
CA ALA C 173 -2.35 -45.88 -42.56
C ALA C 173 -2.06 -46.99 -43.54
N GLU C 174 -2.71 -46.95 -44.69
CA GLU C 174 -2.48 -47.91 -45.77
C GLU C 174 -1.50 -47.27 -46.75
N LEU C 175 -0.24 -47.69 -46.67
CA LEU C 175 0.80 -47.17 -47.56
C LEU C 175 0.82 -48.04 -48.81
N THR C 176 0.43 -47.45 -49.94
CA THR C 176 0.30 -48.22 -51.17
C THR C 176 1.60 -48.92 -51.50
N GLY C 177 1.54 -50.24 -51.69
CA GLY C 177 2.71 -51.03 -51.98
C GLY C 177 3.54 -51.41 -50.77
N TYR C 178 3.25 -50.85 -49.60
CA TYR C 178 4.03 -51.10 -48.40
C TYR C 178 3.24 -51.76 -47.28
N GLY C 179 1.95 -51.98 -47.47
CA GLY C 179 1.13 -52.57 -46.43
C GLY C 179 0.50 -51.51 -45.54
N THR C 180 0.19 -51.87 -44.30
CA THR C 180 -0.44 -50.96 -43.35
C THR C 180 0.49 -50.71 -42.18
N VAL C 181 0.48 -49.48 -41.69
CA VAL C 181 1.26 -49.08 -40.53
C VAL C 181 0.30 -48.67 -39.42
N THR C 182 0.50 -49.24 -38.24
CA THR C 182 -0.35 -48.98 -37.08
C THR C 182 0.40 -48.11 -36.08
N MET C 183 -0.26 -47.07 -35.59
CA MET C 183 0.33 -46.17 -34.60
C MET C 183 -0.54 -46.17 -33.35
N GLU C 184 0.08 -46.40 -32.20
CA GLU C 184 -0.57 -46.29 -30.90
C GLU C 184 0.05 -45.07 -30.22
N CYS C 185 -0.53 -43.91 -30.45
CA CYS C 185 0.00 -42.66 -29.95
C CYS C 185 -0.75 -42.21 -28.71
N SER C 186 -0.03 -41.56 -27.80
CA SER C 186 -0.63 -41.08 -26.56
C SER C 186 -0.78 -39.57 -26.61
N PRO C 187 -1.85 -39.05 -27.23
CA PRO C 187 -2.02 -37.60 -27.28
C PRO C 187 -2.23 -36.95 -25.93
N ARG C 188 -2.60 -37.72 -24.91
CA ARG C 188 -2.88 -37.16 -23.59
C ARG C 188 -1.63 -36.92 -22.76
N THR C 189 -0.49 -37.50 -23.14
CA THR C 189 0.73 -37.41 -22.34
C THR C 189 1.79 -36.51 -22.98
N GLY C 190 1.40 -35.73 -23.99
CA GLY C 190 2.34 -34.84 -24.64
C GLY C 190 2.38 -33.49 -23.95
N LEU C 191 2.02 -32.43 -24.66
CA LEU C 191 1.85 -31.14 -24.01
C LEU C 191 0.76 -31.26 -22.94
N ASP C 192 1.08 -30.80 -21.73
CA ASP C 192 0.16 -30.97 -20.61
C ASP C 192 -0.90 -29.88 -20.67
N PHE C 193 -1.86 -30.08 -21.57
CA PHE C 193 -3.00 -29.20 -21.64
C PHE C 193 -3.86 -29.35 -20.40
N ASN C 194 -4.72 -28.36 -20.17
CA ASN C 194 -5.57 -28.18 -18.99
C ASN C 194 -4.75 -27.70 -17.79
N GLU C 195 -3.43 -27.61 -17.96
CA GLU C 195 -2.61 -26.75 -17.14
C GLU C 195 -1.87 -25.72 -17.97
N MET C 196 -2.26 -25.52 -19.23
CA MET C 196 -1.74 -24.50 -20.10
C MET C 196 -2.88 -23.64 -20.62
N VAL C 197 -2.55 -22.42 -20.99
CA VAL C 197 -3.52 -21.45 -21.50
C VAL C 197 -3.12 -21.09 -22.92
N LEU C 198 -4.13 -20.96 -23.79
CA LEU C 198 -3.94 -20.46 -25.15
C LEU C 198 -4.25 -18.97 -25.12
N LEU C 199 -3.20 -18.16 -25.15
CA LEU C 199 -3.31 -16.72 -24.96
C LEU C 199 -3.30 -16.03 -26.32
N GLN C 200 -4.38 -15.33 -26.63
CA GLN C 200 -4.52 -14.59 -27.88
C GLN C 200 -4.47 -13.10 -27.59
N MET C 201 -3.71 -12.37 -28.42
CA MET C 201 -3.57 -10.92 -28.25
C MET C 201 -3.22 -10.31 -29.60
N GLU C 202 -4.16 -9.57 -30.19
CA GLU C 202 -3.92 -8.81 -31.40
C GLU C 202 -3.31 -9.69 -32.50
N ASN C 203 -4.11 -10.66 -32.93
CA ASN C 203 -3.75 -11.56 -34.04
C ASN C 203 -2.42 -12.27 -33.81
N LYS C 204 -2.03 -12.41 -32.55
CA LYS C 204 -0.91 -13.26 -32.18
C LYS C 204 -1.34 -14.11 -30.99
N ALA C 205 -0.78 -15.31 -30.91
CA ALA C 205 -1.14 -16.26 -29.87
C ALA C 205 0.12 -16.86 -29.27
N TRP C 206 -0.02 -17.37 -28.05
CA TRP C 206 1.08 -18.03 -27.36
C TRP C 206 0.51 -19.14 -26.49
N LEU C 207 1.33 -20.15 -26.25
CA LEU C 207 1.00 -21.23 -25.34
C LEU C 207 1.70 -20.93 -24.02
N VAL C 208 0.92 -20.67 -22.98
CA VAL C 208 1.44 -20.10 -21.75
C VAL C 208 1.02 -20.97 -20.56
N HIS C 209 1.75 -20.80 -19.46
CA HIS C 209 1.46 -21.53 -18.25
C HIS C 209 0.20 -20.99 -17.60
N ARG C 210 -0.68 -21.90 -17.16
CA ARG C 210 -1.97 -21.49 -16.64
C ARG C 210 -1.82 -20.61 -15.40
N GLN C 211 -0.97 -21.02 -14.45
CA GLN C 211 -0.79 -20.24 -13.24
C GLN C 211 -0.15 -18.89 -13.53
N TRP C 212 0.87 -18.88 -14.39
CA TRP C 212 1.52 -17.62 -14.77
C TRP C 212 0.54 -16.68 -15.45
N PHE C 213 -0.42 -17.23 -16.20
CA PHE C 213 -1.42 -16.40 -16.86
C PHE C 213 -2.48 -15.91 -15.88
N LEU C 214 -2.82 -16.71 -14.88
CA LEU C 214 -3.76 -16.24 -13.86
C LEU C 214 -3.12 -15.24 -12.92
N ASP C 215 -1.80 -15.21 -12.83
CA ASP C 215 -1.09 -14.27 -11.98
C ASP C 215 -0.76 -12.95 -12.67
N LEU C 216 -1.21 -12.77 -13.91
CA LEU C 216 -0.82 -11.58 -14.67
C LEU C 216 -1.42 -10.33 -14.02
N PRO C 217 -0.62 -9.31 -13.73
CA PRO C 217 -1.11 -8.09 -13.06
C PRO C 217 -1.76 -7.09 -14.00
N LEU C 218 -2.94 -7.45 -14.50
CA LEU C 218 -3.72 -6.62 -15.38
C LEU C 218 -5.19 -6.74 -15.01
N PRO C 219 -6.01 -5.75 -15.37
CA PRO C 219 -7.45 -5.88 -15.14
C PRO C 219 -8.01 -7.04 -15.95
N TRP C 220 -8.96 -7.76 -15.36
CA TRP C 220 -9.45 -8.97 -16.00
C TRP C 220 -10.93 -9.15 -15.74
N LEU C 221 -11.58 -9.88 -16.65
CA LEU C 221 -12.96 -10.31 -16.53
C LEU C 221 -13.01 -11.81 -16.31
N PRO C 222 -14.06 -12.31 -15.66
CA PRO C 222 -14.07 -13.73 -15.27
C PRO C 222 -13.82 -14.70 -16.41
N GLY C 223 -14.31 -14.41 -17.63
CA GLY C 223 -14.32 -15.34 -18.72
C GLY C 223 -15.69 -15.90 -19.02
N ALA C 224 -16.54 -16.01 -18.00
CA ALA C 224 -17.97 -16.21 -18.16
C ALA C 224 -18.71 -14.89 -18.29
N ASP C 225 -18.01 -13.76 -18.23
CA ASP C 225 -18.63 -12.46 -18.31
C ASP C 225 -19.21 -12.24 -19.71
N THR C 226 -20.27 -11.42 -19.76
CA THR C 226 -20.94 -11.13 -21.02
C THR C 226 -21.05 -9.62 -21.24
N GLN C 227 -21.21 -8.86 -20.16
CA GLN C 227 -21.34 -7.41 -20.30
C GLN C 227 -20.00 -6.75 -20.61
N GLY C 228 -18.90 -7.37 -20.20
CA GLY C 228 -17.59 -6.84 -20.52
C GLY C 228 -17.29 -5.50 -19.89
N SER C 229 -18.02 -5.11 -18.85
CA SER C 229 -17.84 -3.81 -18.21
C SER C 229 -17.34 -3.89 -16.78
N ASN C 230 -17.59 -4.99 -16.07
CA ASN C 230 -17.16 -5.11 -14.67
C ASN C 230 -15.73 -5.65 -14.63
N TRP C 231 -14.81 -4.79 -15.05
CA TRP C 231 -13.40 -5.11 -14.98
C TRP C 231 -12.94 -5.01 -13.54
N ILE C 232 -12.22 -6.02 -13.08
CA ILE C 232 -11.71 -6.03 -11.71
C ILE C 232 -10.20 -5.97 -11.77
N GLN C 233 -9.59 -5.36 -10.75
CA GLN C 233 -8.17 -5.06 -10.72
C GLN C 233 -7.80 -3.91 -11.65
N LYS C 234 -8.76 -3.01 -11.91
CA LYS C 234 -8.51 -1.88 -12.81
C LYS C 234 -7.40 -0.97 -12.31
N GLU C 235 -7.12 -1.00 -11.01
CA GLU C 235 -6.08 -0.14 -10.45
C GLU C 235 -4.70 -0.46 -11.04
N THR C 236 -4.51 -1.68 -11.54
CA THR C 236 -3.22 -2.03 -12.13
C THR C 236 -2.97 -1.26 -13.43
N LEU C 237 -4.02 -0.70 -14.03
CA LEU C 237 -3.90 -0.01 -15.30
C LEU C 237 -4.26 1.46 -15.19
N VAL C 238 -4.16 2.04 -14.00
CA VAL C 238 -4.53 3.44 -13.77
C VAL C 238 -3.56 4.03 -12.76
N THR C 239 -3.49 5.36 -12.74
CA THR C 239 -2.64 6.08 -11.81
C THR C 239 -3.42 7.24 -11.21
N PHE C 240 -3.29 7.41 -9.90
CA PHE C 240 -3.89 8.53 -9.18
C PHE C 240 -2.77 9.46 -8.71
N LYS C 241 -2.92 10.75 -8.98
CA LYS C 241 -1.89 11.73 -8.72
C LYS C 241 -2.36 12.74 -7.68
N ASN C 242 -1.57 12.91 -6.63
CA ASN C 242 -1.79 13.96 -5.63
C ASN C 242 -0.45 14.62 -5.33
N PRO C 243 0.07 15.42 -6.26
CA PRO C 243 1.46 15.90 -6.12
C PRO C 243 1.72 16.70 -4.85
N HIS C 244 0.88 17.68 -4.54
CA HIS C 244 1.14 18.59 -3.43
C HIS C 244 0.00 18.60 -2.40
N ALA C 245 -0.81 17.55 -2.37
CA ALA C 245 -1.93 17.46 -1.43
C ALA C 245 -2.94 18.58 -1.64
N LYS C 246 -3.08 19.04 -2.88
CA LYS C 246 -4.09 20.04 -3.22
C LYS C 246 -5.20 19.48 -4.10
N LYS C 247 -4.89 18.48 -4.93
CA LYS C 247 -5.87 17.97 -5.88
C LYS C 247 -5.45 16.56 -6.29
N GLN C 248 -6.44 15.76 -6.67
CA GLN C 248 -6.21 14.37 -7.08
C GLN C 248 -6.79 14.18 -8.46
N ASP C 249 -6.05 13.48 -9.33
CA ASP C 249 -6.47 13.26 -10.70
C ASP C 249 -6.20 11.81 -11.09
N VAL C 250 -6.63 11.45 -12.29
CA VAL C 250 -6.57 10.07 -12.76
C VAL C 250 -6.11 10.05 -14.21
N VAL C 251 -5.24 9.09 -14.53
CA VAL C 251 -4.82 8.83 -15.89
C VAL C 251 -4.89 7.33 -16.13
N VAL C 252 -4.88 6.95 -17.41
CA VAL C 252 -5.22 5.56 -17.78
C VAL C 252 -4.00 4.68 -18.02
N LEU C 253 -2.79 5.23 -18.02
CA LEU C 253 -1.58 4.42 -17.89
C LEU C 253 -1.17 3.70 -19.17
N GLY C 254 -1.70 4.09 -20.33
CA GLY C 254 -1.14 3.65 -21.60
C GLY C 254 -1.27 2.18 -21.96
N SER C 255 -1.07 1.88 -23.23
CA SER C 255 -1.24 0.52 -23.74
C SER C 255 -0.15 -0.41 -23.22
N GLN C 256 -0.51 -1.69 -23.05
CA GLN C 256 0.38 -2.69 -22.48
C GLN C 256 0.75 -3.78 -23.48
N GLU C 257 0.60 -3.52 -24.78
CA GLU C 257 0.93 -4.56 -25.76
C GLU C 257 2.42 -4.88 -25.75
N GLY C 258 3.28 -3.86 -25.75
CA GLY C 258 4.71 -4.10 -25.66
C GLY C 258 5.11 -4.75 -24.36
N ALA C 259 4.49 -4.32 -23.26
CA ALA C 259 4.77 -4.94 -21.96
C ALA C 259 4.40 -6.41 -21.95
N MET C 260 3.26 -6.76 -22.55
CA MET C 260 2.87 -8.17 -22.64
C MET C 260 3.80 -8.94 -23.57
N HIS C 261 4.28 -8.31 -24.65
CA HIS C 261 5.25 -8.98 -25.50
C HIS C 261 6.54 -9.27 -24.75
N THR C 262 6.96 -8.34 -23.89
CA THR C 262 8.13 -8.60 -23.05
C THR C 262 7.84 -9.68 -22.01
N ALA C 263 6.63 -9.70 -21.47
CA ALA C 263 6.27 -10.71 -20.49
C ALA C 263 6.16 -12.10 -21.10
N LEU C 264 5.89 -12.18 -22.40
CA LEU C 264 5.79 -13.46 -23.09
C LEU C 264 7.14 -14.01 -23.52
N THR C 265 8.23 -13.52 -22.95
CA THR C 265 9.56 -14.06 -23.24
C THR C 265 9.69 -15.44 -22.61
N GLY C 266 10.05 -16.43 -23.43
CA GLY C 266 10.15 -17.80 -22.98
C GLY C 266 8.95 -18.66 -23.28
N ALA C 267 7.88 -18.09 -23.82
CA ALA C 267 6.70 -18.83 -24.23
C ALA C 267 6.70 -19.00 -25.74
N THR C 268 6.31 -20.19 -26.20
CA THR C 268 6.25 -20.47 -27.62
C THR C 268 5.02 -19.83 -28.24
N GLU C 269 5.13 -19.48 -29.52
CA GLU C 269 4.07 -18.83 -30.25
C GLU C 269 3.24 -19.85 -31.04
N ILE C 270 1.94 -19.58 -31.15
CA ILE C 270 1.02 -20.47 -31.83
C ILE C 270 0.09 -19.64 -32.71
N GLN C 271 -0.66 -20.33 -33.57
CA GLN C 271 -1.62 -19.71 -34.46
C GLN C 271 -3.02 -19.92 -33.91
N MET C 272 -3.68 -18.84 -33.51
CA MET C 272 -5.06 -18.89 -33.06
C MET C 272 -6.03 -18.16 -33.99
N SER C 273 -5.53 -17.61 -35.09
CA SER C 273 -6.39 -16.86 -35.99
C SER C 273 -7.47 -17.75 -36.59
N SER C 274 -7.11 -18.97 -36.99
CA SER C 274 -8.06 -19.92 -37.58
C SER C 274 -7.78 -21.32 -37.04
N GLY C 275 -8.46 -21.68 -35.96
CA GLY C 275 -8.48 -23.06 -35.51
C GLY C 275 -7.56 -23.43 -34.37
N ASN C 276 -6.80 -22.48 -33.81
CA ASN C 276 -5.92 -22.75 -32.68
C ASN C 276 -4.86 -23.80 -33.05
N LEU C 277 -4.05 -23.45 -34.04
CA LEU C 277 -3.04 -24.35 -34.57
C LEU C 277 -1.77 -24.23 -33.73
N LEU C 278 -1.25 -25.38 -33.29
CA LEU C 278 0.01 -25.43 -32.56
C LEU C 278 1.04 -26.14 -33.41
N PHE C 279 2.28 -25.65 -33.36
CA PHE C 279 3.39 -26.25 -34.09
C PHE C 279 4.58 -26.45 -33.17
N THR C 280 4.31 -26.74 -31.90
CA THR C 280 5.33 -27.01 -30.89
C THR C 280 4.86 -28.19 -30.06
N GLY C 281 5.82 -28.91 -29.49
CA GLY C 281 5.54 -30.06 -28.67
C GLY C 281 5.92 -31.37 -29.34
N HIS C 282 5.59 -32.45 -28.66
CA HIS C 282 5.97 -33.80 -29.07
C HIS C 282 4.77 -34.73 -29.01
N LEU C 283 4.98 -35.97 -29.41
CA LEU C 283 3.94 -36.99 -29.40
C LEU C 283 4.60 -38.36 -29.32
N LYS C 284 4.28 -39.09 -28.26
CA LYS C 284 4.82 -40.44 -28.08
C LYS C 284 3.92 -41.45 -28.80
N CYS C 285 4.50 -42.26 -29.66
CA CYS C 285 3.78 -43.26 -30.42
C CYS C 285 4.46 -44.62 -30.31
N ARG C 286 3.66 -45.67 -30.38
CA ARG C 286 4.16 -47.03 -30.53
C ARG C 286 3.86 -47.44 -31.97
N LEU C 287 4.90 -47.80 -32.71
CA LEU C 287 4.79 -48.08 -34.13
C LEU C 287 4.80 -49.58 -34.34
N ARG C 288 3.80 -50.08 -35.06
CA ARG C 288 3.66 -51.52 -35.34
C ARG C 288 4.13 -51.81 -36.75
N MET C 289 5.11 -52.71 -36.87
CA MET C 289 5.70 -53.09 -38.14
C MET C 289 5.09 -54.35 -38.74
N ASP C 290 4.08 -54.92 -38.08
CA ASP C 290 3.64 -56.28 -38.43
C ASP C 290 3.17 -56.37 -39.87
N LYS C 291 2.36 -55.42 -40.32
CA LYS C 291 1.77 -55.47 -41.65
C LYS C 291 2.54 -54.64 -42.67
N LEU C 292 3.74 -54.19 -42.33
CA LEU C 292 4.56 -53.43 -43.27
C LEU C 292 5.31 -54.38 -44.19
N GLN C 293 5.31 -54.06 -45.48
CA GLN C 293 5.97 -54.87 -46.50
C GLN C 293 7.02 -54.02 -47.20
N LEU C 294 7.96 -54.70 -47.85
CA LEU C 294 8.91 -54.07 -48.75
C LEU C 294 8.30 -54.05 -50.14
N LYS C 295 8.27 -52.86 -50.76
CA LYS C 295 7.58 -52.72 -52.04
C LYS C 295 8.26 -53.55 -53.12
N GLY C 296 9.59 -53.58 -53.12
CA GLY C 296 10.31 -54.35 -54.12
C GLY C 296 10.44 -55.82 -53.84
N MET C 297 9.96 -56.30 -52.69
CA MET C 297 10.02 -57.72 -52.39
C MET C 297 9.28 -58.49 -53.47
N SER C 298 9.89 -59.60 -53.92
CA SER C 298 9.40 -60.42 -55.02
C SER C 298 9.71 -59.82 -56.39
N TYR C 299 10.61 -58.85 -56.46
CA TYR C 299 11.16 -58.37 -57.72
C TYR C 299 12.46 -59.08 -58.02
N SER C 300 12.82 -59.13 -59.30
CA SER C 300 14.13 -59.62 -59.69
C SER C 300 15.17 -58.50 -59.60
N MET C 301 16.43 -58.89 -59.62
CA MET C 301 17.51 -57.93 -59.65
C MET C 301 17.56 -57.24 -61.01
N CYS C 302 18.00 -55.98 -61.01
CA CYS C 302 18.19 -55.25 -62.26
C CYS C 302 19.54 -55.65 -62.85
N THR C 303 19.52 -56.29 -64.01
CA THR C 303 20.74 -56.75 -64.66
C THR C 303 21.28 -55.75 -65.67
N GLY C 304 20.55 -54.67 -65.94
CA GLY C 304 20.98 -53.67 -66.90
C GLY C 304 21.95 -52.67 -66.31
N LYS C 305 22.28 -51.66 -67.12
CA LYS C 305 23.20 -50.61 -66.73
C LYS C 305 22.48 -49.49 -66.02
N PHE C 306 23.22 -48.81 -65.14
CA PHE C 306 22.71 -47.68 -64.38
C PHE C 306 23.54 -46.45 -64.68
N LYS C 307 22.93 -45.28 -64.51
CA LYS C 307 23.63 -44.02 -64.63
C LYS C 307 23.28 -43.13 -63.45
N VAL C 308 24.22 -42.26 -63.07
CA VAL C 308 24.03 -41.34 -61.97
C VAL C 308 23.48 -40.04 -62.54
N VAL C 309 22.22 -39.74 -62.24
CA VAL C 309 21.61 -38.51 -62.74
C VAL C 309 21.81 -37.34 -61.77
N LYS C 310 22.00 -37.63 -60.49
CA LYS C 310 22.32 -36.63 -59.49
C LYS C 310 23.49 -37.13 -58.67
N GLU C 311 24.55 -36.33 -58.59
CA GLU C 311 25.77 -36.79 -57.94
C GLU C 311 25.56 -36.99 -56.44
N ILE C 312 26.41 -37.83 -55.84
CA ILE C 312 26.31 -38.11 -54.42
C ILE C 312 26.39 -36.81 -53.63
N ALA C 313 25.48 -36.65 -52.68
CA ALA C 313 25.49 -35.52 -51.75
C ALA C 313 25.44 -36.06 -50.33
N GLU C 314 26.32 -35.54 -49.48
CA GLU C 314 26.37 -35.95 -48.09
C GLU C 314 25.39 -35.14 -47.25
N THR C 315 24.69 -35.81 -46.37
CA THR C 315 23.68 -35.19 -45.51
C THR C 315 24.31 -34.76 -44.19
N GLN C 316 23.53 -34.06 -43.38
CA GLN C 316 24.02 -33.57 -42.10
C GLN C 316 24.26 -34.69 -41.10
N HIS C 317 23.81 -35.91 -41.38
CA HIS C 317 23.84 -36.99 -40.41
C HIS C 317 24.68 -38.17 -40.89
N GLY C 318 25.71 -37.90 -41.67
CA GLY C 318 26.64 -38.93 -42.08
C GLY C 318 26.13 -39.88 -43.14
N THR C 319 24.98 -39.60 -43.73
CA THR C 319 24.48 -40.40 -44.83
C THR C 319 24.70 -39.68 -46.15
N ILE C 320 24.53 -40.42 -47.23
CA ILE C 320 24.62 -39.87 -48.58
C ILE C 320 23.36 -40.25 -49.34
N VAL C 321 23.04 -39.44 -50.35
CA VAL C 321 21.90 -39.68 -51.21
C VAL C 321 22.36 -39.52 -52.65
N ILE C 322 22.00 -40.48 -53.49
CA ILE C 322 22.34 -40.46 -54.90
C ILE C 322 21.09 -40.76 -55.69
N ARG C 323 21.04 -40.25 -56.93
CA ARG C 323 19.95 -40.54 -57.84
C ARG C 323 20.50 -41.26 -59.05
N VAL C 324 19.93 -42.41 -59.37
CA VAL C 324 20.35 -43.23 -60.48
C VAL C 324 19.14 -43.53 -61.34
N GLN C 325 19.35 -43.59 -62.66
CA GLN C 325 18.32 -43.99 -63.59
C GLN C 325 18.72 -45.31 -64.23
N TYR C 326 17.73 -46.15 -64.50
CA TYR C 326 17.97 -47.48 -65.04
C TYR C 326 17.77 -47.45 -66.55
N GLU C 327 18.77 -47.95 -67.28
CA GLU C 327 18.70 -48.12 -68.72
C GLU C 327 18.90 -49.61 -69.01
N GLY C 328 17.80 -50.35 -68.95
CA GLY C 328 17.85 -51.78 -69.16
C GLY C 328 16.45 -52.36 -69.16
N ASP C 329 16.37 -53.66 -69.38
CA ASP C 329 15.09 -54.35 -69.47
C ASP C 329 14.68 -54.90 -68.11
N GLY C 330 13.44 -55.40 -68.05
CA GLY C 330 12.87 -55.82 -66.79
C GLY C 330 12.71 -54.65 -65.85
N SER C 331 12.07 -53.59 -66.34
CA SER C 331 12.04 -52.32 -65.61
C SER C 331 11.63 -52.46 -64.15
N PRO C 332 10.57 -53.18 -63.80
CA PRO C 332 10.26 -53.39 -62.38
C PRO C 332 11.17 -54.44 -61.74
N CYS C 333 12.36 -53.99 -61.35
CA CYS C 333 13.35 -54.83 -60.72
C CYS C 333 13.97 -54.08 -59.55
N LYS C 334 14.77 -54.78 -58.75
CA LYS C 334 15.38 -54.20 -57.57
C LYS C 334 16.85 -53.90 -57.84
N ILE C 335 17.26 -52.68 -57.49
CA ILE C 335 18.58 -52.17 -57.85
C ILE C 335 19.64 -52.85 -57.01
N PRO C 336 20.71 -53.39 -57.61
CA PRO C 336 21.84 -53.88 -56.80
C PRO C 336 22.66 -52.73 -56.23
N PHE C 337 22.70 -52.63 -54.91
CA PHE C 337 23.37 -51.51 -54.24
C PHE C 337 24.23 -52.05 -53.10
N GLU C 338 25.48 -51.57 -53.03
CA GLU C 338 26.39 -52.01 -51.99
C GLU C 338 27.40 -50.92 -51.71
N ILE C 339 27.84 -50.85 -50.45
CA ILE C 339 28.94 -49.99 -50.05
C ILE C 339 30.04 -50.90 -49.55
N MET C 340 31.20 -50.84 -50.19
CA MET C 340 32.30 -51.76 -49.92
C MET C 340 33.54 -50.98 -49.54
N ASP C 341 34.55 -51.73 -49.08
CA ASP C 341 35.86 -51.16 -48.82
C ASP C 341 36.63 -51.02 -50.12
N LEU C 342 37.75 -50.29 -50.06
CA LEU C 342 38.51 -50.00 -51.27
C LEU C 342 38.98 -51.29 -51.95
N GLU C 343 39.16 -52.37 -51.20
CA GLU C 343 39.55 -53.65 -51.77
C GLU C 343 38.36 -54.45 -52.29
N LYS C 344 37.14 -53.99 -52.04
CA LYS C 344 35.93 -54.70 -52.48
C LYS C 344 35.88 -56.12 -51.93
N ARG C 345 36.16 -56.26 -50.63
CA ARG C 345 36.00 -57.53 -49.92
C ARG C 345 34.84 -57.52 -48.94
N HIS C 346 34.67 -56.44 -48.19
CA HIS C 346 33.64 -56.35 -47.17
C HIS C 346 32.57 -55.36 -47.59
N VAL C 347 31.34 -55.62 -47.14
CA VAL C 347 30.24 -54.68 -47.29
C VAL C 347 30.23 -53.81 -46.04
N LEU C 348 30.73 -52.58 -46.18
CA LEU C 348 30.91 -51.70 -45.04
C LEU C 348 29.73 -50.77 -44.80
N GLY C 349 28.98 -50.45 -45.85
CA GLY C 349 27.92 -49.47 -45.73
C GLY C 349 26.60 -50.05 -45.27
N ARG C 350 25.74 -49.15 -44.80
CA ARG C 350 24.39 -49.50 -44.38
C ARG C 350 23.40 -48.67 -45.19
N LEU C 351 22.44 -49.35 -45.81
CA LEU C 351 21.49 -48.69 -46.68
C LEU C 351 20.25 -48.27 -45.90
N ILE C 352 19.91 -46.98 -45.96
CA ILE C 352 18.66 -46.50 -45.37
C ILE C 352 17.49 -46.75 -46.29
N THR C 353 17.60 -46.35 -47.56
CA THR C 353 16.57 -46.66 -48.55
C THR C 353 16.71 -48.14 -48.93
N VAL C 354 16.32 -48.98 -47.97
CA VAL C 354 16.48 -50.41 -48.14
C VAL C 354 15.62 -50.90 -49.29
N ASN C 355 16.12 -51.91 -50.01
CA ASN C 355 15.41 -52.49 -51.13
C ASN C 355 15.07 -51.43 -52.17
N PRO C 356 16.05 -50.75 -52.74
CA PRO C 356 15.76 -49.83 -53.84
C PRO C 356 15.32 -50.58 -55.07
N ILE C 357 14.25 -50.08 -55.70
CA ILE C 357 13.64 -50.71 -56.85
C ILE C 357 13.47 -49.68 -57.96
N VAL C 358 13.71 -50.10 -59.19
CA VAL C 358 13.34 -49.30 -60.36
C VAL C 358 11.89 -49.62 -60.69
N THR C 359 11.00 -48.65 -60.45
CA THR C 359 9.58 -48.87 -60.73
C THR C 359 9.27 -48.69 -62.20
N GLU C 360 9.80 -47.65 -62.83
CA GLU C 360 9.64 -47.42 -64.25
C GLU C 360 11.00 -47.21 -64.88
N LYS C 361 11.13 -47.64 -66.13
CA LYS C 361 12.40 -47.52 -66.85
C LYS C 361 13.01 -46.13 -66.69
N ASP C 362 12.32 -45.11 -67.19
CA ASP C 362 12.84 -43.75 -67.18
C ASP C 362 12.30 -42.98 -65.98
N SER C 363 12.69 -43.45 -64.79
CA SER C 363 12.32 -42.78 -63.55
C SER C 363 13.53 -42.74 -62.62
N PRO C 364 14.05 -41.57 -62.30
CA PRO C 364 15.28 -41.48 -61.52
C PRO C 364 15.10 -41.76 -60.04
N VAL C 365 15.14 -43.02 -59.65
CA VAL C 365 15.14 -43.37 -58.24
C VAL C 365 16.38 -42.82 -57.57
N ASN C 366 16.20 -42.20 -56.40
CA ASN C 366 17.31 -41.69 -55.59
C ASN C 366 17.38 -42.47 -54.29
N ILE C 367 18.59 -42.89 -53.93
CA ILE C 367 18.82 -43.84 -52.84
C ILE C 367 19.65 -43.15 -51.76
N GLU C 368 19.33 -43.43 -50.51
CA GLU C 368 20.11 -42.97 -49.37
C GLU C 368 20.78 -44.13 -48.67
N ALA C 369 22.00 -43.90 -48.21
CA ALA C 369 22.76 -44.92 -47.50
C ALA C 369 23.70 -44.24 -46.50
N GLU C 370 24.21 -45.03 -45.56
CA GLU C 370 25.12 -44.52 -44.55
C GLU C 370 26.51 -45.12 -44.76
N PRO C 371 27.43 -44.41 -45.40
CA PRO C 371 28.75 -44.96 -45.64
C PRO C 371 29.56 -45.04 -44.36
N PRO C 372 30.58 -45.89 -44.31
CA PRO C 372 31.49 -45.90 -43.17
C PRO C 372 32.41 -44.68 -43.18
N PHE C 373 33.07 -44.48 -42.05
CA PHE C 373 34.00 -43.35 -41.90
C PHE C 373 35.28 -43.66 -42.66
N GLY C 374 35.61 -42.82 -43.64
CA GLY C 374 36.82 -43.01 -44.40
C GLY C 374 36.62 -43.15 -45.90
N ASP C 375 37.13 -44.24 -46.46
CA ASP C 375 37.20 -44.41 -47.91
C ASP C 375 36.25 -45.50 -48.37
N SER C 376 35.02 -45.47 -47.87
CA SER C 376 33.99 -46.37 -48.35
C SER C 376 33.88 -46.30 -49.87
N TYR C 377 33.22 -47.30 -50.44
CA TYR C 377 33.10 -47.39 -51.89
C TYR C 377 31.69 -47.84 -52.26
N ILE C 378 31.12 -47.22 -53.29
CA ILE C 378 29.71 -47.41 -53.64
C ILE C 378 29.62 -48.10 -54.99
N ILE C 379 28.90 -49.22 -55.04
CA ILE C 379 28.74 -50.02 -56.25
C ILE C 379 27.25 -50.09 -56.57
N ILE C 380 26.90 -49.70 -57.80
CA ILE C 380 25.51 -49.78 -58.28
C ILE C 380 25.50 -50.58 -59.57
N GLY C 381 24.67 -51.62 -59.60
CA GLY C 381 24.55 -52.47 -60.77
C GLY C 381 25.35 -53.75 -60.64
N VAL C 382 25.27 -54.55 -61.69
CA VAL C 382 25.94 -55.84 -61.72
C VAL C 382 27.19 -55.71 -62.60
N GLU C 383 28.02 -56.75 -62.56
CA GLU C 383 29.39 -56.65 -63.06
C GLU C 383 29.52 -56.12 -64.48
N PRO C 384 28.67 -56.51 -65.44
CA PRO C 384 28.92 -56.08 -66.83
C PRO C 384 29.07 -54.57 -67.00
N GLY C 385 28.25 -53.77 -66.33
CA GLY C 385 28.32 -52.33 -66.49
C GLY C 385 28.10 -51.56 -65.20
N GLN C 386 28.50 -52.15 -64.08
CA GLN C 386 28.13 -51.61 -62.79
C GLN C 386 28.85 -50.29 -62.52
N LEU C 387 28.11 -49.34 -61.95
CA LEU C 387 28.69 -48.05 -61.60
C LEU C 387 29.70 -48.23 -60.47
N LYS C 388 30.80 -47.48 -60.57
CA LYS C 388 32.02 -47.76 -59.81
C LYS C 388 32.43 -46.43 -59.18
N LEU C 389 31.87 -46.13 -58.00
CA LEU C 389 31.91 -44.78 -57.43
C LEU C 389 32.63 -44.78 -56.09
N SER C 390 33.48 -43.78 -55.86
CA SER C 390 34.24 -43.66 -54.63
C SER C 390 33.71 -42.52 -53.77
N TRP C 391 33.84 -42.69 -52.45
CA TRP C 391 33.36 -41.70 -51.50
C TRP C 391 34.25 -41.70 -50.27
N PHE C 392 34.43 -40.52 -49.68
CA PHE C 392 35.14 -40.36 -48.43
C PHE C 392 34.22 -39.68 -47.42
N LYS C 393 34.23 -40.17 -46.18
CA LYS C 393 33.44 -39.59 -45.11
C LYS C 393 34.38 -39.02 -44.03
N LYS C 394 34.08 -37.79 -43.60
CA LYS C 394 35.07 -37.00 -42.87
C LYS C 394 35.28 -37.49 -41.43
N GLY C 395 34.20 -37.73 -40.70
CA GLY C 395 34.30 -37.89 -39.26
C GLY C 395 35.01 -39.12 -38.77
N SER C 396 34.72 -39.51 -37.53
CA SER C 396 35.31 -40.69 -36.91
C SER C 396 34.27 -41.33 -35.99
N SER C 397 34.48 -42.62 -35.70
CA SER C 397 33.54 -43.34 -34.85
C SER C 397 33.46 -42.73 -33.46
N ILE C 398 34.59 -42.28 -32.91
CA ILE C 398 34.59 -41.64 -31.60
C ILE C 398 33.82 -40.33 -31.65
N GLY C 399 34.04 -39.53 -32.71
CA GLY C 399 33.27 -38.31 -32.86
C GLY C 399 31.79 -38.58 -33.01
N GLN C 400 31.44 -39.64 -33.74
CA GLN C 400 30.03 -40.02 -33.85
C GLN C 400 29.45 -40.40 -32.51
N MET C 401 30.21 -41.13 -31.69
CA MET C 401 29.73 -41.49 -30.36
C MET C 401 29.51 -40.25 -29.51
N PHE C 402 30.43 -39.28 -29.58
CA PHE C 402 30.27 -38.06 -28.82
C PHE C 402 29.03 -37.29 -29.28
N GLU C 403 28.82 -37.20 -30.59
CA GLU C 403 27.64 -36.50 -31.10
C GLU C 403 26.36 -37.21 -30.68
N THR C 404 26.36 -38.55 -30.71
CA THR C 404 25.19 -39.30 -30.29
C THR C 404 24.88 -39.08 -28.81
N THR C 405 25.93 -39.08 -27.98
CA THR C 405 25.72 -38.83 -26.56
C THR C 405 25.16 -37.44 -26.33
N MET C 406 25.69 -36.45 -27.04
CA MET C 406 25.17 -35.09 -26.90
C MET C 406 23.72 -35.01 -27.36
N ARG C 407 23.37 -35.70 -28.45
CA ARG C 407 21.99 -35.69 -28.93
C ARG C 407 21.05 -36.33 -27.93
N GLY C 408 21.47 -37.44 -27.31
CA GLY C 408 20.66 -38.06 -26.29
C GLY C 408 20.49 -37.17 -25.06
N ALA C 409 21.57 -36.50 -24.67
CA ALA C 409 21.48 -35.56 -23.54
C ALA C 409 20.52 -34.41 -23.87
N LYS C 410 20.59 -33.88 -25.09
CA LYS C 410 19.73 -32.78 -25.46
C LYS C 410 18.27 -33.23 -25.53
N ARG C 411 18.02 -34.46 -25.99
CA ARG C 411 16.66 -34.99 -25.95
C ARG C 411 16.18 -35.14 -24.52
N MET C 412 17.05 -35.57 -23.62
CA MET C 412 16.71 -35.65 -22.20
C MET C 412 16.53 -34.27 -21.57
N ALA C 413 17.07 -33.23 -22.20
CA ALA C 413 16.84 -31.86 -21.71
C ALA C 413 15.58 -31.26 -22.28
N ILE C 414 15.29 -31.49 -23.56
CA ILE C 414 14.03 -31.04 -24.15
C ILE C 414 12.87 -31.80 -23.54
N LEU C 415 12.99 -33.12 -23.48
CA LEU C 415 11.98 -33.98 -22.89
C LEU C 415 12.47 -34.47 -21.53
N GLY C 416 11.52 -34.84 -20.67
CA GLY C 416 11.90 -35.31 -19.36
C GLY C 416 12.13 -36.80 -19.38
N ASP C 417 11.34 -37.55 -18.62
CA ASP C 417 11.39 -39.00 -18.72
C ASP C 417 10.89 -39.49 -20.07
N THR C 418 10.17 -38.64 -20.82
CA THR C 418 9.67 -39.02 -22.13
C THR C 418 10.79 -39.31 -23.12
N ALA C 419 12.00 -38.83 -22.84
CA ALA C 419 13.15 -39.15 -23.70
C ALA C 419 13.54 -40.61 -23.59
N TRP C 420 13.10 -41.32 -22.55
CA TRP C 420 13.53 -42.69 -22.32
C TRP C 420 12.83 -43.71 -23.22
N ASP C 421 11.67 -43.37 -23.78
CA ASP C 421 10.94 -44.25 -24.68
C ASP C 421 10.96 -43.72 -26.11
N PHE C 422 12.04 -43.04 -26.48
CA PHE C 422 12.13 -42.50 -27.84
C PHE C 422 12.36 -43.61 -28.87
N GLY C 423 13.27 -44.53 -28.58
CA GLY C 423 13.49 -45.67 -29.45
C GLY C 423 13.47 -46.97 -28.67
N SER C 424 12.69 -46.99 -27.60
CA SER C 424 12.69 -48.12 -26.67
C SER C 424 11.99 -49.33 -27.27
N LEU C 425 12.46 -50.51 -26.88
CA LEU C 425 11.87 -51.79 -27.31
C LEU C 425 11.61 -52.59 -26.03
N GLY C 426 10.49 -52.31 -25.38
CA GLY C 426 10.25 -52.92 -24.09
C GLY C 426 11.38 -52.56 -23.15
N GLY C 427 12.10 -53.57 -22.68
CA GLY C 427 13.30 -53.33 -21.91
C GLY C 427 13.04 -53.09 -20.43
N VAL C 428 13.79 -53.76 -19.57
CA VAL C 428 13.67 -53.53 -18.13
C VAL C 428 14.59 -52.42 -17.67
N PHE C 429 15.81 -52.35 -18.22
CA PHE C 429 16.70 -51.24 -17.89
C PHE C 429 16.11 -49.91 -18.33
N THR C 430 15.43 -49.90 -19.48
CA THR C 430 14.75 -48.67 -19.93
C THR C 430 13.69 -48.24 -18.93
N SER C 431 12.90 -49.20 -18.42
CA SER C 431 11.88 -48.86 -17.43
C SER C 431 12.52 -48.34 -16.14
N ILE C 432 13.60 -48.98 -15.70
CA ILE C 432 14.26 -48.52 -14.48
C ILE C 432 14.79 -47.11 -14.65
N GLY C 433 15.44 -46.84 -15.79
CA GLY C 433 15.93 -45.50 -16.07
C GLY C 433 14.82 -44.48 -16.14
N LYS C 434 13.70 -44.85 -16.76
CA LYS C 434 12.57 -43.92 -16.86
C LYS C 434 12.01 -43.60 -15.48
N ALA C 435 11.88 -44.61 -14.61
CA ALA C 435 11.36 -44.35 -13.26
C ALA C 435 12.31 -43.48 -12.46
N LEU C 436 13.60 -43.80 -12.50
CA LEU C 436 14.59 -42.99 -11.80
C LEU C 436 14.58 -41.57 -12.30
N HIS C 437 14.48 -41.39 -13.63
CA HIS C 437 14.41 -40.07 -14.20
C HIS C 437 13.14 -39.35 -13.77
N GLN C 438 12.02 -40.06 -13.67
CA GLN C 438 10.79 -39.43 -13.21
C GLN C 438 10.96 -38.85 -11.82
N VAL C 439 11.52 -39.64 -10.90
CA VAL C 439 11.70 -39.16 -9.53
C VAL C 439 12.68 -37.97 -9.51
N PHE C 440 13.84 -38.14 -10.14
CA PHE C 440 14.84 -37.10 -10.12
C PHE C 440 14.35 -35.83 -10.79
N GLY C 441 13.62 -35.96 -11.90
CA GLY C 441 13.07 -34.80 -12.57
C GLY C 441 12.00 -34.10 -11.78
N ALA C 442 11.16 -34.86 -11.06
CA ALA C 442 10.21 -34.21 -10.17
C ALA C 442 10.93 -33.36 -9.13
N ILE C 443 11.96 -33.93 -8.50
CA ILE C 443 12.69 -33.17 -7.49
C ILE C 443 13.35 -31.95 -8.11
N TYR C 444 14.02 -32.13 -9.26
CA TYR C 444 14.76 -31.04 -9.88
C TYR C 444 13.82 -29.93 -10.36
N GLY C 445 12.69 -30.30 -10.96
CA GLY C 445 11.73 -29.32 -11.40
C GLY C 445 11.07 -28.56 -10.27
N ALA C 446 10.79 -29.25 -9.16
CA ALA C 446 10.33 -28.55 -7.98
C ALA C 446 11.36 -27.59 -7.42
N ALA C 447 12.64 -27.95 -7.47
CA ALA C 447 13.70 -27.10 -6.95
C ALA C 447 14.11 -25.97 -7.88
N PHE C 448 13.77 -26.03 -9.17
CA PHE C 448 14.26 -25.06 -10.14
C PHE C 448 13.15 -24.35 -10.90
N SER C 449 11.90 -24.44 -10.45
CA SER C 449 10.81 -23.78 -11.17
C SER C 449 10.97 -22.26 -11.11
N GLY C 450 10.58 -21.59 -12.19
CA GLY C 450 10.60 -20.15 -12.23
C GLY C 450 11.95 -19.51 -12.14
N VAL C 451 12.98 -20.14 -12.70
CA VAL C 451 14.36 -19.67 -12.61
C VAL C 451 14.92 -19.52 -14.02
N SER C 452 15.59 -18.41 -14.28
CA SER C 452 16.22 -18.20 -15.57
C SER C 452 17.48 -19.04 -15.69
N TRP C 453 18.06 -19.02 -16.89
CA TRP C 453 19.25 -19.85 -17.16
C TRP C 453 20.48 -19.31 -16.44
N THR C 454 20.60 -18.00 -16.29
CA THR C 454 21.72 -17.43 -15.54
C THR C 454 21.66 -17.83 -14.07
N MET C 455 20.47 -17.83 -13.49
CA MET C 455 20.31 -18.31 -12.12
C MET C 455 20.66 -19.79 -12.02
N LYS C 456 20.27 -20.58 -13.02
CA LYS C 456 20.64 -21.99 -13.01
C LYS C 456 22.14 -22.18 -13.07
N ILE C 457 22.83 -21.37 -13.88
CA ILE C 457 24.28 -21.47 -13.95
C ILE C 457 24.91 -21.06 -12.61
N LEU C 458 24.40 -20.00 -12.00
CA LEU C 458 24.92 -19.61 -10.69
C LEU C 458 24.74 -20.73 -9.67
N ILE C 459 23.56 -21.33 -9.63
CA ILE C 459 23.29 -22.39 -8.66
C ILE C 459 24.15 -23.62 -8.96
N GLY C 460 24.36 -23.91 -10.25
CA GLY C 460 25.21 -25.03 -10.61
C GLY C 460 26.65 -24.81 -10.18
N VAL C 461 27.18 -23.60 -10.38
CA VAL C 461 28.53 -23.31 -9.93
C VAL C 461 28.61 -23.43 -8.41
N VAL C 462 27.61 -22.90 -7.69
CA VAL C 462 27.63 -22.97 -6.24
C VAL C 462 27.62 -24.42 -5.78
N ILE C 463 26.77 -25.25 -6.39
CA ILE C 463 26.65 -26.64 -5.97
C ILE C 463 27.91 -27.42 -6.31
N THR C 464 28.51 -27.14 -7.47
CA THR C 464 29.76 -27.80 -7.83
C THR C 464 30.88 -27.42 -6.87
N TRP C 465 30.95 -26.14 -6.48
CA TRP C 465 31.96 -25.74 -5.50
C TRP C 465 31.73 -26.42 -4.16
N ILE C 466 30.47 -26.50 -3.73
CA ILE C 466 30.16 -27.17 -2.47
C ILE C 466 30.57 -28.62 -2.52
N GLY C 467 30.27 -29.30 -3.62
CA GLY C 467 30.69 -30.69 -3.76
C GLY C 467 32.20 -30.84 -3.76
N MET C 468 32.90 -29.95 -4.47
CA MET C 468 34.36 -30.02 -4.52
C MET C 468 34.97 -29.81 -3.14
N ASN C 469 34.35 -28.96 -2.31
CA ASN C 469 34.84 -28.70 -0.96
C ASN C 469 34.13 -29.54 0.09
N SER C 470 33.69 -30.74 -0.28
CA SER C 470 33.00 -31.65 0.63
C SER C 470 33.97 -32.69 1.16
N ARG C 471 33.87 -32.98 2.46
CA ARG C 471 34.75 -33.96 3.08
C ARG C 471 34.37 -35.40 2.78
N SER C 472 33.11 -35.65 2.43
CA SER C 472 32.63 -37.00 2.15
C SER C 472 32.62 -37.22 0.65
N THR C 473 33.29 -38.30 0.20
CA THR C 473 33.42 -38.55 -1.23
C THR C 473 32.07 -38.78 -1.87
N SER C 474 31.19 -39.55 -1.22
CA SER C 474 29.88 -39.84 -1.79
C SER C 474 29.09 -38.55 -1.99
N LEU C 475 28.98 -37.75 -0.93
CA LEU C 475 28.27 -36.47 -1.05
C LEU C 475 28.97 -35.55 -2.04
N SER C 476 30.30 -35.54 -2.03
CA SER C 476 31.04 -34.70 -2.96
C SER C 476 30.74 -35.10 -4.41
N VAL C 477 30.77 -36.40 -4.70
CA VAL C 477 30.50 -36.87 -6.06
C VAL C 477 29.07 -36.55 -6.46
N SER C 478 28.11 -36.78 -5.55
CA SER C 478 26.72 -36.49 -5.89
C SER C 478 26.51 -35.01 -6.15
N LEU C 479 27.11 -34.15 -5.33
CA LEU C 479 26.95 -32.70 -5.53
C LEU C 479 27.61 -32.25 -6.82
N VAL C 480 28.77 -32.82 -7.16
CA VAL C 480 29.42 -32.47 -8.40
C VAL C 480 28.56 -32.89 -9.59
N LEU C 481 27.97 -34.08 -9.51
CA LEU C 481 27.07 -34.53 -10.58
C LEU C 481 25.88 -33.60 -10.72
N VAL C 482 25.27 -33.23 -9.59
CA VAL C 482 24.12 -32.34 -9.65
C VAL C 482 24.50 -30.98 -10.24
N GLY C 483 25.65 -30.45 -9.83
CA GLY C 483 26.09 -29.17 -10.36
C GLY C 483 26.40 -29.21 -11.84
N VAL C 484 27.02 -30.30 -12.31
CA VAL C 484 27.30 -30.44 -13.72
C VAL C 484 26.01 -30.55 -14.53
N VAL C 485 25.05 -31.32 -14.03
CA VAL C 485 23.76 -31.44 -14.71
C VAL C 485 23.06 -30.09 -14.75
N THR C 486 23.11 -29.34 -13.66
CA THR C 486 22.47 -28.02 -13.62
C THR C 486 23.15 -27.06 -14.58
N LEU C 487 24.49 -27.11 -14.68
CA LEU C 487 25.20 -26.27 -15.63
C LEU C 487 24.81 -26.61 -17.06
N TYR C 488 24.71 -27.90 -17.37
CA TYR C 488 24.28 -28.30 -18.71
C TYR C 488 22.87 -27.82 -19.01
N LEU C 489 21.96 -27.98 -18.06
CA LEU C 489 20.58 -27.55 -18.27
C LEU C 489 20.49 -26.04 -18.44
N GLY C 490 21.27 -25.29 -17.66
CA GLY C 490 21.29 -23.85 -17.82
C GLY C 490 21.83 -23.44 -19.18
N VAL C 491 22.87 -24.12 -19.66
CA VAL C 491 23.43 -23.80 -20.97
C VAL C 491 22.43 -24.13 -22.08
N MET C 492 21.67 -25.21 -21.92
CA MET C 492 20.79 -25.69 -22.98
C MET C 492 19.38 -25.13 -22.91
N VAL C 493 19.02 -24.43 -21.83
CA VAL C 493 17.63 -24.04 -21.60
C VAL C 493 17.27 -22.78 -22.38
N GLN C 494 15.98 -22.47 -22.44
CA GLN C 494 15.47 -21.24 -23.04
C GLN C 494 15.84 -21.17 -24.52
N ALA C 495 15.37 -22.17 -25.26
CA ALA C 495 15.60 -22.25 -26.68
C ALA C 495 14.29 -22.09 -27.44
N SER D 1 4.72 -3.82 -13.52
CA SER D 1 4.16 -4.17 -14.82
C SER D 1 4.19 -5.67 -15.06
N VAL D 2 3.54 -6.11 -16.13
CA VAL D 2 3.62 -7.51 -16.52
C VAL D 2 5.03 -7.85 -16.99
N ALA D 3 5.70 -6.91 -17.66
CA ALA D 3 7.03 -7.17 -18.18
C ALA D 3 8.01 -7.56 -17.08
N LEU D 4 7.74 -7.20 -15.83
CA LEU D 4 8.59 -7.61 -14.72
C LEU D 4 8.43 -9.09 -14.39
N VAL D 5 7.44 -9.77 -14.95
CA VAL D 5 7.24 -11.19 -14.71
C VAL D 5 7.15 -11.93 -16.04
N PRO D 6 8.28 -12.23 -16.68
CA PRO D 6 8.24 -12.96 -17.95
C PRO D 6 7.96 -14.44 -17.78
N HIS D 7 7.90 -15.17 -18.90
CA HIS D 7 7.50 -16.57 -18.95
C HIS D 7 8.70 -17.50 -19.13
N VAL D 8 9.82 -17.20 -18.44
CA VAL D 8 11.09 -17.82 -18.80
C VAL D 8 11.21 -19.23 -18.23
N GLY D 9 11.04 -19.39 -16.92
CA GLY D 9 11.32 -20.66 -16.29
C GLY D 9 10.09 -21.49 -15.95
N MET D 10 9.11 -21.52 -16.85
CA MET D 10 7.85 -22.18 -16.59
C MET D 10 7.88 -23.68 -16.90
N GLY D 11 8.96 -24.19 -17.48
CA GLY D 11 9.08 -25.61 -17.75
C GLY D 11 8.28 -26.12 -18.92
N LEU D 12 7.74 -25.24 -19.76
CA LEU D 12 6.92 -25.63 -20.90
C LEU D 12 7.69 -25.59 -22.21
N GLU D 13 8.99 -25.33 -22.18
CA GLU D 13 9.75 -25.17 -23.42
C GLU D 13 9.86 -26.49 -24.17
N THR D 14 9.94 -26.38 -25.49
CA THR D 14 10.12 -27.53 -26.37
C THR D 14 11.33 -27.30 -27.26
N ARG D 15 11.52 -28.13 -28.28
CA ARG D 15 12.60 -27.88 -29.22
C ARG D 15 12.32 -26.66 -30.09
N THR D 16 11.07 -26.23 -30.18
CA THR D 16 10.75 -25.00 -30.89
C THR D 16 11.29 -23.79 -30.13
N GLU D 17 11.76 -22.80 -30.87
CA GLU D 17 12.28 -21.60 -30.23
C GLU D 17 11.15 -20.77 -29.64
N THR D 18 11.39 -20.20 -28.46
CA THR D 18 10.36 -19.46 -27.75
C THR D 18 10.21 -18.06 -28.32
N TRP D 19 9.33 -17.27 -27.70
CA TRP D 19 8.88 -16.01 -28.29
C TRP D 19 10.04 -15.09 -28.63
N MET D 20 10.80 -14.66 -27.63
CA MET D 20 11.94 -13.75 -27.82
C MET D 20 13.18 -14.36 -27.19
N SER D 21 13.44 -15.63 -27.49
CA SER D 21 14.54 -16.34 -26.86
C SER D 21 15.88 -15.67 -27.14
N SER D 22 16.18 -15.40 -28.41
CA SER D 22 17.46 -14.78 -28.75
C SER D 22 17.58 -13.40 -28.14
N GLU D 23 16.53 -12.59 -28.25
CA GLU D 23 16.56 -11.25 -27.67
C GLU D 23 16.72 -11.32 -26.16
N GLY D 24 15.87 -12.09 -25.50
CA GLY D 24 15.81 -12.09 -24.05
C GLY D 24 16.80 -13.03 -23.38
N ALA D 25 17.72 -13.60 -24.15
CA ALA D 25 18.74 -14.47 -23.58
C ALA D 25 19.72 -13.68 -22.72
N TRP D 26 20.35 -12.67 -23.30
CA TRP D 26 21.41 -11.92 -22.62
C TRP D 26 20.98 -10.52 -22.22
N LYS D 27 19.68 -10.20 -22.30
CA LYS D 27 19.24 -8.84 -21.97
C LYS D 27 19.46 -8.52 -20.51
N HIS D 28 19.21 -9.47 -19.61
CA HIS D 28 19.44 -9.20 -18.20
C HIS D 28 20.91 -8.94 -17.91
N ALA D 29 21.80 -9.74 -18.50
CA ALA D 29 23.22 -9.51 -18.31
C ALA D 29 23.64 -8.16 -18.88
N GLN D 30 23.12 -7.80 -20.05
CA GLN D 30 23.45 -6.50 -20.64
C GLN D 30 22.96 -5.37 -19.76
N ARG D 31 21.76 -5.50 -19.19
CA ARG D 31 21.24 -4.46 -18.31
C ARG D 31 22.08 -4.33 -17.06
N ILE D 32 22.49 -5.45 -16.47
CA ILE D 32 23.35 -5.40 -15.28
C ILE D 32 24.68 -4.75 -15.63
N GLU D 33 25.24 -5.10 -16.78
CA GLU D 33 26.52 -4.51 -17.20
C GLU D 33 26.40 -3.01 -17.38
N THR D 34 25.33 -2.56 -18.05
CA THR D 34 25.14 -1.13 -18.24
C THR D 34 24.94 -0.42 -16.91
N TRP D 35 24.18 -1.02 -16.00
CA TRP D 35 23.97 -0.42 -14.69
C TRP D 35 25.27 -0.30 -13.91
N VAL D 36 26.10 -1.33 -13.94
CA VAL D 36 27.38 -1.28 -13.23
C VAL D 36 28.29 -0.24 -13.86
N LEU D 37 28.28 -0.12 -15.19
CA LEU D 37 29.07 0.92 -15.83
C LEU D 37 28.59 2.32 -15.43
N ARG D 38 27.28 2.53 -15.36
CA ARG D 38 26.74 3.84 -15.04
C ARG D 38 26.83 4.19 -13.56
N HIS D 39 26.95 3.20 -12.68
CA HIS D 39 27.02 3.42 -11.24
C HIS D 39 28.20 2.68 -10.65
N PRO D 40 29.42 3.10 -10.96
CA PRO D 40 30.60 2.46 -10.36
C PRO D 40 30.65 2.58 -8.85
N GLY D 41 30.08 3.65 -8.28
CA GLY D 41 30.18 3.85 -6.85
C GLY D 41 29.52 2.74 -6.04
N PHE D 42 28.34 2.29 -6.49
CA PHE D 42 27.69 1.20 -5.77
C PHE D 42 28.45 -0.11 -5.94
N THR D 43 29.14 -0.29 -7.06
CA THR D 43 29.93 -1.51 -7.23
C THR D 43 31.09 -1.56 -6.24
N ILE D 44 31.76 -0.43 -6.03
CA ILE D 44 32.85 -0.39 -5.05
C ILE D 44 32.30 -0.66 -3.64
N MET D 45 31.18 -0.02 -3.30
CA MET D 45 30.59 -0.23 -1.98
C MET D 45 30.16 -1.68 -1.79
N ALA D 46 29.57 -2.28 -2.83
CA ALA D 46 29.17 -3.68 -2.74
C ALA D 46 30.38 -4.59 -2.57
N ALA D 47 31.46 -4.31 -3.29
CA ALA D 47 32.68 -5.11 -3.14
C ALA D 47 33.22 -4.99 -1.71
N ILE D 48 33.27 -3.78 -1.18
CA ILE D 48 33.79 -3.59 0.18
C ILE D 48 32.90 -4.29 1.20
N LEU D 49 31.58 -4.16 1.05
CA LEU D 49 30.67 -4.82 1.97
C LEU D 49 30.79 -6.34 1.88
N ALA D 50 30.96 -6.87 0.67
CA ALA D 50 31.14 -8.32 0.53
C ALA D 50 32.44 -8.77 1.18
N TYR D 51 33.52 -8.00 1.02
CA TYR D 51 34.77 -8.35 1.66
C TYR D 51 34.63 -8.34 3.18
N THR D 52 33.94 -7.34 3.72
CA THR D 52 33.78 -7.24 5.16
C THR D 52 32.91 -8.38 5.70
N ILE D 53 31.75 -8.60 5.07
CA ILE D 53 30.82 -9.61 5.58
C ILE D 53 31.35 -11.02 5.34
N GLY D 54 31.88 -11.28 4.15
CA GLY D 54 32.32 -12.63 3.83
C GLY D 54 33.58 -13.00 4.59
N THR D 55 33.63 -14.26 5.04
CA THR D 55 34.80 -14.79 5.70
C THR D 55 35.76 -15.44 4.71
N THR D 56 35.24 -16.28 3.83
CA THR D 56 36.04 -16.91 2.79
C THR D 56 35.89 -16.15 1.48
N TYR D 57 36.87 -16.35 0.58
CA TYR D 57 36.80 -15.70 -0.72
C TYR D 57 35.59 -16.16 -1.52
N PHE D 58 35.16 -17.41 -1.34
CA PHE D 58 33.97 -17.88 -2.01
C PHE D 58 32.74 -17.11 -1.56
N GLN D 59 32.58 -16.93 -0.24
CA GLN D 59 31.47 -16.15 0.27
C GLN D 59 31.52 -14.71 -0.23
N ARG D 60 32.71 -14.11 -0.21
CA ARG D 60 32.85 -12.73 -0.64
C ARG D 60 32.43 -12.56 -2.10
N VAL D 61 32.93 -13.44 -2.98
CA VAL D 61 32.59 -13.35 -4.38
C VAL D 61 31.10 -13.57 -4.60
N LEU D 62 30.53 -14.57 -3.92
CA LEU D 62 29.11 -14.85 -4.09
C LEU D 62 28.27 -13.67 -3.64
N ILE D 63 28.60 -13.08 -2.50
CA ILE D 63 27.83 -11.94 -1.99
C ILE D 63 27.98 -10.75 -2.93
N PHE D 64 29.19 -10.51 -3.45
CA PHE D 64 29.39 -9.42 -4.38
C PHE D 64 28.54 -9.60 -5.63
N ILE D 65 28.51 -10.81 -6.17
CA ILE D 65 27.72 -11.08 -7.36
C ILE D 65 26.23 -10.87 -7.07
N LEU D 66 25.77 -11.40 -5.93
CA LEU D 66 24.35 -11.28 -5.58
C LEU D 66 23.96 -9.82 -5.39
N LEU D 67 24.78 -9.04 -4.69
CA LEU D 67 24.47 -7.64 -4.48
C LEU D 67 24.47 -6.85 -5.79
N THR D 68 25.47 -7.09 -6.64
CA THR D 68 25.54 -6.38 -7.92
C THR D 68 24.35 -6.72 -8.80
N ALA D 69 23.91 -7.98 -8.76
CA ALA D 69 22.77 -8.39 -9.59
C ALA D 69 21.46 -7.87 -9.04
N VAL D 70 21.34 -7.77 -7.71
CA VAL D 70 20.07 -7.39 -7.11
C VAL D 70 19.89 -5.87 -7.14
N ALA D 71 20.99 -5.12 -7.06
CA ALA D 71 20.87 -3.66 -7.03
C ALA D 71 20.07 -3.11 -8.20
N PRO D 72 20.48 -3.31 -9.46
CA PRO D 72 19.62 -2.86 -10.57
C PRO D 72 18.28 -3.55 -10.58
N SER D 73 18.21 -4.79 -10.08
CA SER D 73 16.97 -5.56 -10.14
C SER D 73 15.89 -4.96 -9.25
N MET D 74 16.21 -4.69 -7.98
CA MET D 74 15.18 -4.21 -7.07
C MET D 74 14.69 -2.83 -7.46
N THR D 75 15.43 -2.13 -8.32
CA THR D 75 14.99 -0.85 -8.85
C THR D 75 13.91 -1.08 -9.90
N MET E 1 -0.79 36.18 4.09
CA MET E 1 -1.87 35.36 4.64
C MET E 1 -2.17 34.17 3.72
N ARG E 2 -1.23 33.88 2.81
CA ARG E 2 -1.43 32.83 1.82
C ARG E 2 -0.85 31.48 2.25
N CYS E 3 0.19 31.48 3.08
CA CYS E 3 0.76 30.23 3.57
C CYS E 3 -0.18 29.48 4.49
N ILE E 4 -1.27 30.10 4.94
CA ILE E 4 -2.19 29.48 5.89
C ILE E 4 -3.06 28.49 5.15
N GLY E 5 -3.11 27.25 5.64
CA GLY E 5 -3.83 26.19 4.97
C GLY E 5 -2.96 25.22 4.19
N ILE E 6 -1.65 25.43 4.19
CA ILE E 6 -0.70 24.56 3.50
C ILE E 6 0.05 23.75 4.52
N SER E 7 0.06 22.43 4.36
CA SER E 7 0.72 21.57 5.34
C SER E 7 2.23 21.71 5.29
N ASN E 8 2.77 22.15 4.16
CA ASN E 8 4.22 22.28 4.00
C ASN E 8 4.70 23.71 4.22
N ARG E 9 4.05 24.46 5.11
CA ARG E 9 4.53 25.79 5.45
C ARG E 9 5.71 25.72 6.40
N ASP E 10 6.66 26.62 6.19
CA ASP E 10 7.82 26.77 7.06
C ASP E 10 7.81 28.19 7.64
N PHE E 11 8.42 28.32 8.83
CA PHE E 11 8.56 29.60 9.50
C PHE E 11 10.03 29.96 9.58
N VAL E 12 10.36 31.16 9.10
CA VAL E 12 11.72 31.70 9.19
C VAL E 12 11.66 32.95 10.04
N GLU E 13 12.36 32.93 11.16
CA GLU E 13 12.37 34.05 12.11
C GLU E 13 13.75 34.67 12.14
N GLY E 14 13.80 35.99 12.03
CA GLY E 14 15.04 36.71 12.22
C GLY E 14 15.82 36.93 10.94
N VAL E 15 16.58 38.02 10.92
CA VAL E 15 17.47 38.34 9.82
C VAL E 15 18.87 38.54 10.39
N SER E 16 19.83 38.69 9.50
CA SER E 16 21.22 38.88 9.89
C SER E 16 21.48 40.35 10.13
N GLY E 17 22.76 40.71 10.33
CA GLY E 17 23.10 42.11 10.49
C GLY E 17 22.73 42.95 9.28
N GLY E 18 22.79 42.36 8.10
CA GLY E 18 22.42 43.03 6.87
C GLY E 18 20.94 43.08 6.57
N SER E 19 20.10 42.52 7.45
CA SER E 19 18.65 42.53 7.26
C SER E 19 18.23 41.60 6.12
N TRP E 20 18.95 40.50 5.95
CA TRP E 20 18.61 39.51 4.94
C TRP E 20 18.58 38.13 5.57
N VAL E 21 17.95 37.20 4.87
CA VAL E 21 17.87 35.81 5.30
C VAL E 21 17.83 34.93 4.07
N ASP E 22 18.60 33.85 4.10
CA ASP E 22 18.56 32.86 3.03
C ASP E 22 17.34 31.97 3.22
N ILE E 23 16.60 31.75 2.15
CA ILE E 23 15.44 30.85 2.17
C ILE E 23 15.45 30.01 0.90
N VAL E 24 14.88 28.81 1.01
CA VAL E 24 14.70 27.92 -0.13
C VAL E 24 13.21 27.73 -0.32
N LEU E 25 12.71 28.05 -1.52
CA LEU E 25 11.30 27.95 -1.85
C LEU E 25 11.08 26.73 -2.72
N GLU E 26 10.18 25.85 -2.30
CA GLU E 26 9.77 24.70 -3.06
C GLU E 26 8.38 24.93 -3.65
N HIS E 27 8.10 24.25 -4.77
CA HIS E 27 6.86 24.50 -5.49
C HIS E 27 5.64 24.18 -4.63
N GLY E 28 5.65 23.06 -3.94
CA GLY E 28 4.51 22.67 -3.13
C GLY E 28 4.51 23.21 -1.72
N SER E 29 5.45 24.10 -1.39
CA SER E 29 5.62 24.60 -0.03
C SER E 29 5.42 26.10 -0.01
N CYS E 30 5.27 26.62 1.20
CA CYS E 30 5.12 28.06 1.44
C CYS E 30 6.01 28.45 2.61
N VAL E 31 6.62 29.63 2.51
CA VAL E 31 7.54 30.12 3.53
C VAL E 31 7.01 31.44 4.07
N THR E 32 6.89 31.54 5.39
CA THR E 32 6.54 32.77 6.08
C THR E 32 7.73 33.24 6.90
N THR E 33 8.14 34.49 6.71
CA THR E 33 9.32 35.05 7.36
C THR E 33 8.91 36.13 8.36
N MET E 34 9.59 36.16 9.50
CA MET E 34 9.30 37.10 10.55
C MET E 34 10.59 37.74 11.05
N ALA E 35 10.56 39.06 11.22
CA ALA E 35 11.68 39.81 11.77
C ALA E 35 11.15 40.75 12.84
N LYS E 36 12.07 41.28 13.65
CA LYS E 36 11.68 42.04 14.83
C LYS E 36 10.83 43.25 14.45
N ASN E 37 11.25 44.01 13.44
CA ASN E 37 10.56 45.25 13.07
C ASN E 37 9.95 45.17 11.67
N LYS E 38 9.78 43.97 11.14
CA LYS E 38 9.35 43.80 9.76
C LYS E 38 7.97 43.14 9.69
N PRO E 39 7.19 43.46 8.66
CA PRO E 39 5.91 42.77 8.48
C PRO E 39 6.13 41.30 8.17
N THR E 40 5.18 40.48 8.59
CA THR E 40 5.20 39.06 8.24
C THR E 40 4.86 38.90 6.77
N LEU E 41 5.65 38.11 6.05
CA LEU E 41 5.49 37.90 4.63
C LEU E 41 5.37 36.42 4.33
N ASP E 42 4.62 36.10 3.29
CA ASP E 42 4.45 34.74 2.79
C ASP E 42 5.10 34.63 1.42
N PHE E 43 5.86 33.57 1.20
CA PHE E 43 6.57 33.34 -0.05
C PHE E 43 6.15 32.00 -0.63
N GLU E 44 5.79 31.99 -1.90
CA GLU E 44 5.45 30.75 -2.60
C GLU E 44 6.07 30.75 -3.99
N LEU E 45 6.80 29.69 -4.30
CA LEU E 45 7.30 29.43 -5.65
C LEU E 45 6.20 28.72 -6.42
N ILE E 46 5.48 29.46 -7.27
CA ILE E 46 4.27 28.94 -7.87
C ILE E 46 4.50 28.38 -9.28
N LYS E 47 5.47 28.93 -10.01
CA LYS E 47 5.66 28.56 -11.41
C LYS E 47 7.15 28.46 -11.72
N THR E 48 7.47 27.61 -12.70
CA THR E 48 8.85 27.45 -13.16
C THR E 48 8.77 27.09 -14.65
N GLU E 49 8.89 28.09 -15.51
CA GLU E 49 8.81 27.87 -16.94
C GLU E 49 10.16 27.47 -17.52
N ALA E 50 10.11 26.80 -18.66
CA ALA E 50 11.31 26.46 -19.43
C ALA E 50 11.02 26.84 -20.87
N LYS E 51 11.76 27.83 -21.38
CA LYS E 51 11.48 28.42 -22.68
C LYS E 51 12.45 27.92 -23.74
N HIS E 52 11.98 27.95 -24.99
CA HIS E 52 12.77 27.57 -26.15
C HIS E 52 13.43 26.20 -25.99
N PRO E 53 12.63 25.15 -25.76
CA PRO E 53 13.19 23.80 -25.69
C PRO E 53 13.70 23.33 -27.04
N ALA E 54 14.72 22.47 -26.99
CA ALA E 54 15.28 21.86 -28.18
C ALA E 54 15.25 20.34 -28.03
N THR E 55 14.82 19.66 -29.09
CA THR E 55 14.78 18.20 -29.07
C THR E 55 16.17 17.62 -29.31
N LEU E 56 16.50 16.56 -28.56
CA LEU E 56 17.70 15.80 -28.86
C LEU E 56 17.45 14.34 -29.20
N ARG E 57 16.24 13.81 -28.97
CA ARG E 57 15.90 12.48 -29.42
C ARG E 57 14.40 12.36 -29.56
N LYS E 58 13.97 11.42 -30.40
CA LYS E 58 12.57 11.21 -30.74
C LYS E 58 12.22 9.73 -30.67
N TYR E 59 12.56 9.10 -29.54
CA TYR E 59 12.38 7.66 -29.37
C TYR E 59 11.04 7.20 -29.93
N CYS E 60 11.06 6.03 -30.56
CA CYS E 60 9.87 5.42 -31.16
C CYS E 60 9.28 4.41 -30.19
N ILE E 61 7.98 4.53 -29.95
CA ILE E 61 7.28 3.63 -29.02
C ILE E 61 6.27 2.72 -29.73
N GLU E 62 5.97 2.97 -31.00
CA GLU E 62 5.02 2.13 -31.72
C GLU E 62 5.31 2.25 -33.20
N ALA E 63 5.71 1.14 -33.82
CA ALA E 63 6.10 1.10 -35.23
C ALA E 63 5.34 0.00 -35.94
N LYS E 64 5.63 -0.14 -37.24
CA LYS E 64 5.05 -1.20 -38.05
C LYS E 64 6.05 -1.58 -39.13
N LEU E 65 5.90 -2.79 -39.66
CA LEU E 65 6.71 -3.29 -40.76
C LEU E 65 5.82 -3.55 -41.97
N THR E 66 6.30 -3.17 -43.15
CA THR E 66 5.50 -3.25 -44.36
C THR E 66 6.08 -4.17 -45.41
N ASN E 67 7.34 -3.97 -45.80
CA ASN E 67 7.92 -4.61 -46.98
C ASN E 67 8.90 -5.68 -46.53
N THR E 68 8.42 -6.92 -46.39
CA THR E 68 9.25 -8.04 -45.94
C THR E 68 9.84 -8.73 -47.16
N THR E 69 11.17 -8.72 -47.25
CA THR E 69 11.90 -9.40 -48.31
C THR E 69 12.87 -10.40 -47.69
N THR E 70 13.16 -11.47 -48.42
CA THR E 70 14.01 -12.53 -47.91
C THR E 70 15.00 -12.96 -48.98
N ALA E 71 16.11 -13.54 -48.52
CA ALA E 71 17.14 -14.05 -49.43
C ALA E 71 17.93 -15.13 -48.71
N SER E 72 18.05 -16.30 -49.33
CA SER E 72 18.85 -17.40 -48.83
C SER E 72 19.74 -17.91 -49.95
N ARG E 73 21.00 -18.22 -49.62
CA ARG E 73 21.92 -18.53 -50.70
C ARG E 73 22.06 -20.04 -50.97
N CYS E 74 22.77 -20.76 -50.08
CA CYS E 74 22.96 -22.21 -50.08
C CYS E 74 23.89 -22.58 -48.94
N PRO E 75 23.89 -23.84 -48.49
CA PRO E 75 24.92 -24.27 -47.55
C PRO E 75 26.30 -24.20 -48.19
N THR E 76 27.29 -23.81 -47.37
CA THR E 76 28.67 -23.72 -47.84
C THR E 76 28.89 -22.53 -48.77
N GLN E 77 27.81 -21.81 -49.09
CA GLN E 77 27.84 -20.78 -50.12
C GLN E 77 27.88 -19.36 -49.55
N GLY E 78 28.25 -19.22 -48.28
CA GLY E 78 28.31 -17.90 -47.68
C GLY E 78 26.94 -17.37 -47.32
N GLU E 79 26.89 -16.05 -47.12
CA GLU E 79 25.67 -15.39 -46.69
C GLU E 79 24.96 -14.73 -47.87
N PRO E 80 23.63 -14.71 -47.84
CA PRO E 80 22.89 -13.94 -48.85
C PRO E 80 22.92 -12.46 -48.53
N SER E 81 22.51 -11.66 -49.52
CA SER E 81 22.44 -10.22 -49.35
C SER E 81 21.21 -9.69 -50.05
N LEU E 82 20.56 -8.71 -49.41
CA LEU E 82 19.45 -8.00 -49.99
C LEU E 82 19.83 -6.53 -50.19
N ASN E 83 19.26 -5.92 -51.22
CA ASN E 83 19.46 -4.50 -51.43
C ASN E 83 19.04 -3.69 -50.21
N GLU E 84 18.05 -4.18 -49.45
CA GLU E 84 17.56 -3.48 -48.28
C GLU E 84 18.52 -3.55 -47.10
N GLU E 85 19.57 -4.36 -47.18
CA GLU E 85 20.55 -4.40 -46.09
C GLU E 85 21.32 -3.10 -45.94
N GLN E 86 21.42 -2.32 -47.00
CA GLN E 86 22.08 -1.02 -46.94
C GLN E 86 21.12 0.13 -46.74
N ASP E 87 19.82 -0.15 -46.70
CA ASP E 87 18.81 0.87 -46.49
C ASP E 87 18.55 1.01 -44.99
N LYS E 88 18.88 2.19 -44.44
CA LYS E 88 18.79 2.39 -43.00
C LYS E 88 17.37 2.38 -42.48
N ARG E 89 16.37 2.43 -43.36
CA ARG E 89 14.98 2.37 -42.94
C ARG E 89 14.42 0.95 -43.00
N PHE E 90 15.26 -0.05 -43.20
CA PHE E 90 14.88 -1.44 -43.15
C PHE E 90 15.57 -2.13 -41.98
N VAL E 91 14.85 -3.04 -41.33
CA VAL E 91 15.41 -3.86 -40.26
C VAL E 91 15.73 -5.22 -40.85
N CYS E 92 16.97 -5.67 -40.65
CA CYS E 92 17.46 -6.90 -41.27
C CYS E 92 18.05 -7.81 -40.22
N LYS E 93 18.12 -9.10 -40.56
CA LYS E 93 18.81 -10.08 -39.73
C LYS E 93 19.12 -11.30 -40.59
N HIS E 94 20.20 -11.98 -40.23
CA HIS E 94 20.60 -13.22 -40.89
C HIS E 94 20.29 -14.41 -39.99
N SER E 95 19.91 -15.52 -40.61
CA SER E 95 19.63 -16.75 -39.89
C SER E 95 20.15 -17.91 -40.74
N MET E 96 19.88 -19.14 -40.27
CA MET E 96 20.26 -20.35 -41.00
C MET E 96 19.03 -21.24 -41.14
N VAL E 97 18.87 -21.83 -42.32
CA VAL E 97 17.75 -22.71 -42.61
C VAL E 97 18.27 -23.99 -43.22
N ASP E 98 17.64 -25.12 -42.86
CA ASP E 98 18.00 -26.39 -43.45
C ASP E 98 17.81 -26.34 -44.96
N ARG E 99 18.78 -26.89 -45.69
CA ARG E 99 18.78 -26.87 -47.14
C ARG E 99 19.09 -28.26 -47.66
N GLY E 100 18.63 -28.54 -48.88
CA GLY E 100 18.84 -29.85 -49.46
C GLY E 100 18.19 -29.93 -50.82
N TRP E 101 18.06 -31.16 -51.31
CA TRP E 101 17.44 -31.37 -52.61
C TRP E 101 16.00 -30.91 -52.62
N GLY E 102 15.27 -31.16 -51.53
CA GLY E 102 13.88 -30.75 -51.45
C GLY E 102 13.72 -29.25 -51.56
N ASN E 103 14.67 -28.49 -51.03
CA ASN E 103 14.65 -27.04 -51.09
C ASN E 103 15.20 -26.48 -52.40
N GLY E 104 15.85 -27.31 -53.22
CA GLY E 104 16.36 -26.85 -54.50
C GLY E 104 17.79 -26.39 -54.50
N CYS E 105 18.58 -26.72 -53.48
CA CYS E 105 19.96 -26.28 -53.39
C CYS E 105 20.93 -27.35 -53.87
N GLY E 106 20.83 -28.57 -53.36
CA GLY E 106 21.66 -29.66 -53.80
C GLY E 106 22.92 -29.91 -52.99
N LEU E 107 22.97 -29.47 -51.73
CA LEU E 107 24.15 -29.71 -50.90
C LEU E 107 23.87 -30.18 -49.49
N PHE E 108 22.62 -30.09 -49.01
CA PHE E 108 22.24 -30.64 -47.71
C PHE E 108 23.05 -30.04 -46.57
N GLY E 109 22.82 -28.75 -46.34
CA GLY E 109 23.40 -28.08 -45.19
C GLY E 109 22.54 -26.94 -44.70
N LYS E 110 23.09 -26.12 -43.81
CA LYS E 110 22.41 -24.92 -43.34
C LYS E 110 22.77 -23.76 -44.26
N GLY E 111 21.80 -23.26 -44.99
CA GLY E 111 22.00 -22.14 -45.90
C GLY E 111 21.61 -20.83 -45.24
N GLY E 112 22.45 -19.82 -45.41
CA GLY E 112 22.16 -18.53 -44.81
C GLY E 112 20.86 -17.95 -45.34
N ILE E 113 20.13 -17.28 -44.46
CA ILE E 113 18.87 -16.62 -44.81
C ILE E 113 18.85 -15.25 -44.14
N VAL E 114 18.45 -14.23 -44.89
CA VAL E 114 18.33 -12.87 -44.38
C VAL E 114 16.96 -12.35 -44.78
N THR E 115 16.24 -11.77 -43.82
CA THR E 115 14.93 -11.18 -44.05
C THR E 115 14.93 -9.73 -43.56
N CYS E 116 14.40 -8.84 -44.38
CA CYS E 116 14.32 -7.42 -44.05
C CYS E 116 12.89 -6.94 -44.18
N ALA E 117 12.55 -5.92 -43.40
CA ALA E 117 11.25 -5.28 -43.49
C ALA E 117 11.41 -3.79 -43.22
N MET E 118 10.66 -2.97 -43.94
CA MET E 118 10.75 -1.53 -43.76
C MET E 118 10.17 -1.14 -42.40
N PHE E 119 10.88 -0.25 -41.71
CA PHE E 119 10.53 0.17 -40.36
C PHE E 119 9.90 1.55 -40.42
N THR E 120 8.67 1.66 -39.91
CA THR E 120 7.95 2.92 -39.89
C THR E 120 7.46 3.20 -38.48
N CYS E 121 7.73 4.40 -37.99
CA CYS E 121 7.27 4.83 -36.67
C CYS E 121 5.83 5.31 -36.74
N LYS E 122 5.08 5.07 -35.67
CA LYS E 122 3.73 5.58 -35.52
C LYS E 122 3.57 6.52 -34.33
N LYS E 123 4.12 6.15 -33.18
CA LYS E 123 4.16 7.00 -32.00
C LYS E 123 5.60 7.15 -31.56
N ASN E 124 5.94 8.33 -31.06
CA ASN E 124 7.29 8.60 -30.57
C ASN E 124 7.24 9.49 -29.34
N MET E 125 8.36 9.52 -28.62
CA MET E 125 8.57 10.42 -27.51
C MET E 125 9.60 11.46 -27.93
N GLU E 126 9.37 12.72 -27.54
CA GLU E 126 10.32 13.79 -27.80
C GLU E 126 10.97 14.19 -26.49
N GLY E 127 12.26 13.89 -26.36
CA GLY E 127 13.06 14.35 -25.25
C GLY E 127 13.63 15.74 -25.44
N LYS E 128 12.83 16.78 -25.23
CA LYS E 128 13.33 18.14 -25.37
C LYS E 128 14.30 18.50 -24.25
N ILE E 129 15.23 19.40 -24.55
CA ILE E 129 16.19 19.93 -23.59
C ILE E 129 16.13 21.44 -23.63
N VAL E 130 16.16 22.07 -22.45
CA VAL E 130 16.19 23.52 -22.32
C VAL E 130 17.53 23.92 -21.71
N GLN E 131 18.17 24.91 -22.30
CA GLN E 131 19.41 25.40 -21.72
C GLN E 131 19.11 26.18 -20.45
N PRO E 132 20.00 26.12 -19.45
CA PRO E 132 19.65 26.63 -18.11
C PRO E 132 19.31 28.11 -18.06
N GLU E 133 19.69 28.90 -19.06
CA GLU E 133 19.43 30.33 -19.02
C GLU E 133 18.02 30.71 -19.47
N ASN E 134 17.21 29.74 -19.90
CA ASN E 134 15.84 30.02 -20.31
C ASN E 134 14.82 29.63 -19.24
N LEU E 135 15.27 29.35 -18.02
CA LEU E 135 14.38 29.08 -16.91
C LEU E 135 13.87 30.38 -16.30
N GLU E 136 12.58 30.41 -15.96
CA GLU E 136 11.96 31.56 -15.35
C GLU E 136 11.13 31.10 -14.16
N TYR E 137 11.49 31.59 -12.96
CA TYR E 137 10.79 31.25 -11.73
C TYR E 137 9.86 32.40 -11.35
N THR E 138 8.62 32.06 -11.02
CA THR E 138 7.64 33.04 -10.57
C THR E 138 7.43 32.84 -9.07
N ILE E 139 7.67 33.90 -8.30
CA ILE E 139 7.54 33.87 -6.85
C ILE E 139 6.51 34.91 -6.46
N VAL E 140 5.53 34.51 -5.67
CA VAL E 140 4.50 35.40 -5.15
C VAL E 140 4.86 35.77 -3.73
N ILE E 141 4.91 37.08 -3.46
CA ILE E 141 5.10 37.59 -2.10
C ILE E 141 3.78 38.24 -1.69
N THR E 142 3.24 37.80 -0.57
CA THR E 142 1.99 38.35 -0.04
C THR E 142 2.24 38.71 1.42
N PRO E 143 1.97 39.94 1.84
CA PRO E 143 2.16 40.31 3.24
C PRO E 143 0.95 39.93 4.08
N HIS E 144 1.21 39.74 5.38
CA HIS E 144 0.15 39.46 6.35
C HIS E 144 -0.62 40.75 6.64
N SER E 145 -1.33 41.22 5.61
CA SER E 145 -2.11 42.44 5.74
C SER E 145 -3.26 42.25 6.72
N GLY E 146 -3.88 41.07 6.72
CA GLY E 146 -5.07 40.84 7.49
C GLY E 146 -6.36 40.95 6.73
N GLU E 147 -6.31 41.16 5.42
CA GLU E 147 -7.52 41.22 4.62
C GLU E 147 -8.39 40.00 4.87
N GLU E 148 -9.70 40.19 4.76
CA GLU E 148 -10.62 39.09 5.06
C GLU E 148 -10.40 37.92 4.12
N ASN E 149 -10.19 38.20 2.84
CA ASN E 149 -10.02 37.15 1.84
C ASN E 149 -8.58 36.72 1.65
N ALA E 150 -7.64 37.31 2.39
CA ALA E 150 -6.23 37.01 2.21
C ALA E 150 -5.82 35.68 2.83
N VAL E 151 -6.61 35.13 3.74
CA VAL E 151 -6.24 33.87 4.40
C VAL E 151 -6.44 32.74 3.41
N GLY E 152 -5.35 32.05 3.07
CA GLY E 152 -5.40 30.94 2.14
C GLY E 152 -5.60 31.33 0.70
N GLN E 153 -5.68 32.62 0.39
CA GLN E 153 -5.92 33.05 -0.97
C GLN E 153 -4.78 32.60 -1.88
N ASP E 154 -5.14 32.02 -3.03
CA ASP E 154 -4.17 31.53 -3.99
C ASP E 154 -4.21 32.26 -5.31
N THR E 155 -5.14 33.20 -5.51
CA THR E 155 -5.22 33.95 -6.75
C THR E 155 -5.49 35.43 -6.53
N GLY E 156 -5.44 35.91 -5.29
CA GLY E 156 -5.74 37.30 -5.01
C GLY E 156 -4.63 38.25 -5.41
N LYS E 157 -4.98 39.52 -5.51
CA LYS E 157 -4.04 40.56 -5.88
C LYS E 157 -3.34 41.18 -4.67
N HIS E 158 -3.56 40.63 -3.48
CA HIS E 158 -2.86 41.12 -2.29
C HIS E 158 -1.35 40.95 -2.45
N GLY E 159 -0.92 39.80 -2.96
CA GLY E 159 0.49 39.55 -3.16
C GLY E 159 1.01 40.14 -4.46
N LYS E 160 2.34 40.14 -4.58
CA LYS E 160 3.03 40.62 -5.76
C LYS E 160 3.87 39.49 -6.36
N GLU E 161 3.80 39.37 -7.68
CA GLU E 161 4.52 38.33 -8.41
C GLU E 161 5.80 38.90 -8.98
N ILE E 162 6.91 38.21 -8.72
CA ILE E 162 8.22 38.59 -9.23
C ILE E 162 8.74 37.46 -10.10
N LYS E 163 9.26 37.81 -11.28
CA LYS E 163 9.89 36.85 -12.17
C LYS E 163 11.39 36.81 -11.90
N VAL E 164 11.94 35.61 -11.84
CA VAL E 164 13.36 35.39 -11.58
C VAL E 164 13.93 34.56 -12.71
N THR E 165 15.02 35.02 -13.30
CA THR E 165 15.74 34.32 -14.35
C THR E 165 17.21 34.27 -14.01
N PRO E 166 17.98 33.38 -14.64
CA PRO E 166 19.43 33.35 -14.37
C PRO E 166 20.12 34.66 -14.71
N GLN E 167 19.58 35.44 -15.64
CA GLN E 167 20.15 36.74 -15.98
C GLN E 167 19.71 37.83 -15.01
N SER E 168 18.41 38.03 -14.86
CA SER E 168 17.86 39.00 -13.92
C SER E 168 17.56 38.27 -12.62
N SER E 169 18.61 37.73 -12.00
CA SER E 169 18.47 36.92 -10.81
C SER E 169 18.12 37.74 -9.57
N ILE E 170 18.38 39.04 -9.58
CA ILE E 170 18.10 39.92 -8.45
C ILE E 170 16.95 40.83 -8.85
N THR E 171 15.81 40.69 -8.18
CA THR E 171 14.62 41.49 -8.48
C THR E 171 14.09 42.11 -7.20
N GLU E 172 13.31 43.17 -7.38
CA GLU E 172 12.71 43.92 -6.29
C GLU E 172 11.20 43.98 -6.48
N ALA E 173 10.46 43.85 -5.40
CA ALA E 173 9.00 43.85 -5.43
C ALA E 173 8.47 44.94 -4.50
N GLU E 174 7.67 45.83 -5.05
CA GLU E 174 7.02 46.88 -4.27
C GLU E 174 5.74 46.32 -3.65
N LEU E 175 5.68 46.33 -2.33
CA LEU E 175 4.49 45.90 -1.59
C LEU E 175 3.79 47.13 -1.04
N THR E 176 2.64 47.46 -1.63
CA THR E 176 1.96 48.70 -1.29
C THR E 176 1.73 48.81 0.21
N GLY E 177 2.36 49.80 0.83
CA GLY E 177 2.25 50.01 2.25
C GLY E 177 3.30 49.33 3.10
N TYR E 178 4.13 48.46 2.49
CA TYR E 178 5.13 47.70 3.24
C TYR E 178 6.52 47.90 2.67
N GLY E 179 6.77 48.97 1.93
CA GLY E 179 8.07 49.18 1.36
C GLY E 179 8.36 48.22 0.21
N THR E 180 9.64 47.92 0.02
CA THR E 180 10.09 47.04 -1.05
C THR E 180 10.83 45.84 -0.46
N VAL E 181 10.69 44.70 -1.12
CA VAL E 181 11.39 43.49 -0.74
C VAL E 181 12.27 43.08 -1.92
N THR E 182 13.55 42.87 -1.65
CA THR E 182 14.51 42.51 -2.69
C THR E 182 14.83 41.02 -2.59
N MET E 183 14.68 40.32 -3.70
CA MET E 183 14.98 38.89 -3.78
C MET E 183 16.24 38.70 -4.62
N GLU E 184 17.23 38.02 -4.05
CA GLU E 184 18.52 37.76 -4.68
C GLU E 184 18.68 36.25 -4.77
N CYS E 185 18.23 35.67 -5.88
CA CYS E 185 18.12 34.24 -6.02
C CYS E 185 19.25 33.68 -6.88
N SER E 186 19.38 32.35 -6.84
CA SER E 186 20.42 31.64 -7.57
C SER E 186 19.77 30.51 -8.37
N PRO E 187 19.02 30.85 -9.42
CA PRO E 187 18.33 29.81 -10.20
C PRO E 187 19.25 28.79 -10.83
N ARG E 188 20.51 29.14 -11.10
CA ARG E 188 21.41 28.20 -11.75
C ARG E 188 21.73 26.98 -10.89
N THR E 189 21.53 27.06 -9.58
CA THR E 189 21.85 25.98 -8.66
C THR E 189 20.61 25.24 -8.18
N GLY E 190 19.54 25.23 -8.98
CA GLY E 190 18.32 24.56 -8.59
C GLY E 190 18.18 23.18 -9.20
N LEU E 191 17.31 23.05 -10.20
CA LEU E 191 17.09 21.76 -10.84
C LEU E 191 18.35 21.23 -11.53
N ASP E 192 19.28 22.11 -11.90
CA ASP E 192 20.49 21.73 -12.60
C ASP E 192 20.17 21.12 -13.96
N PHE E 193 19.56 21.94 -14.83
CA PHE E 193 19.35 21.55 -16.21
C PHE E 193 20.71 21.38 -16.88
N ASN E 194 20.71 20.93 -18.14
CA ASN E 194 21.88 20.45 -18.86
C ASN E 194 22.26 19.04 -18.42
N GLU E 195 21.62 18.51 -17.37
CA GLU E 195 21.74 17.10 -17.01
C GLU E 195 20.38 16.41 -17.04
N MET E 196 19.34 17.11 -17.52
CA MET E 196 17.98 16.62 -17.47
C MET E 196 17.32 16.80 -18.81
N VAL E 197 16.30 15.98 -19.06
CA VAL E 197 15.57 15.98 -20.32
C VAL E 197 14.10 16.19 -20.03
N LEU E 198 13.43 16.97 -20.88
CA LEU E 198 11.98 17.16 -20.79
C LEU E 198 11.33 16.14 -21.70
N LEU E 199 10.90 15.03 -21.12
CA LEU E 199 10.33 13.92 -21.88
C LEU E 199 8.83 14.12 -22.04
N GLN E 200 8.36 14.10 -23.28
CA GLN E 200 6.96 14.33 -23.60
C GLN E 200 6.38 13.12 -24.32
N MET E 201 5.37 12.51 -23.72
CA MET E 201 4.61 11.44 -24.34
C MET E 201 3.40 12.04 -25.07
N GLU E 202 2.41 11.22 -25.43
CA GLU E 202 1.30 11.70 -26.24
C GLU E 202 0.67 12.96 -25.65
N ASN E 203 0.35 12.93 -24.36
CA ASN E 203 -0.23 14.09 -23.70
C ASN E 203 0.33 14.34 -22.31
N LYS E 204 1.35 13.60 -21.89
CA LYS E 204 1.94 13.76 -20.57
C LYS E 204 3.43 14.02 -20.71
N ALA E 205 3.99 14.68 -19.72
CA ALA E 205 5.39 15.08 -19.72
C ALA E 205 6.05 14.66 -18.43
N TRP E 206 7.36 14.45 -18.50
CA TRP E 206 8.15 14.09 -17.33
C TRP E 206 9.47 14.84 -17.38
N LEU E 207 10.07 15.02 -16.21
CA LEU E 207 11.40 15.59 -16.07
C LEU E 207 12.32 14.44 -15.70
N VAL E 208 13.20 14.05 -16.62
CA VAL E 208 13.95 12.82 -16.49
C VAL E 208 15.44 13.12 -16.61
N HIS E 209 16.24 12.17 -16.12
CA HIS E 209 17.68 12.29 -16.13
C HIS E 209 18.21 12.09 -17.55
N ARG E 210 19.11 12.97 -17.98
CA ARG E 210 19.52 12.98 -19.39
C ARG E 210 20.24 11.69 -19.77
N GLN E 211 21.07 11.16 -18.85
CA GLN E 211 21.75 9.90 -19.15
C GLN E 211 20.76 8.74 -19.19
N TRP E 212 19.76 8.76 -18.31
CA TRP E 212 18.71 7.76 -18.34
C TRP E 212 17.92 7.84 -19.65
N PHE E 213 17.67 9.05 -20.13
CA PHE E 213 16.99 9.22 -21.41
C PHE E 213 17.84 8.73 -22.57
N LEU E 214 19.15 8.98 -22.51
CA LEU E 214 20.06 8.55 -23.58
C LEU E 214 20.29 7.05 -23.58
N ASP E 215 20.10 6.38 -22.45
CA ASP E 215 20.30 4.94 -22.34
C ASP E 215 19.02 4.13 -22.55
N LEU E 216 17.92 4.79 -22.92
CA LEU E 216 16.66 4.06 -23.08
C LEU E 216 16.78 3.03 -24.20
N PRO E 217 16.20 1.84 -24.03
CA PRO E 217 16.42 0.75 -25.00
C PRO E 217 15.51 0.78 -26.21
N LEU E 218 14.89 1.89 -26.52
CA LEU E 218 14.01 2.00 -27.67
C LEU E 218 14.75 2.55 -28.89
N PRO E 219 14.16 2.45 -30.07
CA PRO E 219 14.76 3.09 -31.26
C PRO E 219 14.55 4.60 -31.23
N TRP E 220 15.56 5.33 -31.68
CA TRP E 220 15.58 6.78 -31.54
C TRP E 220 16.06 7.43 -32.82
N LEU E 221 15.67 8.69 -32.99
CA LEU E 221 16.16 9.56 -34.04
C LEU E 221 16.98 10.69 -33.44
N PRO E 222 17.94 11.25 -34.18
CA PRO E 222 18.81 12.28 -33.59
C PRO E 222 18.07 13.48 -33.03
N GLY E 223 16.87 13.78 -33.54
CA GLY E 223 16.06 14.88 -33.04
C GLY E 223 15.92 16.02 -34.05
N ALA E 224 16.90 16.17 -34.93
CA ALA E 224 16.82 17.15 -36.01
C ALA E 224 16.27 16.56 -37.31
N ASP E 225 15.94 15.28 -37.32
CA ASP E 225 15.47 14.62 -38.54
C ASP E 225 14.04 15.03 -38.83
N THR E 226 13.83 15.65 -39.99
CA THR E 226 12.47 15.94 -40.44
C THR E 226 11.84 14.70 -41.07
N GLN E 227 12.62 13.90 -41.77
CA GLN E 227 12.11 12.76 -42.52
C GLN E 227 12.14 11.45 -41.74
N GLY E 228 12.79 11.41 -40.58
CA GLY E 228 12.95 10.14 -39.89
C GLY E 228 13.71 9.18 -40.76
N SER E 229 13.19 7.97 -40.90
CA SER E 229 13.70 6.96 -41.83
C SER E 229 15.13 6.54 -41.54
N ASN E 230 15.68 6.92 -40.39
CA ASN E 230 17.02 6.51 -40.00
C ASN E 230 17.06 6.15 -38.52
N TRP E 231 16.08 5.40 -38.06
CA TRP E 231 16.03 5.02 -36.66
C TRP E 231 17.21 4.12 -36.30
N ILE E 232 17.71 4.27 -35.08
CA ILE E 232 19.00 3.69 -34.71
C ILE E 232 18.83 2.26 -34.19
N GLN E 233 18.13 2.09 -33.07
CA GLN E 233 17.95 0.76 -32.49
C GLN E 233 16.62 0.15 -32.91
N LYS E 234 16.46 -0.01 -34.22
CA LYS E 234 15.23 -0.64 -34.73
C LYS E 234 15.06 -2.05 -34.17
N GLU E 235 16.16 -2.74 -33.89
CA GLU E 235 16.09 -4.12 -33.41
C GLU E 235 15.41 -4.23 -32.05
N THR E 236 15.45 -3.17 -31.25
CA THR E 236 14.80 -3.20 -29.94
C THR E 236 13.28 -3.21 -30.03
N LEU E 237 12.71 -2.95 -31.20
CA LEU E 237 11.27 -2.87 -31.36
C LEU E 237 10.72 -3.90 -32.35
N VAL E 238 11.55 -4.83 -32.82
CA VAL E 238 11.11 -5.94 -33.66
C VAL E 238 11.70 -7.21 -33.10
N THR E 239 11.12 -8.34 -33.50
CA THR E 239 11.61 -9.66 -33.13
C THR E 239 11.70 -10.53 -34.37
N PHE E 240 12.84 -11.17 -34.55
CA PHE E 240 13.06 -12.08 -35.66
C PHE E 240 12.88 -13.50 -35.16
N LYS E 241 11.85 -14.18 -35.64
CA LYS E 241 11.52 -15.53 -35.21
C LYS E 241 11.87 -16.51 -36.31
N ASN E 242 12.63 -17.54 -35.95
CA ASN E 242 12.98 -18.62 -36.86
C ASN E 242 12.70 -19.94 -36.16
N PRO E 243 11.42 -20.32 -36.04
CA PRO E 243 11.09 -21.60 -35.41
C PRO E 243 11.64 -22.76 -36.23
N HIS E 244 12.28 -23.69 -35.54
CA HIS E 244 12.96 -24.79 -36.24
C HIS E 244 14.02 -24.16 -37.14
N ALA E 245 14.20 -24.63 -38.37
CA ALA E 245 15.17 -24.01 -39.27
C ALA E 245 14.63 -23.92 -40.69
N LYS E 246 13.32 -23.78 -40.85
CA LYS E 246 12.74 -23.75 -42.19
C LYS E 246 12.58 -22.35 -42.74
N LYS E 247 12.12 -21.40 -41.92
CA LYS E 247 11.78 -20.08 -42.42
C LYS E 247 12.05 -19.04 -41.34
N GLN E 248 12.29 -17.81 -41.77
CA GLN E 248 12.53 -16.69 -40.88
C GLN E 248 11.63 -15.53 -41.27
N ASP E 249 11.17 -14.80 -40.27
CA ASP E 249 10.36 -13.60 -40.50
C ASP E 249 10.45 -12.72 -39.26
N VAL E 250 9.91 -11.51 -39.38
CA VAL E 250 10.07 -10.48 -38.36
C VAL E 250 8.71 -9.83 -38.12
N VAL E 251 8.43 -9.53 -36.85
CA VAL E 251 7.21 -8.85 -36.45
C VAL E 251 7.57 -7.72 -35.48
N VAL E 252 6.66 -6.75 -35.39
CA VAL E 252 6.84 -5.64 -34.44
C VAL E 252 6.45 -6.10 -33.04
N LEU E 253 6.91 -5.35 -32.05
CA LEU E 253 6.82 -5.77 -30.65
C LEU E 253 5.62 -5.18 -29.91
N GLY E 254 4.83 -4.33 -30.55
CA GLY E 254 3.66 -3.78 -29.90
C GLY E 254 3.94 -2.43 -29.24
N SER E 255 2.87 -1.68 -28.99
CA SER E 255 3.01 -0.34 -28.43
C SER E 255 3.72 -0.38 -27.10
N GLN E 256 4.68 0.54 -26.92
CA GLN E 256 5.50 0.61 -25.73
C GLN E 256 5.10 1.74 -24.79
N GLU E 257 3.92 2.34 -24.99
CA GLU E 257 3.52 3.45 -24.14
C GLU E 257 3.37 3.02 -22.69
N GLY E 258 2.74 1.86 -22.46
CA GLY E 258 2.60 1.38 -21.10
C GLY E 258 3.92 1.00 -20.46
N ALA E 259 4.81 0.37 -21.23
CA ALA E 259 6.12 0.05 -20.70
C ALA E 259 6.90 1.31 -20.35
N MET E 260 6.78 2.37 -21.16
CA MET E 260 7.46 3.61 -20.85
C MET E 260 6.86 4.30 -19.64
N HIS E 261 5.54 4.21 -19.48
CA HIS E 261 4.91 4.68 -18.25
C HIS E 261 5.47 3.96 -17.04
N THR E 262 5.60 2.64 -17.12
CA THR E 262 6.19 1.88 -16.02
C THR E 262 7.63 2.31 -15.75
N ALA E 263 8.42 2.50 -16.82
CA ALA E 263 9.80 2.93 -16.66
C ALA E 263 9.91 4.35 -16.11
N LEU E 264 8.88 5.16 -16.28
CA LEU E 264 8.89 6.55 -15.81
C LEU E 264 8.53 6.69 -14.34
N THR E 265 8.43 5.58 -13.60
CA THR E 265 8.24 5.69 -12.17
C THR E 265 9.48 6.29 -11.52
N GLY E 266 9.26 7.18 -10.56
CA GLY E 266 10.35 7.88 -9.90
C GLY E 266 10.71 9.21 -10.50
N ALA E 267 10.15 9.56 -11.66
CA ALA E 267 10.37 10.85 -12.28
C ALA E 267 9.15 11.73 -12.05
N THR E 268 9.38 12.97 -11.63
CA THR E 268 8.28 13.89 -11.39
C THR E 268 7.64 14.30 -12.72
N GLU E 269 6.32 14.26 -12.77
CA GLU E 269 5.60 14.67 -13.96
C GLU E 269 5.59 16.18 -14.10
N ILE E 270 5.56 16.66 -15.34
CA ILE E 270 5.57 18.07 -15.65
C ILE E 270 4.50 18.35 -16.70
N GLN E 271 4.38 19.62 -17.07
CA GLN E 271 3.43 20.06 -18.09
C GLN E 271 4.20 20.60 -19.29
N MET E 272 3.80 20.17 -20.49
CA MET E 272 4.46 20.62 -21.71
C MET E 272 3.48 20.88 -22.84
N SER E 273 2.19 21.05 -22.54
CA SER E 273 1.21 21.32 -23.59
C SER E 273 1.21 22.80 -23.97
N SER E 274 0.92 23.67 -23.02
CA SER E 274 0.93 25.12 -23.24
C SER E 274 2.18 25.75 -22.64
N GLY E 275 3.32 25.34 -23.19
CA GLY E 275 4.61 25.73 -22.64
C GLY E 275 5.12 24.72 -21.63
N ASN E 276 6.44 24.76 -21.42
CA ASN E 276 7.11 23.80 -20.53
C ASN E 276 7.03 24.32 -19.11
N LEU E 277 6.00 23.88 -18.40
CA LEU E 277 5.73 24.32 -17.03
C LEU E 277 6.14 23.24 -16.05
N LEU E 278 6.99 23.59 -15.10
CA LEU E 278 7.51 22.65 -14.10
C LEU E 278 7.01 23.09 -12.73
N PHE E 279 6.01 22.38 -12.20
CA PHE E 279 5.54 22.61 -10.83
C PHE E 279 6.25 21.67 -9.86
N THR E 280 7.58 21.66 -9.94
CA THR E 280 8.40 20.82 -9.09
C THR E 280 9.79 21.42 -9.04
N GLY E 281 10.44 21.30 -7.89
CA GLY E 281 11.77 21.83 -7.70
C GLY E 281 11.79 22.90 -6.61
N HIS E 282 12.92 23.59 -6.55
CA HIS E 282 13.15 24.59 -5.52
C HIS E 282 14.01 25.71 -6.07
N LEU E 283 14.02 26.83 -5.35
CA LEU E 283 14.84 27.98 -5.70
C LEU E 283 15.39 28.60 -4.43
N LYS E 284 16.71 28.77 -4.37
CA LYS E 284 17.36 29.41 -3.23
C LYS E 284 17.41 30.92 -3.46
N CYS E 285 16.95 31.68 -2.47
CA CYS E 285 16.92 33.13 -2.55
C CYS E 285 17.44 33.75 -1.27
N ARG E 286 18.07 34.91 -1.40
CA ARG E 286 18.43 35.74 -0.27
C ARG E 286 17.44 36.89 -0.19
N LEU E 287 16.78 37.02 0.95
CA LEU E 287 15.68 37.98 1.12
C LEU E 287 16.20 39.22 1.83
N ARG E 288 16.13 40.37 1.15
CA ARG E 288 16.58 41.65 1.69
C ARG E 288 15.37 42.38 2.27
N MET E 289 15.35 42.54 3.60
CA MET E 289 14.25 43.21 4.28
C MET E 289 14.55 44.67 4.60
N ASP E 290 15.69 45.19 4.14
CA ASP E 290 16.13 46.50 4.60
C ASP E 290 15.13 47.60 4.24
N LYS E 291 14.60 47.59 3.02
CA LYS E 291 13.57 48.56 2.63
C LYS E 291 12.17 48.01 2.86
N LEU E 292 11.91 47.48 4.06
CA LEU E 292 10.64 46.87 4.41
C LEU E 292 10.19 47.45 5.74
N GLN E 293 9.04 48.12 5.74
CA GLN E 293 8.49 48.72 6.94
C GLN E 293 7.08 48.24 7.20
N LEU E 294 6.72 48.17 8.49
CA LEU E 294 5.36 47.84 8.87
C LEU E 294 4.40 48.95 8.47
N LYS E 295 3.20 48.56 8.04
CA LYS E 295 2.17 49.51 7.65
C LYS E 295 1.43 50.01 8.88
N GLY E 296 1.29 51.32 8.98
CA GLY E 296 0.49 51.91 10.03
C GLY E 296 1.11 51.91 11.41
N MET E 297 2.44 51.84 11.52
CA MET E 297 3.07 51.89 12.84
C MET E 297 2.80 53.21 13.53
N SER E 298 2.49 54.25 12.78
CA SER E 298 2.11 55.54 13.36
C SER E 298 0.60 55.66 13.51
N TYR E 299 -0.01 54.65 14.12
CA TYR E 299 -1.43 54.61 14.36
C TYR E 299 -1.70 54.50 15.85
N SER E 300 -2.91 54.91 16.25
CA SER E 300 -3.33 54.82 17.63
C SER E 300 -4.12 53.54 17.86
N MET E 301 -4.10 53.07 19.11
CA MET E 301 -4.95 51.95 19.49
C MET E 301 -6.40 52.30 19.20
N CYS E 302 -7.17 51.29 18.76
CA CYS E 302 -8.49 51.56 18.23
C CYS E 302 -9.42 52.17 19.29
N THR E 303 -9.41 51.64 20.50
CA THR E 303 -10.30 52.10 21.56
C THR E 303 -11.77 51.95 21.17
N GLY E 304 -12.13 50.73 20.76
CA GLY E 304 -13.49 50.42 20.38
C GLY E 304 -13.73 48.93 20.50
N LYS E 305 -14.94 48.52 20.16
CA LYS E 305 -15.34 47.12 20.27
C LYS E 305 -15.03 46.37 18.98
N PHE E 306 -14.76 45.08 19.14
CA PHE E 306 -14.60 44.16 18.03
C PHE E 306 -15.61 43.02 18.17
N LYS E 307 -16.06 42.50 17.04
CA LYS E 307 -16.90 41.31 17.00
C LYS E 307 -16.22 40.26 16.14
N VAL E 308 -16.19 39.02 16.63
CA VAL E 308 -15.64 37.91 15.87
C VAL E 308 -16.62 37.56 14.76
N VAL E 309 -16.18 37.71 13.52
CA VAL E 309 -17.01 37.36 12.37
C VAL E 309 -16.65 35.99 11.79
N LYS E 310 -15.47 35.48 12.08
CA LYS E 310 -15.08 34.12 11.75
C LYS E 310 -14.43 33.49 12.96
N GLU E 311 -14.97 32.37 13.42
CA GLU E 311 -14.53 31.78 14.67
C GLU E 311 -13.04 31.44 14.62
N ILE E 312 -12.41 31.44 15.79
CA ILE E 312 -11.00 31.11 15.88
C ILE E 312 -10.79 29.68 15.42
N ALA E 313 -9.83 29.48 14.52
CA ALA E 313 -9.51 28.17 13.98
C ALA E 313 -8.02 27.91 14.12
N GLU E 314 -7.66 26.65 14.30
CA GLU E 314 -6.27 26.24 14.42
C GLU E 314 -5.79 25.63 13.13
N THR E 315 -4.66 26.12 12.62
CA THR E 315 -4.02 25.51 11.47
C THR E 315 -3.20 24.31 11.92
N GLN E 316 -2.68 23.55 10.95
CA GLN E 316 -1.90 22.36 11.26
C GLN E 316 -0.43 22.69 11.45
N HIS E 317 -0.17 23.78 12.16
CA HIS E 317 1.19 24.20 12.49
C HIS E 317 1.35 24.59 13.95
N GLY E 318 0.27 24.74 14.71
CA GLY E 318 0.34 25.28 16.05
C GLY E 318 -0.05 26.74 16.16
N THR E 319 -0.47 27.35 15.07
CA THR E 319 -0.92 28.74 15.08
C THR E 319 -2.44 28.78 14.91
N ILE E 320 -3.02 29.90 15.30
CA ILE E 320 -4.46 30.09 15.25
C ILE E 320 -4.76 31.31 14.40
N VAL E 321 -5.94 31.33 13.80
CA VAL E 321 -6.41 32.45 13.00
C VAL E 321 -7.81 32.81 13.44
N ILE E 322 -8.19 34.06 13.18
CA ILE E 322 -9.49 34.59 13.59
C ILE E 322 -9.80 35.80 12.73
N ARG E 323 -11.08 36.04 12.51
CA ARG E 323 -11.56 37.19 11.75
C ARG E 323 -12.42 38.04 12.66
N VAL E 324 -12.03 39.30 12.87
CA VAL E 324 -12.76 40.22 13.72
C VAL E 324 -13.11 41.45 12.89
N GLN E 325 -14.21 42.09 13.25
CA GLN E 325 -14.65 43.32 12.62
C GLN E 325 -14.75 44.41 13.67
N TYR E 326 -14.55 45.64 13.24
CA TYR E 326 -14.47 46.80 14.13
C TYR E 326 -15.75 47.60 14.03
N GLU E 327 -16.34 47.93 15.19
CA GLU E 327 -17.44 48.88 15.29
C GLU E 327 -16.99 49.94 16.28
N GLY E 328 -16.25 50.93 15.78
CA GLY E 328 -15.73 51.99 16.61
C GLY E 328 -15.24 53.12 15.74
N ASP E 329 -14.70 54.14 16.39
CA ASP E 329 -14.21 55.33 15.71
C ASP E 329 -12.70 55.29 15.58
N GLY E 330 -12.18 56.18 14.74
CA GLY E 330 -10.77 56.16 14.42
C GLY E 330 -10.38 54.90 13.68
N SER E 331 -11.18 54.54 12.66
CA SER E 331 -11.07 53.24 12.03
C SER E 331 -9.65 52.87 11.62
N PRO E 332 -8.86 53.75 11.00
CA PRO E 332 -7.47 53.38 10.71
C PRO E 332 -6.64 53.35 11.98
N CYS E 333 -6.73 52.25 12.73
CA CYS E 333 -6.16 52.16 14.06
C CYS E 333 -5.60 50.77 14.29
N LYS E 334 -4.62 50.70 15.20
CA LYS E 334 -4.04 49.42 15.58
C LYS E 334 -5.05 48.60 16.38
N ILE E 335 -5.03 47.29 16.17
CA ILE E 335 -5.92 46.37 16.88
C ILE E 335 -5.20 45.89 18.15
N PRO E 336 -5.78 46.09 19.33
CA PRO E 336 -5.14 45.61 20.57
C PRO E 336 -5.26 44.10 20.74
N PHE E 337 -4.33 43.35 20.17
CA PHE E 337 -4.35 41.89 20.20
C PHE E 337 -3.31 41.37 21.18
N GLU E 338 -3.75 40.50 22.10
CA GLU E 338 -2.85 39.86 23.04
C GLU E 338 -3.28 38.41 23.25
N ILE E 339 -2.30 37.58 23.59
CA ILE E 339 -2.54 36.20 24.03
C ILE E 339 -1.93 36.08 25.42
N MET E 340 -2.77 36.00 26.44
CA MET E 340 -2.33 35.98 27.82
C MET E 340 -2.90 34.77 28.53
N ASP E 341 -2.64 34.69 29.83
CA ASP E 341 -3.20 33.64 30.67
C ASP E 341 -4.57 34.09 31.16
N LEU E 342 -5.17 33.30 32.06
CA LEU E 342 -6.51 33.63 32.55
C LEU E 342 -6.52 34.97 33.28
N GLU E 343 -5.52 35.23 34.11
CA GLU E 343 -5.47 36.44 34.91
C GLU E 343 -4.93 37.65 34.14
N LYS E 344 -4.51 37.47 32.89
CA LYS E 344 -3.94 38.55 32.09
C LYS E 344 -2.72 39.16 32.78
N ARG E 345 -1.85 38.29 33.29
CA ARG E 345 -0.62 38.72 33.95
C ARG E 345 0.65 38.40 33.17
N HIS E 346 0.59 37.43 32.24
CA HIS E 346 1.74 37.06 31.44
C HIS E 346 1.34 37.01 29.97
N VAL E 347 2.29 37.36 29.11
CA VAL E 347 2.12 37.24 27.67
C VAL E 347 2.57 35.84 27.28
N LEU E 348 1.60 34.99 26.92
CA LEU E 348 1.90 33.58 26.69
C LEU E 348 2.23 33.28 25.23
N GLY E 349 1.59 33.97 24.29
CA GLY E 349 1.79 33.72 22.89
C GLY E 349 2.11 35.01 22.14
N ARG E 350 2.54 34.83 20.90
CA ARG E 350 2.96 35.94 20.05
C ARG E 350 2.06 36.05 18.83
N LEU E 351 2.09 37.23 18.21
CA LEU E 351 1.32 37.49 17.00
C LEU E 351 2.17 37.16 15.78
N ILE E 352 1.58 36.43 14.84
CA ILE E 352 2.26 36.16 13.57
C ILE E 352 1.91 37.22 12.52
N THR E 353 0.66 37.65 12.48
CA THR E 353 0.27 38.81 11.70
C THR E 353 0.57 40.04 12.54
N VAL E 354 1.85 40.42 12.54
CA VAL E 354 2.31 41.51 13.40
C VAL E 354 1.63 42.81 12.98
N ASN E 355 1.47 43.71 13.95
CA ASN E 355 0.83 45.00 13.74
C ASN E 355 -0.52 44.86 13.04
N PRO E 356 -1.47 44.13 13.62
CA PRO E 356 -2.82 44.10 13.05
C PRO E 356 -3.46 45.49 13.16
N ILE E 357 -4.05 45.94 12.06
CA ILE E 357 -4.67 47.26 12.00
C ILE E 357 -5.99 47.14 11.26
N VAL E 358 -6.90 48.07 11.58
CA VAL E 358 -8.14 48.23 10.84
C VAL E 358 -7.95 49.39 9.87
N THR E 359 -8.11 49.11 8.58
CA THR E 359 -7.97 50.15 7.58
C THR E 359 -9.32 50.78 7.24
N GLU E 360 -10.34 49.95 7.02
CA GLU E 360 -11.70 50.40 6.79
C GLU E 360 -12.60 49.79 7.87
N LYS E 361 -13.45 50.63 8.47
CA LYS E 361 -14.32 50.17 9.54
C LYS E 361 -15.06 48.89 9.14
N ASP E 362 -15.87 48.98 8.09
CA ASP E 362 -16.67 47.83 7.66
C ASP E 362 -15.87 46.88 6.78
N SER E 363 -14.70 46.47 7.25
CA SER E 363 -13.83 45.55 6.51
C SER E 363 -13.20 44.60 7.51
N PRO E 364 -13.70 43.36 7.62
CA PRO E 364 -13.16 42.44 8.61
C PRO E 364 -11.68 42.16 8.37
N VAL E 365 -10.95 42.00 9.48
CA VAL E 365 -9.52 41.71 9.44
C VAL E 365 -9.28 40.42 10.19
N ASN E 366 -8.53 39.52 9.58
CA ASN E 366 -8.26 38.21 10.15
C ASN E 366 -6.81 38.11 10.59
N ILE E 367 -6.60 37.83 11.87
CA ILE E 367 -5.28 37.82 12.47
C ILE E 367 -4.83 36.38 12.65
N GLU E 368 -3.52 36.16 12.53
CA GLU E 368 -2.90 34.89 12.85
C GLU E 368 -1.95 35.08 14.01
N ALA E 369 -1.96 34.14 14.94
CA ALA E 369 -1.08 34.19 16.10
C ALA E 369 -0.69 32.78 16.49
N GLU E 370 0.39 32.68 17.25
CA GLU E 370 0.86 31.39 17.75
C GLU E 370 0.65 31.31 19.26
N PRO E 371 -0.35 30.57 19.73
CA PRO E 371 -0.62 30.52 21.17
C PRO E 371 0.26 29.51 21.86
N PRO E 372 0.26 29.49 23.20
CA PRO E 372 1.05 28.48 23.92
C PRO E 372 0.37 27.12 23.89
N PHE E 373 1.14 26.10 24.32
CA PHE E 373 0.65 24.73 24.26
C PHE E 373 -0.47 24.44 25.25
N GLY E 374 -0.50 25.11 26.40
CA GLY E 374 -1.55 24.82 27.35
C GLY E 374 -2.85 25.50 27.00
N ASP E 375 -3.47 26.16 27.98
CA ASP E 375 -4.65 26.97 27.76
C ASP E 375 -4.24 28.44 27.71
N SER E 376 -4.78 29.17 26.74
CA SER E 376 -4.46 30.57 26.57
C SER E 376 -5.72 31.32 26.18
N TYR E 377 -5.67 32.64 26.29
CA TYR E 377 -6.82 33.49 26.02
C TYR E 377 -6.42 34.59 25.06
N ILE E 378 -7.20 34.73 23.98
CA ILE E 378 -6.99 35.80 23.01
C ILE E 378 -7.83 37.00 23.42
N ILE E 379 -7.16 38.09 23.74
CA ILE E 379 -7.81 39.34 24.15
C ILE E 379 -7.71 40.31 22.99
N ILE E 380 -8.86 40.76 22.50
CA ILE E 380 -8.94 41.68 21.38
C ILE E 380 -9.74 42.89 21.83
N GLY E 381 -9.11 44.06 21.82
CA GLY E 381 -9.75 45.28 22.25
C GLY E 381 -9.32 45.71 23.64
N VAL E 382 -10.04 46.72 24.15
CA VAL E 382 -9.75 47.31 25.45
C VAL E 382 -10.99 47.23 26.33
N GLU E 383 -10.87 47.67 27.58
CA GLU E 383 -11.84 47.44 28.65
C GLU E 383 -13.29 47.45 28.18
N PRO E 384 -13.76 48.52 27.52
CA PRO E 384 -15.16 48.55 27.11
C PRO E 384 -15.45 47.59 25.97
N GLY E 385 -16.12 46.48 26.28
CA GLY E 385 -16.46 45.50 25.27
C GLY E 385 -15.32 44.60 24.84
N GLN E 386 -14.19 44.63 25.53
CA GLN E 386 -13.07 43.78 25.17
C GLN E 386 -13.49 42.32 25.17
N LEU E 387 -13.13 41.59 24.12
CA LEU E 387 -13.51 40.19 23.97
C LEU E 387 -12.33 39.31 24.37
N LYS E 388 -12.61 38.32 25.21
CA LYS E 388 -11.61 37.38 25.69
C LYS E 388 -11.97 35.99 25.20
N LEU E 389 -11.09 35.38 24.42
CA LEU E 389 -11.36 34.11 23.76
C LEU E 389 -10.45 33.03 24.33
N SER E 390 -11.05 32.02 24.94
CA SER E 390 -10.28 30.89 25.44
C SER E 390 -9.84 29.99 24.30
N TRP E 391 -8.64 29.42 24.43
CA TRP E 391 -8.13 28.46 23.46
C TRP E 391 -7.25 27.46 24.16
N PHE E 392 -7.29 26.21 23.68
CA PHE E 392 -6.43 25.15 24.17
C PHE E 392 -5.63 24.55 23.02
N LYS E 393 -4.39 24.18 23.31
CA LYS E 393 -3.48 23.56 22.36
C LYS E 393 -3.16 22.16 22.83
N LYS E 394 -3.31 21.18 21.93
CA LYS E 394 -3.22 19.78 22.34
C LYS E 394 -1.82 19.20 22.29
N GLY E 395 -0.82 19.96 21.86
CA GLY E 395 0.53 19.47 21.74
C GLY E 395 1.37 19.67 22.99
N SER E 396 2.68 19.65 22.80
CA SER E 396 3.62 19.94 23.87
C SER E 396 4.96 20.33 23.26
N SER E 397 5.80 20.96 24.08
CA SER E 397 7.08 21.45 23.60
C SER E 397 8.02 20.31 23.19
N ILE E 398 7.97 19.18 23.90
CA ILE E 398 8.80 18.04 23.54
C ILE E 398 8.39 17.50 22.17
N GLY E 399 7.09 17.33 21.97
CA GLY E 399 6.60 16.89 20.67
C GLY E 399 6.91 17.90 19.58
N GLN E 400 6.81 19.19 19.89
CA GLN E 400 7.15 20.21 18.91
C GLN E 400 8.62 20.15 18.52
N MET E 401 9.50 19.94 19.51
CA MET E 401 10.92 19.79 19.21
C MET E 401 11.18 18.57 18.33
N PHE E 402 10.52 17.45 18.65
CA PHE E 402 10.68 16.27 17.81
C PHE E 402 10.20 16.52 16.39
N GLU E 403 9.07 17.20 16.24
CA GLU E 403 8.56 17.49 14.91
C GLU E 403 9.48 18.43 14.15
N THR E 404 10.03 19.45 14.83
CA THR E 404 10.97 20.35 14.19
C THR E 404 12.22 19.61 13.74
N THR E 405 12.75 18.73 14.58
CA THR E 405 13.93 17.96 14.21
C THR E 405 13.65 17.06 13.01
N MET E 406 12.49 16.40 13.00
CA MET E 406 12.16 15.52 11.88
C MET E 406 11.92 16.31 10.61
N ARG E 407 11.31 17.50 10.73
CA ARG E 407 11.13 18.35 9.56
C ARG E 407 12.47 18.80 8.99
N GLY E 408 13.42 19.13 9.86
CA GLY E 408 14.74 19.48 9.38
C GLY E 408 15.44 18.32 8.71
N ALA E 409 15.30 17.11 9.30
CA ALA E 409 15.88 15.93 8.68
C ALA E 409 15.27 15.65 7.32
N LYS E 410 13.95 15.84 7.20
CA LYS E 410 13.29 15.64 5.90
C LYS E 410 13.73 16.68 4.89
N ARG E 411 13.93 17.93 5.32
CA ARG E 411 14.45 18.94 4.43
C ARG E 411 15.85 18.59 3.95
N MET E 412 16.69 18.08 4.85
CA MET E 412 18.02 17.62 4.45
C MET E 412 17.92 16.47 3.46
N ALA E 413 16.98 15.55 3.67
CA ALA E 413 16.83 14.41 2.77
C ALA E 413 16.41 14.84 1.38
N ILE E 414 15.66 15.95 1.27
CA ILE E 414 15.20 16.43 -0.03
C ILE E 414 16.20 17.42 -0.61
N LEU E 415 16.52 18.46 0.17
CA LEU E 415 17.46 19.50 -0.27
C LEU E 415 18.85 19.23 0.29
N GLY E 416 19.44 18.13 -0.17
CA GLY E 416 20.74 17.73 0.32
C GLY E 416 21.80 18.80 0.19
N ASP E 417 22.23 19.33 1.34
CA ASP E 417 23.26 20.37 1.51
C ASP E 417 22.74 21.75 1.11
N THR E 418 21.54 21.80 0.53
CA THR E 418 20.85 23.07 0.33
C THR E 418 19.89 23.39 1.46
N ALA E 419 19.57 22.40 2.30
CA ALA E 419 18.80 22.66 3.50
C ALA E 419 19.57 23.52 4.49
N TRP E 420 20.89 23.59 4.36
CA TRP E 420 21.70 24.43 5.23
C TRP E 420 21.58 25.91 4.88
N ASP E 421 20.93 26.24 3.77
CA ASP E 421 20.65 27.62 3.41
C ASP E 421 19.22 28.04 3.72
N PHE E 422 18.40 27.16 4.28
CA PHE E 422 16.96 27.42 4.31
C PHE E 422 16.62 28.66 5.11
N GLY E 423 17.25 28.84 6.27
CA GLY E 423 17.01 30.02 7.07
C GLY E 423 18.29 30.62 7.61
N SER E 424 19.39 30.42 6.89
CA SER E 424 20.68 30.86 7.37
C SER E 424 20.79 32.38 7.31
N LEU E 425 21.68 32.90 8.14
CA LEU E 425 21.97 34.33 8.25
C LEU E 425 23.46 34.56 8.17
N GLY E 426 24.14 33.77 7.35
CA GLY E 426 25.58 33.70 7.38
C GLY E 426 26.05 32.74 8.44
N GLY E 427 27.08 33.10 9.19
CA GLY E 427 27.54 32.27 10.28
C GLY E 427 28.64 31.30 9.86
N VAL E 428 29.41 30.87 10.87
CA VAL E 428 30.50 29.93 10.63
C VAL E 428 30.04 28.49 10.79
N PHE E 429 29.18 28.23 11.78
CA PHE E 429 28.65 26.88 11.93
C PHE E 429 27.86 26.45 10.70
N THR E 430 27.04 27.35 10.17
CA THR E 430 26.25 27.00 8.99
C THR E 430 27.15 26.70 7.79
N SER E 431 28.19 27.51 7.58
CA SER E 431 29.09 27.28 6.45
C SER E 431 29.88 25.99 6.61
N ILE E 432 30.39 25.73 7.81
CA ILE E 432 31.14 24.49 8.04
C ILE E 432 30.23 23.29 7.83
N GLY E 433 29.01 23.35 8.36
CA GLY E 433 28.07 22.27 8.14
C GLY E 433 27.74 22.08 6.68
N LYS E 434 27.58 23.17 5.93
CA LYS E 434 27.27 23.06 4.52
C LYS E 434 28.41 22.41 3.76
N ALA E 435 29.66 22.78 4.08
CA ALA E 435 30.80 22.15 3.41
C ALA E 435 30.90 20.67 3.74
N LEU E 436 30.74 20.33 5.02
CA LEU E 436 30.79 18.93 5.42
C LEU E 436 29.68 18.14 4.75
N HIS E 437 28.47 18.71 4.71
CA HIS E 437 27.34 18.05 4.06
C HIS E 437 27.59 17.88 2.57
N GLN E 438 28.20 18.88 1.93
CA GLN E 438 28.52 18.76 0.51
C GLN E 438 29.47 17.59 0.26
N VAL E 439 30.53 17.50 1.07
CA VAL E 439 31.50 16.41 0.89
C VAL E 439 30.83 15.06 1.14
N PHE E 440 30.13 14.93 2.26
CA PHE E 440 29.48 13.67 2.59
C PHE E 440 28.41 13.30 1.58
N GLY E 441 27.66 14.28 1.08
CA GLY E 441 26.65 14.02 0.07
C GLY E 441 27.23 13.60 -1.26
N ALA E 442 28.35 14.20 -1.67
CA ALA E 442 29.02 13.74 -2.88
C ALA E 442 29.45 12.28 -2.73
N ILE E 443 30.07 11.96 -1.59
CA ILE E 443 30.50 10.58 -1.38
C ILE E 443 29.31 9.63 -1.34
N TYR E 444 28.23 10.03 -0.67
CA TYR E 444 27.05 9.19 -0.54
C TYR E 444 26.36 8.96 -1.88
N GLY E 445 26.21 10.03 -2.67
CA GLY E 445 25.58 9.90 -3.97
C GLY E 445 26.41 9.06 -4.92
N ALA E 446 27.74 9.17 -4.83
CA ALA E 446 28.58 8.32 -5.65
C ALA E 446 28.32 6.85 -5.36
N ALA E 447 27.99 6.51 -4.11
CA ALA E 447 27.84 5.13 -3.70
C ALA E 447 26.39 4.64 -3.70
N PHE E 448 25.40 5.53 -3.87
CA PHE E 448 24.02 5.11 -3.81
C PHE E 448 23.21 5.48 -5.05
N SER E 449 23.85 6.03 -6.08
CA SER E 449 23.13 6.38 -7.30
C SER E 449 22.57 5.12 -7.96
N GLY E 450 21.35 5.23 -8.47
CA GLY E 450 20.71 4.13 -9.14
C GLY E 450 20.13 3.06 -8.26
N VAL E 451 20.12 3.26 -6.95
CA VAL E 451 19.67 2.26 -5.99
C VAL E 451 18.26 2.60 -5.55
N SER E 452 17.42 1.56 -5.43
CA SER E 452 16.05 1.74 -4.98
C SER E 452 16.01 1.83 -3.46
N TRP E 453 14.82 2.18 -2.93
CA TRP E 453 14.67 2.36 -1.49
C TRP E 453 14.86 1.06 -0.74
N THR E 454 14.37 -0.05 -1.29
CA THR E 454 14.55 -1.34 -0.63
C THR E 454 16.04 -1.71 -0.54
N MET E 455 16.79 -1.45 -1.61
CA MET E 455 18.23 -1.72 -1.58
C MET E 455 18.92 -0.82 -0.58
N LYS E 456 18.48 0.44 -0.48
CA LYS E 456 19.04 1.34 0.53
C LYS E 456 18.76 0.83 1.94
N ILE E 457 17.56 0.32 2.17
CA ILE E 457 17.23 -0.25 3.48
C ILE E 457 18.12 -1.45 3.78
N LEU E 458 18.32 -2.33 2.79
CA LEU E 458 19.18 -3.49 2.98
C LEU E 458 20.60 -3.05 3.32
N ILE E 459 21.14 -2.10 2.55
CA ILE E 459 22.52 -1.66 2.78
C ILE E 459 22.64 -1.00 4.14
N GLY E 460 21.64 -0.22 4.53
CA GLY E 460 21.67 0.41 5.84
C GLY E 460 21.65 -0.61 6.96
N VAL E 461 20.82 -1.64 6.84
CA VAL E 461 20.79 -2.69 7.86
C VAL E 461 22.15 -3.38 7.94
N VAL E 462 22.75 -3.70 6.79
CA VAL E 462 24.03 -4.37 6.79
C VAL E 462 25.09 -3.50 7.46
N ILE E 463 25.14 -2.22 7.09
CA ILE E 463 26.15 -1.33 7.64
C ILE E 463 25.94 -1.14 9.12
N THR E 464 24.68 -1.01 9.55
CA THR E 464 24.39 -0.87 10.97
C THR E 464 24.84 -2.09 11.75
N TRP E 465 24.59 -3.28 11.24
CA TRP E 465 25.02 -4.49 11.94
C TRP E 465 26.55 -4.57 12.00
N ILE E 466 27.21 -4.25 10.89
CA ILE E 466 28.68 -4.27 10.87
C ILE E 466 29.23 -3.32 11.93
N GLY E 467 28.69 -2.11 12.00
CA GLY E 467 29.12 -1.18 13.03
C GLY E 467 28.78 -1.67 14.43
N MET E 468 27.64 -2.33 14.57
CA MET E 468 27.22 -2.81 15.89
C MET E 468 28.21 -3.82 16.44
N ASN E 469 28.68 -4.74 15.61
CA ASN E 469 29.71 -5.69 16.02
C ASN E 469 31.01 -5.31 15.31
N SER E 470 31.75 -4.37 15.90
CA SER E 470 33.01 -3.92 15.37
C SER E 470 33.99 -3.68 16.52
N ARG E 471 35.25 -4.03 16.31
CA ARG E 471 36.25 -3.89 17.36
C ARG E 471 36.44 -2.43 17.75
N SER E 472 36.68 -1.58 16.76
CA SER E 472 36.92 -0.16 17.03
C SER E 472 35.65 0.53 17.49
N THR E 473 35.77 1.33 18.55
CA THR E 473 34.62 2.08 19.04
C THR E 473 34.30 3.26 18.13
N SER E 474 35.32 3.97 17.66
CA SER E 474 35.09 5.07 16.72
C SER E 474 34.55 4.55 15.39
N LEU E 475 35.16 3.49 14.87
CA LEU E 475 34.66 2.89 13.64
C LEU E 475 33.25 2.34 13.83
N SER E 476 32.99 1.72 14.98
CA SER E 476 31.64 1.22 15.26
C SER E 476 30.63 2.36 15.25
N VAL E 477 30.94 3.45 15.94
CA VAL E 477 30.01 4.58 16.00
C VAL E 477 29.79 5.17 14.62
N SER E 478 30.87 5.35 13.86
CA SER E 478 30.74 5.95 12.52
C SER E 478 29.89 5.06 11.61
N LEU E 479 30.13 3.75 11.63
CA LEU E 479 29.37 2.86 10.76
C LEU E 479 27.91 2.77 11.19
N VAL E 480 27.65 2.75 12.50
CA VAL E 480 26.27 2.72 12.95
C VAL E 480 25.55 4.00 12.54
N LEU E 481 26.22 5.15 12.66
CA LEU E 481 25.62 6.41 12.24
C LEU E 481 25.33 6.40 10.74
N VAL E 482 26.27 5.91 9.94
CA VAL E 482 26.06 5.86 8.50
C VAL E 482 24.89 4.93 8.16
N GLY E 483 24.81 3.78 8.83
CA GLY E 483 23.72 2.87 8.57
C GLY E 483 22.36 3.43 8.98
N VAL E 484 22.32 4.14 10.10
CA VAL E 484 21.08 4.77 10.53
C VAL E 484 20.65 5.85 9.54
N VAL E 485 21.60 6.65 9.06
CA VAL E 485 21.27 7.67 8.08
C VAL E 485 20.77 7.02 6.80
N THR E 486 21.41 5.94 6.37
CA THR E 486 20.98 5.24 5.16
C THR E 486 19.58 4.67 5.33
N LEU E 487 19.29 4.10 6.50
CA LEU E 487 17.95 3.56 6.75
C LEU E 487 16.91 4.66 6.72
N TYR E 488 17.19 5.81 7.34
CA TYR E 488 16.24 6.92 7.29
C TYR E 488 16.02 7.39 5.85
N LEU E 489 17.11 7.51 5.09
CA LEU E 489 16.97 7.94 3.70
C LEU E 489 16.14 6.97 2.90
N GLY E 490 16.38 5.67 3.08
CA GLY E 490 15.59 4.67 2.38
C GLY E 490 14.12 4.74 2.77
N VAL E 491 13.84 5.04 4.04
CA VAL E 491 12.46 5.19 4.47
C VAL E 491 11.82 6.42 3.83
N MET E 492 12.60 7.48 3.62
CA MET E 492 12.06 8.75 3.14
C MET E 492 12.15 8.93 1.63
N VAL E 493 12.80 8.02 0.90
CA VAL E 493 13.03 8.21 -0.53
C VAL E 493 11.80 7.84 -1.35
N GLN E 494 11.81 8.21 -2.62
CA GLN E 494 10.76 7.86 -3.58
C GLN E 494 9.41 8.44 -3.17
N ALA E 495 9.42 9.72 -2.82
CA ALA E 495 8.19 10.44 -2.55
C ALA E 495 7.88 11.38 -3.71
N SER F 1 13.15 -4.90 -21.41
CA SER F 1 12.61 -3.77 -22.15
C SER F 1 12.85 -2.45 -21.40
N VAL F 2 12.08 -1.43 -21.77
CA VAL F 2 12.21 -0.13 -21.12
C VAL F 2 11.70 -0.18 -19.69
N ALA F 3 10.68 -1.00 -19.43
CA ALA F 3 10.11 -1.08 -18.09
C ALA F 3 11.09 -1.58 -17.05
N LEU F 4 12.19 -2.21 -17.47
CA LEU F 4 13.17 -2.77 -16.54
C LEU F 4 14.21 -1.76 -16.10
N VAL F 5 14.13 -0.51 -16.56
CA VAL F 5 15.04 0.55 -16.14
C VAL F 5 14.19 1.74 -15.70
N PRO F 6 13.50 1.64 -14.55
CA PRO F 6 12.44 2.60 -14.20
C PRO F 6 12.88 3.80 -13.37
N HIS F 7 13.89 4.52 -13.83
CA HIS F 7 14.21 5.87 -13.34
C HIS F 7 14.06 5.99 -11.82
N VAL F 8 14.70 5.09 -11.09
CA VAL F 8 14.46 4.99 -9.66
C VAL F 8 15.50 5.75 -8.85
N GLY F 9 16.76 5.33 -8.95
CA GLY F 9 17.79 5.95 -8.13
C GLY F 9 18.54 7.06 -8.83
N MET F 10 17.83 7.82 -9.66
CA MET F 10 18.44 8.86 -10.47
C MET F 10 18.67 10.16 -9.71
N GLY F 11 18.37 10.19 -8.41
CA GLY F 11 18.33 11.46 -7.73
C GLY F 11 17.17 12.27 -8.30
N LEU F 12 17.30 13.58 -8.22
CA LEU F 12 16.37 14.52 -8.83
C LEU F 12 15.01 14.54 -8.16
N GLU F 13 14.81 13.75 -7.11
CA GLU F 13 13.50 13.69 -6.47
C GLU F 13 13.35 14.87 -5.51
N THR F 14 12.25 15.60 -5.65
CA THR F 14 11.92 16.75 -4.83
C THR F 14 10.80 16.37 -3.87
N ARG F 15 10.26 17.36 -3.18
CA ARG F 15 9.12 17.12 -2.29
C ARG F 15 7.80 17.22 -3.05
N THR F 16 7.72 16.49 -4.16
CA THR F 16 6.49 16.38 -4.93
C THR F 16 6.33 14.92 -5.34
N GLU F 17 5.10 14.42 -5.28
CA GLU F 17 4.85 13.02 -5.59
C GLU F 17 5.34 12.71 -7.01
N THR F 18 6.08 11.62 -7.14
CA THR F 18 6.60 11.20 -8.43
C THR F 18 5.59 10.32 -9.16
N TRP F 19 5.90 10.03 -10.42
CA TRP F 19 5.02 9.23 -11.26
C TRP F 19 4.94 7.81 -10.72
N MET F 20 3.72 7.35 -10.43
CA MET F 20 3.47 6.00 -9.94
C MET F 20 4.33 5.67 -8.72
N SER F 21 4.45 6.64 -7.80
CA SER F 21 5.28 6.44 -6.62
C SER F 21 4.68 5.39 -5.70
N SER F 22 3.37 5.48 -5.44
CA SER F 22 2.73 4.57 -4.50
C SER F 22 2.81 3.12 -4.98
N GLU F 23 2.59 2.90 -6.28
CA GLU F 23 2.64 1.54 -6.81
C GLU F 23 4.06 0.99 -6.82
N GLY F 24 4.97 1.70 -7.48
CA GLY F 24 6.36 1.27 -7.56
C GLY F 24 7.05 1.16 -6.22
N ALA F 25 6.49 1.77 -5.18
CA ALA F 25 7.10 1.64 -3.86
C ALA F 25 7.12 0.19 -3.39
N TRP F 26 6.03 -0.55 -3.60
CA TRP F 26 5.89 -1.90 -3.10
C TRP F 26 5.68 -2.95 -4.19
N LYS F 27 5.72 -2.57 -5.47
CA LYS F 27 5.50 -3.55 -6.52
C LYS F 27 6.55 -4.65 -6.48
N HIS F 28 7.81 -4.30 -6.26
CA HIS F 28 8.88 -5.29 -6.26
C HIS F 28 8.72 -6.27 -5.10
N ALA F 29 8.37 -5.76 -3.91
CA ALA F 29 8.13 -6.65 -2.78
C ALA F 29 6.96 -7.58 -3.04
N GLN F 30 5.87 -7.05 -3.62
CA GLN F 30 4.73 -7.90 -3.94
C GLN F 30 5.12 -8.97 -4.95
N ARG F 31 5.91 -8.60 -5.95
CA ARG F 31 6.34 -9.56 -6.97
C ARG F 31 7.19 -10.66 -6.35
N ILE F 32 8.12 -10.29 -5.48
CA ILE F 32 8.95 -11.30 -4.82
C ILE F 32 8.10 -12.22 -3.97
N GLU F 33 7.13 -11.67 -3.24
CA GLU F 33 6.25 -12.49 -2.41
C GLU F 33 5.46 -13.47 -3.26
N THR F 34 4.88 -13.00 -4.37
CA THR F 34 4.13 -13.89 -5.25
C THR F 34 5.03 -14.97 -5.84
N TRP F 35 6.23 -14.61 -6.26
CA TRP F 35 7.15 -15.59 -6.83
C TRP F 35 7.53 -16.65 -5.81
N VAL F 36 7.80 -16.23 -4.57
CA VAL F 36 8.15 -17.19 -3.53
C VAL F 36 6.97 -18.12 -3.25
N LEU F 37 5.75 -17.57 -3.23
CA LEU F 37 4.58 -18.42 -3.04
C LEU F 37 4.45 -19.44 -4.15
N ARG F 38 4.66 -19.01 -5.41
CA ARG F 38 4.46 -19.90 -6.54
C ARG F 38 5.62 -20.87 -6.76
N HIS F 39 6.78 -20.61 -6.19
CA HIS F 39 7.97 -21.44 -6.38
C HIS F 39 8.59 -21.75 -5.03
N PRO F 40 7.87 -22.49 -4.18
CA PRO F 40 8.45 -22.87 -2.88
C PRO F 40 9.67 -23.76 -3.00
N GLY F 41 9.78 -24.52 -4.08
CA GLY F 41 10.92 -25.42 -4.23
C GLY F 41 12.24 -24.68 -4.26
N PHE F 42 12.30 -23.57 -4.98
CA PHE F 42 13.55 -22.81 -5.04
C PHE F 42 13.88 -22.18 -3.69
N THR F 43 12.87 -21.76 -2.93
CA THR F 43 13.14 -21.11 -1.66
C THR F 43 13.83 -22.06 -0.68
N ILE F 44 13.38 -23.32 -0.64
CA ILE F 44 14.00 -24.30 0.24
C ILE F 44 15.44 -24.55 -0.18
N MET F 45 15.69 -24.69 -1.49
CA MET F 45 17.05 -24.92 -1.96
C MET F 45 17.94 -23.73 -1.66
N ALA F 46 17.41 -22.52 -1.81
CA ALA F 46 18.17 -21.32 -1.48
C ALA F 46 18.49 -21.27 0.01
N ALA F 47 17.52 -21.64 0.85
CA ALA F 47 17.78 -21.69 2.28
C ALA F 47 18.89 -22.69 2.60
N ILE F 48 18.85 -23.87 1.99
CA ILE F 48 19.88 -24.86 2.23
C ILE F 48 21.24 -24.36 1.76
N LEU F 49 21.28 -23.74 0.58
CA LEU F 49 22.55 -23.23 0.05
C LEU F 49 23.10 -22.11 0.91
N ALA F 50 22.23 -21.22 1.38
CA ALA F 50 22.68 -20.14 2.26
C ALA F 50 23.22 -20.69 3.57
N TYR F 51 22.54 -21.68 4.14
CA TYR F 51 23.04 -22.27 5.38
C TYR F 51 24.39 -22.94 5.16
N THR F 52 24.55 -23.64 4.04
CA THR F 52 25.80 -24.36 3.81
C THR F 52 26.95 -23.39 3.52
N ILE F 53 26.74 -22.41 2.65
CA ILE F 53 27.83 -21.54 2.23
C ILE F 53 28.25 -20.60 3.35
N GLY F 54 27.28 -20.00 4.04
CA GLY F 54 27.60 -19.02 5.06
C GLY F 54 27.84 -19.67 6.42
N THR F 55 28.88 -19.19 7.10
CA THR F 55 29.20 -19.71 8.42
C THR F 55 28.34 -19.04 9.50
N THR F 56 28.47 -17.73 9.64
CA THR F 56 27.69 -17.01 10.64
C THR F 56 26.24 -16.86 10.20
N TYR F 57 25.36 -16.67 11.18
CA TYR F 57 23.93 -16.57 10.87
C TYR F 57 23.61 -15.31 10.07
N PHE F 58 24.35 -14.23 10.29
CA PHE F 58 24.14 -13.02 9.50
C PHE F 58 24.47 -13.27 8.04
N GLN F 59 25.59 -13.95 7.77
CA GLN F 59 25.94 -14.29 6.40
C GLN F 59 24.90 -15.19 5.76
N ARG F 60 24.41 -16.19 6.49
CA ARG F 60 23.42 -17.11 5.94
C ARG F 60 22.13 -16.37 5.58
N VAL F 61 21.66 -15.51 6.48
CA VAL F 61 20.43 -14.77 6.23
C VAL F 61 20.63 -13.81 5.06
N LEU F 62 21.76 -13.12 5.01
CA LEU F 62 22.02 -12.20 3.90
C LEU F 62 22.04 -12.95 2.56
N ILE F 63 22.72 -14.10 2.52
CA ILE F 63 22.79 -14.87 1.29
C ILE F 63 21.41 -15.37 0.88
N PHE F 64 20.63 -15.85 1.85
CA PHE F 64 19.29 -16.33 1.52
C PHE F 64 18.42 -15.21 0.99
N ILE F 65 18.48 -14.03 1.60
CA ILE F 65 17.69 -12.90 1.13
C ILE F 65 18.11 -12.50 -0.28
N LEU F 66 19.41 -12.42 -0.52
CA LEU F 66 19.90 -12.03 -1.85
C LEU F 66 19.47 -13.05 -2.90
N LEU F 67 19.60 -14.34 -2.59
CA LEU F 67 19.20 -15.36 -3.54
C LEU F 67 17.70 -15.29 -3.84
N THR F 68 16.88 -15.14 -2.81
CA THR F 68 15.44 -15.08 -3.01
C THR F 68 15.06 -13.85 -3.83
N ALA F 69 15.71 -12.72 -3.59
CA ALA F 69 15.40 -11.50 -4.32
C ALA F 69 15.92 -11.50 -5.74
N VAL F 70 16.97 -12.27 -6.03
CA VAL F 70 17.57 -12.26 -7.36
C VAL F 70 17.00 -13.38 -8.22
N ALA F 71 16.39 -14.39 -7.59
CA ALA F 71 15.88 -15.51 -8.36
C ALA F 71 14.81 -15.10 -9.36
N PRO F 72 13.65 -14.58 -8.94
CA PRO F 72 12.68 -14.10 -9.95
C PRO F 72 13.24 -12.99 -10.79
N SER F 73 14.17 -12.21 -10.24
CA SER F 73 14.66 -11.02 -10.91
C SER F 73 15.42 -11.34 -12.19
N MET F 74 16.24 -12.39 -12.20
CA MET F 74 17.04 -12.69 -13.38
C MET F 74 16.17 -12.94 -14.59
N THR F 75 14.92 -13.38 -14.39
CA THR F 75 13.94 -13.51 -15.46
C THR F 75 14.51 -14.18 -16.70
C1 NAG G . -35.88 -7.16 -7.93
C2 NAG G . -35.72 -6.37 -9.23
C3 NAG G . -36.99 -5.60 -9.56
C4 NAG G . -38.19 -6.53 -9.56
C5 NAG G . -38.26 -7.30 -8.24
C6 NAG G . -39.37 -8.33 -8.20
C7 NAG G . -33.37 -5.77 -9.60
C8 NAG G . -32.31 -4.72 -9.42
N2 NAG G . -34.58 -5.46 -9.15
O3 NAG G . -36.86 -4.99 -10.83
O4 NAG G . -39.40 -5.79 -9.73
O5 NAG G . -37.03 -8.01 -8.03
O6 NAG G . -39.06 -9.45 -9.02
O7 NAG G . -33.12 -6.86 -10.11
C1 NAG H . -20.65 10.20 -18.84
C2 NAG H . -22.05 9.70 -18.47
C3 NAG H . -22.97 9.70 -19.69
C4 NAG H . -22.96 11.06 -20.36
C5 NAG H . -21.53 11.48 -20.68
C6 NAG H . -21.43 12.87 -21.26
C7 NAG H . -22.03 8.15 -16.56
C8 NAG H . -21.95 6.72 -16.13
N2 NAG H . -21.99 8.37 -17.87
O3 NAG H . -24.29 9.36 -19.29
O4 NAG H . -23.72 11.02 -21.57
O5 NAG H . -20.76 11.48 -19.47
O6 NAG H . -20.21 13.05 -21.97
O7 NAG H . -22.13 9.07 -15.75
C1 NAG I . 6.99 -1.30 -50.40
C2 NAG I . 7.75 -0.58 -51.54
C3 NAG I . 6.80 0.31 -52.33
C4 NAG I . 5.58 -0.46 -52.79
C5 NAG I . 4.92 -1.13 -51.60
C6 NAG I . 3.73 -2.00 -51.99
C7 NAG I . 10.11 -0.31 -50.92
C8 NAG I . 10.31 -1.70 -51.41
N2 NAG I . 8.86 0.17 -51.01
O3 NAG I . 7.50 0.85 -53.46
O4 NAG I . 4.65 0.42 -53.42
O5 NAG I . 5.86 -1.98 -50.95
O6 NAG I . 2.78 -2.07 -50.94
O7 NAG I . 11.03 0.37 -50.46
#